data_2WP6
#
_entry.id   2WP6
#
_cell.length_a   101.650
_cell.length_b   63.210
_cell.length_c   170.500
_cell.angle_alpha   90.00
_cell.angle_beta   97.82
_cell.angle_gamma   90.00
#
_symmetry.space_group_name_H-M   'P 1 21 1'
#
loop_
_entity.id
_entity.type
_entity.pdbx_description
1 polymer 'TRYPANOTHIONE REDUCTASE'
2 non-polymer 'FLAVIN-ADENINE DINUCLEOTIDE'
3 non-polymer (4S)-3-BENZYL-6-CHLORO-2-METHYL-4-PHENYL-3,4-DIHYDROQUINAZOLINE
4 non-polymer 'CHLORIDE ION'
5 water water
#
_entity_poly.entity_id   1
_entity_poly.type   'polypeptide(L)'
_entity_poly.pdbx_seq_one_letter_code
;GSHMSKAFDLVVIGAGSGGLEAGWNAATLYGKRVAVVDVQTSHGPPFYAALGGTCVNVGCVPKKLMVTGAQYMDHLRESA
GFGWEFDGSSVKANWKKLIAAKNEAVLDINKSYEGMFNDTEGLDFFLGWGSLESKNVVVVRETADPKSAVKERLQADHIL
LATGSWPQMPAIPGIEHCISSNEAFYLPEPPRRVLTVGGGFISVEFAGIFNAYKPPGGKVTLCYRNNLILRGFDETIREE
VTKQLTANGIEIMTNENPAKVSLNTDGSKHVTFESGKTLDVDVVMMAIGRIPRTNDLQLGNVGVKLTPKGGVQVDEFSRT
NVPNIYAIGDITDRLMLTPVAINEGAALVDTVFGNKPRKTDHTRVASAVFSIPPIGTCGLIEEVAAKEFEKVAVYMSSFT
PLMHNISGSKYKKFVAKIVTNHSDGTVLGVHLLGDGAPEIIQAVGVCLRLNAKISDFYNTIGVHPTSAEELCSMRTPSYY
YVKGEKMEKLPDSNL
;
_entity_poly.pdbx_strand_id   A,B,C,D
#
# COMPACT_ATOMS: atom_id res chain seq x y z
N SER A 2 -32.89 27.15 -24.60
CA SER A 2 -33.98 26.37 -23.94
C SER A 2 -33.41 25.68 -22.67
N HIS A 3 -34.32 25.50 -21.72
CA HIS A 3 -33.98 25.09 -20.37
C HIS A 3 -34.59 23.70 -20.16
N MET A 4 -34.80 23.04 -21.31
CA MET A 4 -35.37 21.70 -21.34
C MET A 4 -34.38 20.66 -21.77
N SER A 5 -34.52 19.47 -21.17
CA SER A 5 -33.80 18.29 -21.56
C SER A 5 -34.18 17.86 -22.96
N LYS A 6 -33.25 17.13 -23.58
CA LYS A 6 -33.33 16.69 -24.95
C LYS A 6 -33.42 15.16 -24.94
N ALA A 7 -34.10 14.60 -25.95
CA ALA A 7 -34.36 13.14 -26.02
C ALA A 7 -33.66 12.52 -27.21
N PHE A 8 -33.26 11.27 -27.05
CA PHE A 8 -32.49 10.60 -28.10
C PHE A 8 -32.88 9.15 -28.15
N ASP A 9 -32.67 8.50 -29.31
CA ASP A 9 -32.78 7.05 -29.35
C ASP A 9 -31.64 6.42 -28.54
N LEU A 10 -30.46 7.05 -28.63
CA LEU A 10 -29.21 6.48 -28.14
C LEU A 10 -28.33 7.54 -27.53
N VAL A 11 -27.98 7.40 -26.27
CA VAL A 11 -27.03 8.30 -25.70
C VAL A 11 -25.71 7.52 -25.51
N VAL A 12 -24.60 8.07 -26.00
CA VAL A 12 -23.28 7.37 -25.87
C VAL A 12 -22.42 8.16 -24.89
N ILE A 13 -21.90 7.54 -23.83
CA ILE A 13 -20.99 8.27 -22.89
C ILE A 13 -19.54 7.88 -23.29
N GLY A 14 -18.83 8.84 -23.85
CA GLY A 14 -17.52 8.56 -24.42
C GLY A 14 -17.47 8.67 -25.94
N ALA A 15 -16.89 9.77 -26.43
CA ALA A 15 -16.70 10.02 -27.86
C ALA A 15 -15.40 9.44 -28.40
N GLY A 16 -15.17 8.16 -28.22
CA GLY A 16 -13.92 7.61 -28.72
C GLY A 16 -14.12 6.51 -29.73
N SER A 17 -13.13 5.64 -29.84
CA SER A 17 -13.07 4.64 -30.89
C SER A 17 -14.40 3.89 -30.97
N GLY A 18 -14.84 3.28 -29.88
CA GLY A 18 -16.11 2.54 -29.91
C GLY A 18 -17.37 3.39 -30.05
N GLY A 19 -17.41 4.46 -29.25
CA GLY A 19 -18.57 5.33 -29.12
C GLY A 19 -18.93 6.07 -30.37
N LEU A 20 -17.91 6.56 -31.07
CA LEU A 20 -18.13 7.35 -32.29
C LEU A 20 -18.56 6.43 -33.42
N GLU A 21 -18.04 5.21 -33.49
CA GLU A 21 -18.46 4.29 -34.52
C GLU A 21 -19.93 3.94 -34.31
N ALA A 22 -20.32 3.64 -33.08
CA ALA A 22 -21.74 3.32 -32.77
C ALA A 22 -22.64 4.51 -33.06
N GLY A 23 -22.21 5.66 -32.53
CA GLY A 23 -22.82 6.93 -32.83
C GLY A 23 -23.08 7.24 -34.30
N TRP A 24 -22.01 7.36 -35.08
CA TRP A 24 -22.09 7.56 -36.51
C TRP A 24 -22.99 6.53 -37.25
N ASN A 25 -22.76 5.23 -37.01
CA ASN A 25 -23.58 4.21 -37.63
C ASN A 25 -25.10 4.36 -37.32
N ALA A 26 -25.44 4.60 -36.06
CA ALA A 26 -26.82 4.79 -35.65
C ALA A 26 -27.51 5.93 -36.39
N ALA A 27 -26.83 7.06 -36.51
CA ALA A 27 -27.42 8.25 -37.12
C ALA A 27 -27.47 8.14 -38.66
N THR A 28 -26.33 7.93 -39.30
CA THR A 28 -26.22 7.93 -40.77
C THR A 28 -26.74 6.66 -41.48
N LEU A 29 -26.63 5.50 -40.86
CA LEU A 29 -27.12 4.25 -41.44
C LEU A 29 -28.60 3.98 -41.15
N TYR A 30 -29.05 4.18 -39.91
CA TYR A 30 -30.40 3.75 -39.54
C TYR A 30 -31.36 4.86 -39.12
N GLY A 31 -30.90 6.11 -39.23
CA GLY A 31 -31.71 7.31 -38.95
C GLY A 31 -32.09 7.53 -37.50
N LYS A 32 -31.32 6.96 -36.56
CA LYS A 32 -31.55 7.27 -35.13
C LYS A 32 -31.06 8.63 -34.71
N ARG A 33 -31.69 9.16 -33.67
CA ARG A 33 -31.20 10.38 -33.02
C ARG A 33 -30.24 9.96 -31.91
N VAL A 34 -29.01 10.44 -32.06
CA VAL A 34 -27.87 10.08 -31.22
C VAL A 34 -27.34 11.30 -30.46
N ALA A 35 -27.04 11.11 -29.17
CA ALA A 35 -26.24 12.12 -28.41
C ALA A 35 -24.96 11.48 -27.99
N VAL A 36 -23.89 12.24 -28.08
CA VAL A 36 -22.61 11.75 -27.61
C VAL A 36 -21.96 12.72 -26.60
N VAL A 37 -21.49 12.21 -25.46
CA VAL A 37 -20.85 13.03 -24.41
C VAL A 37 -19.33 12.79 -24.28
N ASP A 38 -18.55 13.84 -24.25
CA ASP A 38 -17.14 13.73 -23.84
C ASP A 38 -16.73 15.01 -23.11
N VAL A 39 -15.60 14.93 -22.42
CA VAL A 39 -15.24 15.91 -21.41
C VAL A 39 -14.45 17.08 -21.97
N GLN A 40 -13.94 16.89 -23.18
CA GLN A 40 -13.03 17.85 -23.82
C GLN A 40 -13.21 17.81 -25.35
N THR A 41 -13.11 18.96 -26.02
CA THR A 41 -13.25 19.04 -27.49
C THR A 41 -11.90 18.78 -28.19
N SER A 42 -10.79 18.98 -27.48
CA SER A 42 -9.53 18.67 -28.08
C SER A 42 -8.49 18.12 -27.11
N HIS A 43 -7.36 17.65 -27.65
CA HIS A 43 -6.43 16.84 -26.89
C HIS A 43 -5.68 17.59 -25.78
N GLY A 44 -5.21 16.87 -24.77
CA GLY A 44 -4.26 17.43 -23.78
C GLY A 44 -4.81 17.78 -22.39
N PRO A 45 -3.93 18.30 -21.54
CA PRO A 45 -4.33 18.69 -20.17
C PRO A 45 -5.62 19.52 -20.22
N PRO A 46 -6.53 19.33 -19.25
CA PRO A 46 -6.32 18.52 -18.05
C PRO A 46 -6.68 17.08 -18.14
N PHE A 47 -7.46 16.70 -19.15
CA PHE A 47 -8.11 15.39 -19.08
C PHE A 47 -7.53 14.43 -20.10
N TYR A 48 -6.76 14.99 -21.04
CA TYR A 48 -5.96 14.23 -22.01
C TYR A 48 -6.76 13.63 -23.15
N ALA A 49 -7.51 12.54 -22.91
CA ALA A 49 -8.54 12.09 -23.85
C ALA A 49 -9.57 13.19 -24.05
N ALA A 50 -10.24 13.13 -25.19
CA ALA A 50 -11.16 14.16 -25.66
C ALA A 50 -11.94 13.59 -26.82
N LEU A 51 -12.74 14.42 -27.47
CA LEU A 51 -13.35 14.07 -28.74
C LEU A 51 -12.34 13.28 -29.56
N GLY A 52 -12.68 12.02 -29.86
CA GLY A 52 -11.79 11.16 -30.61
C GLY A 52 -11.37 9.95 -29.83
N GLY A 53 -11.24 10.15 -28.53
CA GLY A 53 -10.95 9.09 -27.60
C GLY A 53 -9.49 8.96 -27.38
N THR A 54 -9.09 7.85 -26.80
CA THR A 54 -7.76 7.74 -26.25
C THR A 54 -6.79 7.59 -27.40
N CYS A 55 -7.21 6.83 -28.42
CA CYS A 55 -6.33 6.47 -29.50
C CYS A 55 -5.91 7.74 -30.25
N VAL A 56 -6.87 8.58 -30.59
CA VAL A 56 -6.64 9.74 -31.40
C VAL A 56 -5.83 10.79 -30.63
N ASN A 57 -6.12 10.93 -29.34
CA ASN A 57 -5.57 12.03 -28.54
C ASN A 57 -4.27 11.72 -27.84
N VAL A 58 -4.24 10.60 -27.11
CA VAL A 58 -3.06 10.15 -26.36
C VAL A 58 -2.85 8.62 -26.49
N GLY A 59 -2.95 8.11 -27.73
CA GLY A 59 -2.85 6.69 -27.96
C GLY A 59 -2.16 6.35 -29.29
N CYS A 60 -2.89 5.57 -30.08
CA CYS A 60 -2.30 4.95 -31.25
C CYS A 60 -1.75 6.00 -32.19
N VAL A 61 -2.56 7.02 -32.48
CA VAL A 61 -2.19 8.00 -33.50
C VAL A 61 -0.91 8.81 -33.17
N PRO A 62 -0.90 9.56 -32.07
CA PRO A 62 0.31 10.27 -31.64
C PRO A 62 1.54 9.37 -31.39
N LYS A 63 1.36 8.21 -30.76
CA LYS A 63 2.47 7.31 -30.49
C LYS A 63 3.12 6.84 -31.77
N LYS A 64 2.31 6.45 -32.76
CA LYS A 64 2.84 6.04 -34.05
C LYS A 64 3.69 7.13 -34.68
N LEU A 65 3.23 8.38 -34.60
CA LEU A 65 4.03 9.49 -35.12
C LEU A 65 5.36 9.57 -34.38
N MET A 66 5.33 9.40 -33.06
CA MET A 66 6.54 9.52 -32.29
C MET A 66 7.48 8.33 -32.48
N VAL A 67 6.95 7.11 -32.63
CA VAL A 67 7.81 5.99 -32.95
C VAL A 67 8.46 6.18 -34.32
N THR A 68 7.68 6.69 -35.27
CA THR A 68 8.22 6.97 -36.59
C THR A 68 9.37 7.97 -36.52
N GLY A 69 9.16 9.09 -35.83
CA GLY A 69 10.24 10.03 -35.58
C GLY A 69 11.42 9.34 -34.95
N ALA A 70 11.18 8.43 -34.01
CA ALA A 70 12.30 7.77 -33.31
C ALA A 70 13.11 6.84 -34.21
N GLN A 71 12.47 6.30 -35.27
CA GLN A 71 13.14 5.40 -36.23
C GLN A 71 14.27 6.08 -37.02
N TYR A 72 14.21 7.41 -37.15
CA TYR A 72 15.22 8.17 -37.86
C TYR A 72 16.60 8.11 -37.18
N MET A 73 16.66 7.85 -35.88
CA MET A 73 17.95 7.58 -35.26
C MET A 73 18.56 6.36 -35.95
N ASP A 74 17.74 5.33 -36.10
CA ASP A 74 18.22 4.12 -36.73
C ASP A 74 18.56 4.42 -38.20
N HIS A 75 17.68 5.12 -38.90
CA HIS A 75 17.87 5.41 -40.33
C HIS A 75 19.13 6.20 -40.59
N LEU A 76 19.34 7.29 -39.86
CA LEU A 76 20.59 8.09 -40.02
C LEU A 76 21.84 7.25 -39.85
N ARG A 77 21.91 6.44 -38.82
CA ARG A 77 23.12 5.65 -38.60
C ARG A 77 23.28 4.60 -39.72
N GLU A 78 22.15 4.00 -40.12
CA GLU A 78 22.18 2.83 -41.01
C GLU A 78 22.41 3.24 -42.44
N SER A 79 22.09 4.49 -42.77
CA SER A 79 22.42 5.05 -44.09
C SER A 79 23.91 4.94 -44.52
N ALA A 80 24.82 4.87 -43.55
CA ALA A 80 26.26 4.92 -43.84
C ALA A 80 26.72 3.66 -44.52
N GLY A 81 26.13 2.52 -44.17
CA GLY A 81 26.40 1.26 -44.90
C GLY A 81 26.11 1.30 -46.41
N PHE A 82 25.23 2.20 -46.86
CA PHE A 82 24.82 2.31 -48.27
C PHE A 82 25.48 3.55 -48.92
N GLY A 83 26.49 4.09 -48.22
CA GLY A 83 27.32 5.14 -48.77
C GLY A 83 26.92 6.54 -48.40
N TRP A 84 25.97 6.69 -47.51
CA TRP A 84 25.63 8.06 -47.10
C TRP A 84 26.69 8.59 -46.14
N GLU A 85 27.18 9.77 -46.48
CA GLU A 85 28.20 10.46 -45.71
C GLU A 85 27.61 11.83 -45.39
N PHE A 86 27.72 12.23 -44.12
CA PHE A 86 27.27 13.54 -43.65
C PHE A 86 27.90 13.74 -42.27
N ASP A 87 27.82 14.97 -41.76
CA ASP A 87 28.48 15.27 -40.51
C ASP A 87 27.80 14.67 -39.26
N GLY A 88 28.31 13.51 -38.86
CA GLY A 88 27.83 12.78 -37.71
C GLY A 88 27.57 13.68 -36.52
N SER A 89 28.53 14.54 -36.16
CA SER A 89 28.45 15.23 -34.87
C SER A 89 27.47 16.41 -34.88
N SER A 90 26.99 16.79 -36.06
CA SER A 90 25.99 17.85 -36.16
C SER A 90 24.53 17.38 -35.87
N VAL A 91 24.33 16.08 -35.61
CA VAL A 91 22.98 15.53 -35.49
C VAL A 91 22.31 15.89 -34.17
N LYS A 92 21.09 16.39 -34.26
CA LYS A 92 20.35 16.75 -33.06
C LYS A 92 18.89 16.25 -33.18
N ALA A 93 18.43 15.57 -32.13
CA ALA A 93 17.02 15.18 -32.02
C ALA A 93 16.20 16.25 -31.28
N ASN A 94 15.47 17.04 -32.06
CA ASN A 94 14.68 18.13 -31.52
C ASN A 94 13.27 17.70 -31.13
N TRP A 95 13.17 17.31 -29.87
CA TRP A 95 11.91 16.86 -29.30
C TRP A 95 10.73 17.85 -29.33
N LYS A 96 10.98 19.14 -29.14
CA LYS A 96 9.89 20.14 -29.16
C LYS A 96 9.24 20.25 -30.55
N LYS A 97 10.06 20.06 -31.58
CA LYS A 97 9.53 20.01 -32.93
C LYS A 97 8.60 18.83 -33.18
N LEU A 98 9.03 17.64 -32.73
CA LEU A 98 8.24 16.44 -32.83
C LEU A 98 6.88 16.62 -32.12
N ILE A 99 6.93 17.14 -30.90
CA ILE A 99 5.76 17.37 -30.13
C ILE A 99 4.88 18.43 -30.72
N ALA A 100 5.46 19.51 -31.25
CA ALA A 100 4.55 20.53 -31.82
C ALA A 100 3.83 19.98 -33.07
N ALA A 101 4.51 19.16 -33.85
CA ALA A 101 3.96 18.54 -35.06
C ALA A 101 2.87 17.55 -34.72
N LYS A 102 3.10 16.74 -33.69
CA LYS A 102 2.14 15.77 -33.26
C LYS A 102 0.85 16.46 -32.76
N ASN A 103 1.05 17.60 -32.11
CA ASN A 103 -0.03 18.36 -31.50
C ASN A 103 -0.93 18.92 -32.58
N GLU A 104 -0.31 19.45 -33.64
CA GLU A 104 -1.11 20.01 -34.75
CA GLU A 104 -1.07 19.98 -34.79
C GLU A 104 -1.85 18.88 -35.51
N ALA A 105 -1.15 17.79 -35.83
CA ALA A 105 -1.80 16.65 -36.44
C ALA A 105 -3.02 16.22 -35.64
N VAL A 106 -2.88 16.16 -34.30
CA VAL A 106 -3.97 15.67 -33.46
C VAL A 106 -5.14 16.66 -33.41
N LEU A 107 -4.82 17.92 -33.16
CA LEU A 107 -5.78 19.00 -33.20
C LEU A 107 -6.57 19.01 -34.50
N ASP A 108 -5.94 18.73 -35.64
CA ASP A 108 -6.66 18.69 -36.91
C ASP A 108 -7.79 17.63 -36.97
N ILE A 109 -7.53 16.46 -36.36
CA ILE A 109 -8.54 15.41 -36.25
C ILE A 109 -9.65 15.88 -35.28
N ASN A 110 -9.24 16.40 -34.10
CA ASN A 110 -10.19 16.97 -33.15
C ASN A 110 -11.16 17.86 -33.94
N LYS A 111 -10.62 18.90 -34.58
CA LYS A 111 -11.43 19.86 -35.35
C LYS A 111 -12.27 19.20 -36.39
N SER A 112 -11.67 18.27 -37.11
CA SER A 112 -12.44 17.66 -38.16
C SER A 112 -13.60 16.77 -37.63
N TYR A 113 -13.44 16.15 -36.46
CA TYR A 113 -14.52 15.38 -35.88
C TYR A 113 -15.62 16.29 -35.33
N GLU A 114 -15.21 17.46 -34.82
CA GLU A 114 -16.13 18.46 -34.31
C GLU A 114 -17.06 18.83 -35.45
N GLY A 115 -16.46 19.21 -36.56
CA GLY A 115 -17.21 19.63 -37.73
C GLY A 115 -18.17 18.59 -38.24
N MET A 116 -17.81 17.34 -38.10
CA MET A 116 -18.70 16.28 -38.50
C MET A 116 -19.98 16.26 -37.64
N PHE A 117 -19.87 16.55 -36.35
CA PHE A 117 -21.05 16.60 -35.43
C PHE A 117 -21.95 17.77 -35.76
N ASN A 118 -21.37 18.98 -35.79
CA ASN A 118 -22.07 20.17 -36.21
C ASN A 118 -22.88 19.95 -37.50
N ASP A 119 -22.38 19.16 -38.46
CA ASP A 119 -23.09 19.05 -39.76
C ASP A 119 -24.03 17.90 -39.91
N THR A 120 -23.89 16.84 -39.12
CA THR A 120 -24.65 15.58 -39.37
C THR A 120 -25.98 15.59 -38.64
N GLU A 121 -27.05 15.37 -39.37
CA GLU A 121 -28.36 15.36 -38.73
C GLU A 121 -28.50 14.19 -37.76
N GLY A 122 -29.03 14.48 -36.58
CA GLY A 122 -29.31 13.47 -35.57
C GLY A 122 -28.09 12.82 -34.94
N LEU A 123 -26.97 13.54 -34.95
CA LEU A 123 -25.75 13.14 -34.26
C LEU A 123 -25.26 14.37 -33.52
N ASP A 124 -25.48 14.45 -32.20
CA ASP A 124 -25.16 15.68 -31.41
C ASP A 124 -24.04 15.47 -30.37
N PHE A 125 -23.14 16.43 -30.26
CA PHE A 125 -22.10 16.35 -29.25
C PHE A 125 -22.38 17.20 -28.02
N PHE A 126 -22.19 16.60 -26.84
CA PHE A 126 -22.35 17.36 -25.59
C PHE A 126 -21.07 17.35 -24.76
N LEU A 127 -20.62 18.53 -24.38
CA LEU A 127 -19.48 18.65 -23.54
C LEU A 127 -19.78 18.50 -22.07
N GLY A 128 -19.11 17.53 -21.45
CA GLY A 128 -19.15 17.39 -20.02
C GLY A 128 -19.00 15.94 -19.59
N TRP A 129 -19.41 15.67 -18.34
CA TRP A 129 -19.16 14.38 -17.67
C TRP A 129 -20.47 13.66 -17.52
N GLY A 130 -20.57 12.52 -18.15
CA GLY A 130 -21.85 11.83 -18.27
C GLY A 130 -21.88 10.81 -17.18
N SER A 131 -23.05 10.69 -16.55
CA SER A 131 -23.35 9.59 -15.61
C SER A 131 -24.83 9.19 -15.73
N LEU A 132 -25.17 8.04 -15.14
CA LEU A 132 -26.51 7.45 -15.19
C LEU A 132 -27.35 7.86 -14.00
N GLU A 133 -28.35 8.68 -14.25
CA GLU A 133 -29.26 9.10 -13.18
C GLU A 133 -30.35 8.07 -13.07
N SER A 134 -30.84 7.60 -14.22
CA SER A 134 -31.76 6.47 -14.28
C SER A 134 -31.63 5.71 -15.59
N LYS A 135 -32.34 4.61 -15.67
CA LYS A 135 -32.37 3.74 -16.85
C LYS A 135 -32.53 4.51 -18.18
N ASN A 136 -33.25 5.62 -18.16
CA ASN A 136 -33.52 6.40 -19.37
C ASN A 136 -33.06 7.86 -19.32
N VAL A 137 -32.14 8.17 -18.40
CA VAL A 137 -31.65 9.57 -18.27
C VAL A 137 -30.13 9.58 -18.06
N VAL A 138 -29.40 10.20 -18.99
CA VAL A 138 -28.02 10.42 -18.75
C VAL A 138 -27.87 11.86 -18.28
N VAL A 139 -27.15 12.08 -17.19
CA VAL A 139 -26.94 13.44 -16.73
C VAL A 139 -25.59 13.87 -17.16
N VAL A 140 -25.48 15.12 -17.59
CA VAL A 140 -24.19 15.68 -17.99
C VAL A 140 -23.82 16.80 -17.01
N ARG A 141 -22.74 16.63 -16.25
CA ARG A 141 -22.34 17.57 -15.21
C ARG A 141 -21.01 18.23 -15.60
N GLU A 142 -20.63 19.33 -14.90
CA GLU A 142 -19.45 20.10 -15.24
C GLU A 142 -18.12 19.37 -14.90
N THR A 143 -18.17 18.45 -13.92
CA THR A 143 -17.00 17.62 -13.56
C THR A 143 -17.41 16.23 -13.14
N ALA A 144 -16.41 15.43 -12.78
CA ALA A 144 -16.56 14.02 -12.38
C ALA A 144 -17.30 13.86 -11.07
N ASP A 145 -17.31 14.94 -10.29
CA ASP A 145 -17.96 14.93 -9.00
C ASP A 145 -19.48 14.90 -9.17
N PRO A 146 -20.17 13.90 -8.57
CA PRO A 146 -21.64 13.79 -8.76
C PRO A 146 -22.39 14.98 -8.23
N LYS A 147 -21.69 15.87 -7.53
CA LYS A 147 -22.30 17.06 -6.95
C LYS A 147 -22.10 18.34 -7.78
N SER A 148 -21.32 18.27 -8.84
CA SER A 148 -21.12 19.45 -9.69
C SER A 148 -22.41 19.79 -10.47
N ALA A 149 -22.37 20.93 -11.15
CA ALA A 149 -23.54 21.51 -11.73
C ALA A 149 -24.00 20.67 -12.92
N VAL A 150 -25.31 20.56 -13.10
CA VAL A 150 -25.88 19.82 -14.21
C VAL A 150 -25.93 20.72 -15.47
N LYS A 151 -25.29 20.29 -16.56
CA LYS A 151 -25.31 21.03 -17.83
C LYS A 151 -26.48 20.56 -18.71
N GLU A 152 -26.72 19.25 -18.76
CA GLU A 152 -27.82 18.75 -19.54
C GLU A 152 -28.36 17.49 -18.88
N ARG A 153 -29.64 17.20 -19.10
CA ARG A 153 -30.15 15.83 -18.94
C ARG A 153 -30.52 15.31 -20.31
N LEU A 154 -30.11 14.09 -20.61
CA LEU A 154 -30.30 13.51 -21.91
C LEU A 154 -31.17 12.27 -21.75
N GLN A 155 -32.38 12.29 -22.32
CA GLN A 155 -33.29 11.15 -22.22
C GLN A 155 -32.92 10.13 -23.28
N ALA A 156 -32.98 8.86 -22.94
CA ALA A 156 -32.50 7.83 -23.84
C ALA A 156 -33.27 6.52 -23.73
N ASP A 157 -33.79 6.02 -24.86
CA ASP A 157 -34.30 4.65 -24.93
C ASP A 157 -33.15 3.63 -24.67
N HIS A 158 -31.98 3.91 -25.24
CA HIS A 158 -30.78 3.04 -25.14
C HIS A 158 -29.57 3.86 -24.75
N ILE A 159 -28.73 3.28 -23.86
CA ILE A 159 -27.54 3.98 -23.35
C ILE A 159 -26.33 3.13 -23.66
N LEU A 160 -25.33 3.73 -24.29
CA LEU A 160 -24.05 3.06 -24.50
C LEU A 160 -22.90 3.61 -23.63
N LEU A 161 -22.36 2.75 -22.77
CA LEU A 161 -21.18 3.07 -21.92
C LEU A 161 -19.90 2.80 -22.74
N ALA A 162 -19.15 3.86 -23.07
CA ALA A 162 -17.94 3.71 -23.87
C ALA A 162 -16.83 4.67 -23.37
N THR A 163 -16.60 4.66 -22.07
CA THR A 163 -15.71 5.64 -21.44
C THR A 163 -14.24 5.15 -21.39
N GLY A 164 -13.99 3.96 -21.95
CA GLY A 164 -12.63 3.47 -22.12
C GLY A 164 -11.90 3.17 -20.82
N SER A 165 -10.61 3.45 -20.79
CA SER A 165 -9.81 3.10 -19.64
C SER A 165 -8.86 4.21 -19.13
N TRP A 166 -8.00 3.86 -18.19
CA TRP A 166 -7.19 4.84 -17.50
C TRP A 166 -5.92 4.19 -16.91
N PRO A 167 -4.81 4.95 -16.83
CA PRO A 167 -3.55 4.36 -16.30
C PRO A 167 -3.68 3.95 -14.84
N GLN A 168 -3.18 2.77 -14.51
CA GLN A 168 -3.13 2.25 -13.15
C GLN A 168 -1.88 2.85 -12.50
N MET A 169 -2.04 3.49 -11.34
CA MET A 169 -0.89 4.02 -10.58
C MET A 169 -0.71 3.16 -9.35
N PRO A 170 0.46 2.55 -9.17
CA PRO A 170 0.55 1.71 -7.95
C PRO A 170 0.58 2.53 -6.66
N ALA A 171 0.11 1.94 -5.58
CA ALA A 171 0.03 2.65 -4.31
C ALA A 171 1.36 2.53 -3.57
N ILE A 172 2.39 3.22 -4.06
CA ILE A 172 3.71 3.26 -3.41
C ILE A 172 4.04 4.65 -2.91
N PRO A 173 4.85 4.78 -1.86
CA PRO A 173 5.26 6.13 -1.43
C PRO A 173 6.01 6.92 -2.53
N GLY A 174 5.66 8.18 -2.71
CA GLY A 174 6.25 9.02 -3.75
C GLY A 174 5.60 8.83 -5.12
N ILE A 175 4.47 8.12 -5.15
CA ILE A 175 3.79 7.90 -6.41
C ILE A 175 3.43 9.21 -7.10
N GLU A 176 3.44 10.32 -6.37
CA GLU A 176 3.08 11.63 -6.93
C GLU A 176 4.26 12.24 -7.69
N HIS A 177 5.42 11.62 -7.64
CA HIS A 177 6.52 12.13 -8.46
C HIS A 177 6.57 11.39 -9.83
N CYS A 178 5.60 10.50 -10.05
CA CYS A 178 5.58 9.70 -11.26
C CYS A 178 4.52 10.21 -12.20
N ILE A 179 4.62 9.79 -13.45
CA ILE A 179 3.69 10.18 -14.49
C ILE A 179 3.25 8.92 -15.20
N SER A 180 2.39 9.07 -16.20
CA SER A 180 1.82 7.95 -16.97
C SER A 180 2.04 8.27 -18.43
N SER A 181 1.54 7.44 -19.34
CA SER A 181 1.65 7.79 -20.77
C SER A 181 1.01 9.17 -21.11
N ASN A 182 -0.11 9.54 -20.47
CA ASN A 182 -0.77 10.79 -20.77
C ASN A 182 0.20 11.96 -20.66
N GLU A 183 1.00 11.99 -19.59
CA GLU A 183 1.86 13.16 -19.32
C GLU A 183 3.04 13.11 -20.24
N ALA A 184 3.43 11.87 -20.56
CA ALA A 184 4.55 11.64 -21.51
C ALA A 184 4.37 12.38 -22.86
N PHE A 185 3.15 12.36 -23.38
CA PHE A 185 2.87 13.06 -24.63
C PHE A 185 3.13 14.58 -24.60
N TYR A 186 3.40 15.12 -23.42
CA TYR A 186 3.42 16.60 -23.24
C TYR A 186 4.70 17.08 -22.51
N LEU A 187 5.64 16.19 -22.26
CA LEU A 187 6.90 16.62 -21.69
C LEU A 187 7.45 17.83 -22.48
N PRO A 188 7.76 18.92 -21.78
CA PRO A 188 8.23 20.09 -22.51
C PRO A 188 9.66 19.84 -23.03
N GLU A 189 10.34 18.85 -22.49
CA GLU A 189 11.66 18.54 -22.96
C GLU A 189 11.94 17.05 -22.87
N PRO A 190 12.76 16.53 -23.78
CA PRO A 190 13.03 15.10 -23.66
C PRO A 190 13.87 14.78 -22.41
N PRO A 191 13.48 13.74 -21.64
CA PRO A 191 14.23 13.43 -20.41
C PRO A 191 15.60 12.85 -20.67
N ARG A 192 16.57 13.34 -19.91
CA ARG A 192 17.91 12.81 -20.00
C ARG A 192 17.98 11.36 -19.51
N ARG A 193 17.37 11.10 -18.35
CA ARG A 193 17.27 9.78 -17.80
C ARG A 193 15.80 9.49 -17.51
N VAL A 194 15.30 8.33 -17.89
CA VAL A 194 13.92 8.03 -17.65
C VAL A 194 13.80 6.57 -17.34
N LEU A 195 12.93 6.23 -16.39
CA LEU A 195 12.53 4.85 -16.11
C LEU A 195 11.12 4.67 -16.62
N THR A 196 10.90 3.66 -17.50
CA THR A 196 9.54 3.21 -17.80
C THR A 196 9.31 1.88 -17.11
N VAL A 197 8.19 1.80 -16.39
CA VAL A 197 7.84 0.76 -15.44
C VAL A 197 6.66 -0.03 -16.04
N GLY A 198 6.94 -1.28 -16.37
CA GLY A 198 5.94 -2.17 -16.87
C GLY A 198 6.61 -2.91 -18.01
N GLY A 199 6.12 -4.13 -18.23
CA GLY A 199 6.58 -4.95 -19.34
C GLY A 199 5.73 -5.01 -20.61
N GLY A 200 4.67 -4.21 -20.68
CA GLY A 200 3.68 -4.33 -21.76
C GLY A 200 3.97 -3.37 -22.92
N PHE A 201 3.11 -3.33 -23.94
CA PHE A 201 3.47 -2.57 -25.15
C PHE A 201 3.72 -1.08 -24.99
N ILE A 202 3.02 -0.47 -24.07
CA ILE A 202 3.19 0.99 -23.81
C ILE A 202 4.53 1.40 -23.19
N SER A 203 5.04 0.62 -22.25
CA SER A 203 6.34 0.86 -21.67
C SER A 203 7.44 0.68 -22.74
N VAL A 204 7.34 -0.46 -23.44
CA VAL A 204 8.27 -0.81 -24.51
C VAL A 204 8.25 0.23 -25.61
N GLU A 205 7.06 0.66 -26.03
CA GLU A 205 7.05 1.65 -27.11
C GLU A 205 7.67 2.96 -26.66
N PHE A 206 7.34 3.43 -25.47
CA PHE A 206 7.91 4.74 -25.01
C PHE A 206 9.39 4.69 -24.75
N ALA A 207 9.87 3.54 -24.30
CA ALA A 207 11.28 3.32 -24.12
C ALA A 207 12.00 3.60 -25.44
N GLY A 208 11.45 3.11 -26.54
CA GLY A 208 12.02 3.36 -27.85
C GLY A 208 11.97 4.82 -28.23
N ILE A 209 10.85 5.48 -27.94
CA ILE A 209 10.68 6.87 -28.28
C ILE A 209 11.73 7.74 -27.51
N PHE A 210 11.78 7.59 -26.18
CA PHE A 210 12.75 8.26 -25.32
C PHE A 210 14.20 7.94 -25.68
N ASN A 211 14.48 6.70 -26.03
CA ASN A 211 15.82 6.31 -26.44
C ASN A 211 16.36 7.12 -27.62
N ALA A 212 15.52 7.49 -28.59
CA ALA A 212 16.00 8.21 -29.76
C ALA A 212 16.06 9.75 -29.61
N TYR A 213 15.25 10.28 -28.71
CA TYR A 213 15.21 11.73 -28.53
C TYR A 213 15.98 12.17 -27.28
N LYS A 214 16.57 11.22 -26.56
CA LYS A 214 17.33 11.59 -25.36
C LYS A 214 18.49 12.56 -25.70
N PRO A 215 18.73 13.54 -24.83
CA PRO A 215 19.86 14.45 -25.01
C PRO A 215 21.19 13.70 -24.88
N PRO A 216 22.32 14.37 -25.19
CA PRO A 216 23.57 13.59 -25.24
C PRO A 216 23.95 12.83 -23.94
N GLY A 217 23.55 13.33 -22.79
CA GLY A 217 23.87 12.55 -21.59
C GLY A 217 23.15 11.20 -21.43
N GLY A 218 22.15 10.94 -22.26
CA GLY A 218 20.99 10.15 -21.84
C GLY A 218 21.07 8.67 -21.65
N LYS A 219 20.12 8.13 -20.87
CA LYS A 219 19.93 6.70 -20.68
C LYS A 219 18.44 6.36 -20.44
N VAL A 220 17.93 5.33 -21.12
CA VAL A 220 16.55 4.87 -20.90
C VAL A 220 16.60 3.55 -20.17
N THR A 221 15.81 3.40 -19.11
CA THR A 221 15.74 2.13 -18.40
C THR A 221 14.29 1.68 -18.35
N LEU A 222 14.08 0.39 -18.63
CA LEU A 222 12.74 -0.15 -18.54
C LEU A 222 12.79 -1.21 -17.47
N CYS A 223 11.84 -1.19 -16.53
CA CYS A 223 11.84 -2.25 -15.49
C CYS A 223 10.57 -3.06 -15.60
N TYR A 224 10.64 -4.32 -15.25
CA TYR A 224 9.49 -5.18 -15.24
C TYR A 224 9.59 -6.15 -14.07
N ARG A 225 8.48 -6.33 -13.35
CA ARG A 225 8.45 -7.10 -12.12
C ARG A 225 8.75 -8.59 -12.33
N ASN A 226 8.48 -9.12 -13.52
CA ASN A 226 8.67 -10.55 -13.79
C ASN A 226 9.88 -10.82 -14.66
N ASN A 227 10.07 -12.10 -15.04
CA ASN A 227 11.36 -12.53 -15.64
C ASN A 227 11.57 -12.01 -17.05
N LEU A 228 10.48 -11.81 -17.78
CA LEU A 228 10.57 -11.52 -19.20
C LEU A 228 9.43 -10.61 -19.67
N ILE A 229 9.81 -9.56 -20.40
CA ILE A 229 8.84 -8.62 -20.88
C ILE A 229 7.77 -9.16 -21.89
N LEU A 230 6.70 -8.39 -22.09
CA LEU A 230 5.66 -8.68 -23.11
C LEU A 230 4.96 -10.03 -22.94
N ARG A 231 4.69 -10.34 -21.69
CA ARG A 231 3.70 -11.36 -21.31
C ARG A 231 2.59 -11.37 -22.37
N GLY A 232 2.30 -12.56 -22.90
CA GLY A 232 1.20 -12.75 -23.83
C GLY A 232 1.61 -12.78 -25.30
N PHE A 233 2.86 -12.37 -25.60
CA PHE A 233 3.35 -12.47 -26.95
C PHE A 233 4.17 -13.72 -27.08
N ASP A 234 4.55 -14.02 -28.33
CA ASP A 234 5.42 -15.13 -28.63
C ASP A 234 6.68 -15.09 -27.80
N GLU A 235 7.01 -16.23 -27.18
CA GLU A 235 8.17 -16.26 -26.31
C GLU A 235 9.50 -16.02 -27.06
N THR A 236 9.64 -16.50 -28.28
CA THR A 236 10.86 -16.27 -29.01
C THR A 236 10.98 -14.76 -29.24
N ILE A 237 9.82 -14.13 -29.49
CA ILE A 237 9.80 -12.73 -29.85
C ILE A 237 10.09 -11.91 -28.60
N ARG A 238 9.47 -12.32 -27.50
CA ARG A 238 9.69 -11.66 -26.20
C ARG A 238 11.17 -11.57 -25.92
N GLU A 239 11.85 -12.70 -26.08
CA GLU A 239 13.30 -12.79 -25.93
C GLU A 239 14.05 -11.92 -26.95
N GLU A 240 13.68 -12.00 -28.23
CA GLU A 240 14.43 -11.28 -29.25
C GLU A 240 14.26 -9.78 -29.09
N VAL A 241 13.06 -9.34 -28.72
CA VAL A 241 12.87 -7.91 -28.57
C VAL A 241 13.72 -7.37 -27.41
N THR A 242 13.77 -8.13 -26.32
CA THR A 242 14.68 -7.88 -25.23
C THR A 242 16.10 -7.66 -25.76
N LYS A 243 16.71 -8.63 -26.47
CA LYS A 243 18.06 -8.38 -27.02
C LYS A 243 18.13 -7.15 -27.87
N GLN A 244 17.15 -6.93 -28.74
CA GLN A 244 17.30 -5.83 -29.73
C GLN A 244 17.13 -4.44 -29.15
N LEU A 245 16.32 -4.33 -28.10
CA LEU A 245 16.22 -3.09 -27.38
C LEU A 245 17.52 -2.86 -26.64
N THR A 246 18.01 -3.91 -25.97
CA THR A 246 19.32 -3.84 -25.31
C THR A 246 20.41 -3.40 -26.29
N ALA A 247 20.41 -3.97 -27.49
CA ALA A 247 21.46 -3.66 -28.45
C ALA A 247 21.44 -2.21 -28.85
N ASN A 248 20.31 -1.54 -28.65
CA ASN A 248 20.18 -0.14 -29.10
C ASN A 248 20.33 0.82 -27.92
N GLY A 249 20.85 0.28 -26.80
CA GLY A 249 21.21 1.05 -25.60
C GLY A 249 20.14 1.23 -24.50
N ILE A 250 19.04 0.46 -24.55
CA ILE A 250 18.04 0.53 -23.48
C ILE A 250 18.43 -0.47 -22.40
N GLU A 251 18.39 -0.09 -21.12
CA GLU A 251 18.64 -1.10 -20.08
C GLU A 251 17.28 -1.72 -19.64
N ILE A 252 17.13 -3.03 -19.83
CA ILE A 252 15.96 -3.81 -19.39
C ILE A 252 16.27 -4.44 -18.03
N MET A 253 15.57 -3.98 -17.00
CA MET A 253 15.69 -4.46 -15.64
C MET A 253 14.51 -5.39 -15.36
N THR A 254 14.73 -6.71 -15.40
CA THR A 254 13.69 -7.72 -15.12
C THR A 254 13.76 -8.19 -13.68
N ASN A 255 12.65 -8.68 -13.16
CA ASN A 255 12.50 -9.04 -11.75
C ASN A 255 12.74 -7.89 -10.79
N GLU A 256 12.43 -6.67 -11.22
CA GLU A 256 12.60 -5.48 -10.41
C GLU A 256 11.28 -4.66 -10.39
N ASN A 257 11.03 -4.02 -9.25
CA ASN A 257 9.80 -3.26 -9.01
C ASN A 257 9.99 -2.05 -8.07
N PRO A 258 9.54 -0.86 -8.51
CA PRO A 258 9.77 0.27 -7.60
C PRO A 258 9.05 0.11 -6.26
N ALA A 259 9.73 0.39 -5.15
CA ALA A 259 9.13 0.29 -3.83
C ALA A 259 8.72 1.66 -3.36
N LYS A 260 9.53 2.65 -3.71
CA LYS A 260 9.21 4.01 -3.35
C LYS A 260 9.95 4.92 -4.30
N VAL A 261 9.55 6.19 -4.30
CA VAL A 261 10.29 7.23 -5.06
C VAL A 261 10.39 8.45 -4.18
N SER A 262 11.54 9.09 -4.15
CA SER A 262 11.60 10.43 -3.54
C SER A 262 12.38 11.37 -4.43
N LEU A 263 12.49 12.61 -3.99
CA LEU A 263 13.21 13.62 -4.75
C LEU A 263 14.56 13.80 -4.13
N ASN A 264 15.59 13.76 -4.96
CA ASN A 264 16.90 14.24 -4.57
C ASN A 264 16.87 15.77 -4.36
N THR A 265 17.94 16.30 -3.75
CA THR A 265 17.98 17.72 -3.46
C THR A 265 18.03 18.50 -4.77
N ASP A 266 18.52 17.90 -5.84
CA ASP A 266 18.51 18.63 -7.09
C ASP A 266 17.19 18.45 -7.82
N GLY A 267 16.19 17.81 -7.21
CA GLY A 267 14.88 17.67 -7.87
C GLY A 267 14.74 16.47 -8.78
N SER A 268 15.83 15.73 -9.03
CA SER A 268 15.71 14.47 -9.80
C SER A 268 15.01 13.39 -8.93
N LYS A 269 14.50 12.32 -9.55
CA LYS A 269 13.85 11.22 -8.81
C LYS A 269 14.79 10.11 -8.41
N HIS A 270 14.76 9.82 -7.12
CA HIS A 270 15.46 8.67 -6.60
C HIS A 270 14.53 7.48 -6.41
N VAL A 271 14.72 6.40 -7.16
CA VAL A 271 13.86 5.24 -7.12
C VAL A 271 14.57 4.15 -6.33
N THR A 272 13.81 3.53 -5.46
CA THR A 272 14.25 2.38 -4.72
C THR A 272 13.40 1.20 -5.05
N PHE A 273 14.04 0.13 -5.45
CA PHE A 273 13.35 -1.04 -5.84
C PHE A 273 13.15 -1.91 -4.64
N GLU A 274 12.13 -2.77 -4.69
CA GLU A 274 11.89 -3.74 -3.67
C GLU A 274 13.19 -4.47 -3.32
N SER A 275 14.08 -4.66 -4.28
CA SER A 275 15.33 -5.40 -4.04
C SER A 275 16.42 -4.61 -3.25
N GLY A 276 16.26 -3.30 -3.10
CA GLY A 276 17.26 -2.46 -2.42
C GLY A 276 18.12 -1.71 -3.42
N LYS A 277 18.04 -2.13 -4.66
CA LYS A 277 18.73 -1.51 -5.75
C LYS A 277 18.07 -0.09 -5.98
N THR A 278 18.88 0.89 -6.40
CA THR A 278 18.37 2.24 -6.61
C THR A 278 18.73 2.78 -7.97
N LEU A 279 18.03 3.82 -8.42
CA LEU A 279 18.29 4.41 -9.71
C LEU A 279 17.87 5.86 -9.70
N ASP A 280 18.71 6.73 -10.24
CA ASP A 280 18.34 8.10 -10.38
C ASP A 280 17.93 8.43 -11.80
N VAL A 281 16.74 9.03 -11.92
CA VAL A 281 16.20 9.47 -13.19
C VAL A 281 15.53 10.86 -13.15
N ASP A 282 15.39 11.48 -14.32
CA ASP A 282 14.62 12.71 -14.50
C ASP A 282 13.08 12.54 -14.58
N VAL A 283 12.60 11.35 -14.97
CA VAL A 283 11.19 11.03 -15.15
C VAL A 283 10.91 9.54 -14.91
N VAL A 284 9.81 9.26 -14.22
CA VAL A 284 9.41 7.88 -13.97
C VAL A 284 8.03 7.74 -14.57
N MET A 285 7.93 7.02 -15.67
CA MET A 285 6.67 6.79 -16.34
C MET A 285 6.13 5.45 -15.93
N MET A 286 5.03 5.46 -15.20
CA MET A 286 4.27 4.25 -14.83
C MET A 286 3.42 3.74 -15.99
N ALA A 287 3.59 2.49 -16.36
CA ALA A 287 2.95 1.94 -17.54
C ALA A 287 2.70 0.48 -17.20
N ILE A 288 2.13 0.28 -16.01
CA ILE A 288 1.95 -1.09 -15.49
C ILE A 288 0.58 -1.70 -15.79
N GLY A 289 -0.32 -0.93 -16.40
CA GLY A 289 -1.60 -1.46 -16.82
C GLY A 289 -2.65 -0.38 -16.97
N ARG A 290 -3.82 -0.76 -17.46
CA ARG A 290 -4.87 0.18 -17.66
C ARG A 290 -6.16 -0.41 -17.08
N ILE A 291 -6.94 0.43 -16.40
CA ILE A 291 -8.14 -0.02 -15.70
C ILE A 291 -9.37 0.62 -16.33
N PRO A 292 -10.44 -0.15 -16.47
CA PRO A 292 -11.68 0.34 -17.06
C PRO A 292 -12.22 1.53 -16.26
N ARG A 293 -12.68 2.53 -17.00
CA ARG A 293 -13.11 3.78 -16.41
C ARG A 293 -14.62 3.78 -16.06
N THR A 294 -14.96 3.08 -14.97
CA THR A 294 -16.33 2.95 -14.47
C THR A 294 -16.68 3.86 -13.28
N ASN A 295 -15.68 4.42 -12.59
CA ASN A 295 -15.88 5.16 -11.33
C ASN A 295 -16.80 6.38 -11.39
N ASP A 296 -16.84 7.08 -12.51
CA ASP A 296 -17.60 8.33 -12.53
C ASP A 296 -18.99 8.15 -13.12
N LEU A 297 -19.29 6.92 -13.51
CA LEU A 297 -20.54 6.66 -14.18
C LEU A 297 -21.77 6.55 -13.28
N GLN A 298 -21.54 6.39 -11.97
CA GLN A 298 -22.61 6.23 -10.95
C GLN A 298 -23.47 5.05 -11.28
N LEU A 299 -22.82 3.94 -11.61
CA LEU A 299 -23.56 2.76 -12.05
C LEU A 299 -24.52 2.21 -11.02
N GLY A 300 -24.28 2.54 -9.75
CA GLY A 300 -25.13 2.08 -8.64
C GLY A 300 -26.54 2.64 -8.81
N ASN A 301 -26.68 3.81 -9.41
CA ASN A 301 -28.00 4.33 -9.57
C ASN A 301 -28.94 3.43 -10.33
N VAL A 302 -28.42 2.57 -11.20
CA VAL A 302 -29.27 1.73 -12.03
C VAL A 302 -28.92 0.26 -11.86
N GLY A 303 -27.78 -0.04 -11.25
CA GLY A 303 -27.47 -1.41 -10.83
C GLY A 303 -26.74 -2.28 -11.83
N VAL A 304 -26.03 -1.66 -12.78
CA VAL A 304 -25.13 -2.36 -13.75
C VAL A 304 -24.06 -3.11 -12.99
N LYS A 305 -23.91 -4.38 -13.33
CA LYS A 305 -22.95 -5.28 -12.68
C LYS A 305 -21.55 -5.13 -13.24
N LEU A 306 -20.58 -5.08 -12.34
CA LEU A 306 -19.15 -5.04 -12.68
C LEU A 306 -18.59 -6.42 -12.50
N THR A 307 -17.53 -6.74 -13.26
CA THR A 307 -16.90 -8.03 -13.10
C THR A 307 -16.10 -7.96 -11.84
N PRO A 308 -15.78 -9.16 -11.30
CA PRO A 308 -14.91 -9.25 -10.14
C PRO A 308 -13.68 -8.42 -10.42
N LYS A 309 -13.24 -8.40 -11.68
CA LYS A 309 -12.00 -7.68 -12.02
C LYS A 309 -12.10 -6.13 -12.17
N GLY A 310 -13.32 -5.59 -12.28
CA GLY A 310 -13.55 -4.11 -12.41
C GLY A 310 -14.24 -3.58 -13.69
N GLY A 311 -14.25 -4.38 -14.74
CA GLY A 311 -14.87 -4.00 -16.00
C GLY A 311 -16.37 -4.14 -15.93
N VAL A 312 -17.08 -3.47 -16.85
CA VAL A 312 -18.53 -3.73 -17.06
C VAL A 312 -18.80 -5.08 -17.66
N GLN A 313 -19.56 -5.90 -16.95
CA GLN A 313 -19.90 -7.21 -17.49
C GLN A 313 -20.87 -7.08 -18.67
N VAL A 314 -20.71 -7.93 -19.67
CA VAL A 314 -21.49 -7.91 -20.87
C VAL A 314 -21.58 -9.32 -21.43
N ASP A 315 -22.63 -9.56 -22.20
CA ASP A 315 -22.76 -10.84 -22.87
C ASP A 315 -22.04 -10.70 -24.23
N GLU A 316 -22.13 -11.70 -25.09
CA GLU A 316 -21.51 -11.63 -26.40
C GLU A 316 -22.02 -10.44 -27.19
N PHE A 317 -23.28 -10.03 -26.95
CA PHE A 317 -23.90 -8.88 -27.68
C PHE A 317 -23.70 -7.48 -27.07
N SER A 318 -22.76 -7.39 -26.12
CA SER A 318 -22.40 -6.15 -25.46
C SER A 318 -23.49 -5.64 -24.52
N ARG A 319 -24.36 -6.53 -24.04
CA ARG A 319 -25.46 -6.12 -23.15
C ARG A 319 -25.10 -6.32 -21.70
N THR A 320 -25.30 -5.29 -20.88
CA THR A 320 -25.20 -5.41 -19.41
C THR A 320 -26.44 -6.17 -18.85
N ASN A 321 -26.54 -6.25 -17.54
CA ASN A 321 -27.67 -6.95 -16.90
C ASN A 321 -28.93 -6.05 -16.91
N VAL A 322 -28.75 -4.79 -17.35
CA VAL A 322 -29.84 -3.84 -17.49
C VAL A 322 -30.22 -3.80 -18.99
N PRO A 323 -31.43 -4.30 -19.33
CA PRO A 323 -31.82 -4.64 -20.71
C PRO A 323 -31.37 -3.65 -21.80
N ASN A 324 -31.53 -2.35 -21.51
CA ASN A 324 -31.27 -1.31 -22.53
C ASN A 324 -29.97 -0.53 -22.38
N ILE A 325 -29.06 -1.03 -21.53
CA ILE A 325 -27.77 -0.37 -21.28
C ILE A 325 -26.68 -1.26 -21.82
N TYR A 326 -25.78 -0.68 -22.61
CA TYR A 326 -24.73 -1.50 -23.26
C TYR A 326 -23.33 -1.00 -22.91
N ALA A 327 -22.32 -1.81 -23.17
CA ALA A 327 -20.92 -1.40 -22.99
C ALA A 327 -19.97 -2.08 -24.00
N ILE A 328 -19.00 -1.32 -24.50
CA ILE A 328 -18.03 -1.81 -25.48
C ILE A 328 -16.72 -1.16 -25.20
N GLY A 329 -15.66 -1.68 -25.83
CA GLY A 329 -14.35 -1.10 -25.71
C GLY A 329 -13.69 -1.42 -24.39
N ASP A 330 -12.70 -0.59 -24.03
CA ASP A 330 -11.83 -0.86 -22.89
C ASP A 330 -12.60 -0.99 -21.60
N ILE A 331 -13.73 -0.29 -21.47
CA ILE A 331 -14.59 -0.43 -20.28
C ILE A 331 -15.00 -1.87 -19.96
N THR A 332 -14.99 -2.74 -20.95
CA THR A 332 -15.36 -4.14 -20.68
C THR A 332 -14.14 -4.93 -20.25
N ASP A 333 -12.99 -4.26 -20.15
CA ASP A 333 -11.77 -4.88 -19.64
C ASP A 333 -11.45 -6.23 -20.24
N ARG A 334 -11.41 -6.29 -21.58
CA ARG A 334 -11.14 -7.51 -22.33
CA ARG A 334 -11.14 -7.52 -22.32
C ARG A 334 -9.92 -7.26 -23.23
N LEU A 335 -10.11 -7.18 -24.57
CA LEU A 335 -9.02 -6.77 -25.48
C LEU A 335 -9.06 -5.27 -25.61
N MET A 336 -7.94 -4.63 -25.33
CA MET A 336 -7.92 -3.18 -25.30
C MET A 336 -7.28 -2.58 -26.55
N LEU A 337 -8.09 -2.54 -27.60
CA LEU A 337 -7.67 -2.15 -28.95
C LEU A 337 -8.75 -1.36 -29.69
N THR A 338 -8.32 -0.35 -30.42
CA THR A 338 -9.23 0.52 -31.10
C THR A 338 -10.06 -0.27 -32.14
N PRO A 339 -9.41 -1.02 -33.05
CA PRO A 339 -10.31 -1.62 -34.05
C PRO A 339 -11.27 -2.69 -33.49
N VAL A 340 -10.98 -3.21 -32.30
CA VAL A 340 -11.92 -4.09 -31.65
C VAL A 340 -13.10 -3.25 -31.10
N ALA A 341 -12.81 -2.14 -30.42
CA ALA A 341 -13.84 -1.20 -29.93
C ALA A 341 -14.75 -0.72 -31.09
N ILE A 342 -14.14 -0.37 -32.23
CA ILE A 342 -14.88 0.05 -33.42
C ILE A 342 -15.79 -1.06 -33.98
N ASN A 343 -15.24 -2.28 -34.10
CA ASN A 343 -16.02 -3.49 -34.41
C ASN A 343 -17.18 -3.77 -33.44
N GLU A 344 -16.92 -3.70 -32.14
CA GLU A 344 -18.01 -3.86 -31.16
C GLU A 344 -19.13 -2.82 -31.38
N GLY A 345 -18.75 -1.56 -31.60
CA GLY A 345 -19.70 -0.50 -31.83
C GLY A 345 -20.56 -0.78 -33.07
N ALA A 346 -19.92 -1.21 -34.14
CA ALA A 346 -20.63 -1.50 -35.35
C ALA A 346 -21.61 -2.64 -35.14
N ALA A 347 -21.13 -3.72 -34.54
CA ALA A 347 -21.96 -4.88 -34.26
C ALA A 347 -23.20 -4.52 -33.40
N LEU A 348 -22.99 -3.79 -32.31
CA LEU A 348 -24.05 -3.44 -31.40
C LEU A 348 -25.20 -2.73 -32.13
N VAL A 349 -24.85 -1.74 -32.91
CA VAL A 349 -25.84 -0.94 -33.57
C VAL A 349 -26.55 -1.68 -34.70
N ASP A 350 -25.85 -2.58 -35.38
CA ASP A 350 -26.50 -3.36 -36.43
C ASP A 350 -27.59 -4.24 -35.76
N THR A 351 -27.27 -4.70 -34.55
CA THR A 351 -28.11 -5.66 -33.83
C THR A 351 -29.36 -5.00 -33.26
N VAL A 352 -29.16 -3.82 -32.67
CA VAL A 352 -30.17 -3.09 -31.92
C VAL A 352 -31.06 -2.32 -32.88
N PHE A 353 -30.44 -1.61 -33.82
CA PHE A 353 -31.17 -0.71 -34.68
C PHE A 353 -31.25 -1.15 -36.13
N GLY A 354 -30.58 -2.23 -36.50
CA GLY A 354 -30.45 -2.56 -37.92
C GLY A 354 -31.17 -3.84 -38.31
N ASN A 355 -31.82 -4.46 -37.31
CA ASN A 355 -32.25 -5.86 -37.35
C ASN A 355 -31.40 -6.73 -38.29
N LYS A 356 -30.12 -6.83 -37.90
CA LYS A 356 -29.13 -7.76 -38.43
C LYS A 356 -28.12 -8.10 -37.32
N PRO A 357 -28.54 -8.95 -36.38
CA PRO A 357 -27.75 -9.33 -35.23
C PRO A 357 -26.30 -9.73 -35.56
N ARG A 358 -25.36 -9.29 -34.74
CA ARG A 358 -23.98 -9.62 -34.95
C ARG A 358 -23.16 -9.42 -33.66
N LYS A 359 -22.33 -10.42 -33.39
CA LYS A 359 -21.39 -10.36 -32.29
C LYS A 359 -19.95 -10.33 -32.82
N THR A 360 -19.13 -9.49 -32.20
CA THR A 360 -17.74 -9.38 -32.49
C THR A 360 -17.05 -10.72 -32.26
N ASP A 361 -16.20 -11.11 -33.20
CA ASP A 361 -15.30 -12.23 -32.97
C ASP A 361 -14.04 -11.73 -32.32
N HIS A 362 -13.79 -12.15 -31.10
CA HIS A 362 -12.59 -11.72 -30.36
C HIS A 362 -11.39 -12.63 -30.56
N THR A 363 -11.51 -13.64 -31.41
CA THR A 363 -10.42 -14.62 -31.65
C THR A 363 -9.65 -14.15 -32.88
N ARG A 364 -8.41 -14.59 -33.03
CA ARG A 364 -7.65 -14.29 -34.24
C ARG A 364 -7.71 -12.78 -34.59
N VAL A 365 -7.53 -11.93 -33.59
CA VAL A 365 -7.44 -10.50 -33.84
C VAL A 365 -5.99 -10.13 -34.08
N ALA A 366 -5.71 -9.52 -35.23
CA ALA A 366 -4.33 -9.11 -35.49
C ALA A 366 -3.99 -7.85 -34.71
N SER A 367 -2.74 -7.72 -34.26
CA SER A 367 -2.29 -6.51 -33.60
C SER A 367 -0.80 -6.31 -33.71
N ALA A 368 -0.28 -5.19 -33.20
CA ALA A 368 1.11 -4.83 -33.40
C ALA A 368 1.71 -4.25 -32.12
N VAL A 369 3.03 -4.32 -32.00
CA VAL A 369 3.74 -3.50 -31.05
C VAL A 369 4.71 -2.66 -31.84
N PHE A 370 4.63 -1.34 -31.71
CA PHE A 370 5.57 -0.48 -32.39
C PHE A 370 6.83 -0.24 -31.62
N SER A 371 7.41 -1.34 -31.20
CA SER A 371 8.76 -1.37 -30.70
C SER A 371 9.71 -1.15 -31.88
N ILE A 372 10.97 -0.88 -31.58
CA ILE A 372 11.92 -0.69 -32.63
C ILE A 372 12.88 -1.84 -32.44
N PRO A 373 12.77 -2.86 -33.30
CA PRO A 373 11.83 -3.02 -34.46
C PRO A 373 10.48 -3.67 -34.02
N PRO A 374 9.44 -3.64 -34.90
CA PRO A 374 8.07 -3.86 -34.37
C PRO A 374 7.62 -5.30 -34.41
N ILE A 375 6.52 -5.59 -33.73
CA ILE A 375 5.95 -6.91 -33.69
C ILE A 375 4.63 -6.88 -34.43
N GLY A 376 4.31 -7.93 -35.16
CA GLY A 376 2.96 -8.09 -35.69
C GLY A 376 2.51 -9.48 -35.39
N THR A 377 1.25 -9.66 -35.00
CA THR A 377 0.79 -10.96 -34.54
C THR A 377 -0.71 -11.19 -34.74
N CYS A 378 -1.07 -12.45 -34.88
CA CYS A 378 -2.44 -12.82 -35.01
C CYS A 378 -2.61 -14.26 -34.58
N GLY A 379 -3.45 -14.47 -33.58
CA GLY A 379 -3.77 -15.82 -33.12
C GLY A 379 -3.04 -16.26 -31.87
N LEU A 380 -3.03 -17.58 -31.68
CA LEU A 380 -2.58 -18.15 -30.43
C LEU A 380 -1.07 -18.24 -30.36
N ILE A 381 -0.51 -17.98 -29.18
CA ILE A 381 0.87 -18.33 -28.96
C ILE A 381 0.90 -19.83 -28.76
N GLU A 382 2.07 -20.44 -28.93
CA GLU A 382 2.17 -21.89 -28.97
C GLU A 382 1.82 -22.64 -27.64
N GLU A 383 2.32 -22.16 -26.51
CA GLU A 383 1.98 -22.79 -25.22
C GLU A 383 0.45 -22.80 -24.91
N VAL A 384 -0.28 -21.79 -25.38
CA VAL A 384 -1.73 -21.73 -25.25
C VAL A 384 -2.35 -22.78 -26.20
N ALA A 385 -1.91 -22.77 -27.45
CA ALA A 385 -2.32 -23.78 -28.43
C ALA A 385 -2.11 -25.19 -27.92
N ALA A 386 -0.96 -25.41 -27.27
CA ALA A 386 -0.57 -26.72 -26.80
C ALA A 386 -1.51 -27.21 -25.70
N LYS A 387 -2.13 -26.31 -24.95
CA LYS A 387 -3.07 -26.74 -23.89
C LYS A 387 -4.41 -27.10 -24.46
N GLU A 388 -4.73 -26.64 -25.68
CA GLU A 388 -6.01 -26.92 -26.33
C GLU A 388 -5.96 -27.97 -27.48
N PHE A 389 -4.79 -28.40 -27.93
CA PHE A 389 -4.74 -29.31 -29.09
C PHE A 389 -3.79 -30.43 -28.85
N GLU A 390 -4.26 -31.65 -29.09
CA GLU A 390 -3.45 -32.83 -28.86
C GLU A 390 -2.04 -32.71 -29.52
N LYS A 391 -2.01 -32.36 -30.82
CA LYS A 391 -0.76 -32.18 -31.62
C LYS A 391 -0.63 -30.78 -32.27
N VAL A 392 0.39 -30.02 -31.85
CA VAL A 392 0.64 -28.66 -32.38
C VAL A 392 1.97 -28.64 -33.13
N ALA A 393 2.02 -28.04 -34.32
CA ALA A 393 3.32 -27.83 -35.00
C ALA A 393 3.72 -26.33 -35.06
N VAL A 394 5.03 -26.08 -35.04
CA VAL A 394 5.58 -24.71 -35.06
C VAL A 394 6.59 -24.58 -36.20
N TYR A 395 6.32 -23.67 -37.09
CA TYR A 395 7.21 -23.37 -38.18
C TYR A 395 7.94 -22.06 -37.84
N MET A 396 9.26 -22.10 -37.86
CA MET A 396 10.07 -20.96 -37.43
C MET A 396 11.25 -20.61 -38.33
N SER A 397 11.40 -19.32 -38.58
CA SER A 397 12.50 -18.79 -39.36
C SER A 397 12.94 -17.52 -38.68
N SER A 398 14.23 -17.46 -38.40
CA SER A 398 14.84 -16.29 -37.78
C SER A 398 16.19 -16.10 -38.43
N PHE A 399 16.36 -14.98 -39.12
CA PHE A 399 17.57 -14.67 -39.92
C PHE A 399 17.74 -13.16 -39.76
N THR A 400 18.97 -12.68 -39.63
CA THR A 400 19.26 -11.26 -39.91
C THR A 400 19.11 -11.06 -41.43
N PRO A 401 18.11 -10.25 -41.92
CA PRO A 401 18.04 -9.98 -43.34
C PRO A 401 19.31 -9.32 -43.88
N LEU A 402 19.55 -9.48 -45.16
CA LEU A 402 20.81 -9.08 -45.79
C LEU A 402 21.03 -7.57 -45.79
N MET A 403 19.95 -6.78 -45.95
CA MET A 403 20.02 -5.31 -45.80
C MET A 403 20.64 -4.91 -44.48
N HIS A 404 20.41 -5.68 -43.41
CA HIS A 404 20.92 -5.29 -42.10
C HIS A 404 22.35 -5.84 -41.88
N ASN A 405 22.87 -6.63 -42.83
CA ASN A 405 24.30 -7.00 -42.86
C ASN A 405 25.12 -5.95 -43.69
N ILE A 406 24.46 -4.92 -44.24
CA ILE A 406 25.16 -3.78 -44.82
C ILE A 406 24.89 -2.58 -43.95
N SER A 407 23.76 -2.60 -43.23
CA SER A 407 23.35 -1.46 -42.43
C SER A 407 24.23 -1.37 -41.22
N GLY A 408 24.73 -2.49 -40.75
CA GLY A 408 25.46 -2.51 -39.49
C GLY A 408 24.64 -3.11 -38.35
N SER A 409 23.32 -2.90 -38.39
CA SER A 409 22.37 -3.42 -37.36
C SER A 409 22.14 -4.93 -37.44
N LYS A 410 23.23 -5.69 -37.32
CA LYS A 410 23.21 -7.14 -37.42
C LYS A 410 22.33 -7.78 -36.36
N TYR A 411 22.20 -7.09 -35.22
CA TYR A 411 21.33 -7.56 -34.16
C TYR A 411 19.83 -7.68 -34.61
N LYS A 412 19.50 -7.10 -35.75
CA LYS A 412 18.11 -7.06 -36.17
C LYS A 412 17.63 -8.35 -36.88
N LYS A 413 17.55 -9.42 -36.13
CA LYS A 413 16.99 -10.66 -36.60
C LYS A 413 15.49 -10.56 -36.81
N PHE A 414 15.06 -10.82 -38.05
CA PHE A 414 13.65 -11.00 -38.38
C PHE A 414 13.15 -12.34 -37.87
N VAL A 415 12.02 -12.33 -37.15
CA VAL A 415 11.41 -13.59 -36.74
C VAL A 415 10.02 -13.77 -37.31
N ALA A 416 9.84 -14.89 -38.01
CA ALA A 416 8.51 -15.39 -38.45
C ALA A 416 8.18 -16.79 -37.86
N LYS A 417 7.09 -16.88 -37.13
CA LYS A 417 6.57 -18.15 -36.63
C LYS A 417 5.10 -18.37 -37.02
N ILE A 418 4.81 -19.58 -37.49
CA ILE A 418 3.46 -20.02 -37.79
C ILE A 418 3.16 -21.21 -36.89
N VAL A 419 2.06 -21.16 -36.16
CA VAL A 419 1.65 -22.24 -35.25
C VAL A 419 0.39 -22.90 -35.81
N THR A 420 0.39 -24.24 -35.88
CA THR A 420 -0.71 -24.99 -36.48
C THR A 420 -1.27 -26.07 -35.57
N ASN A 421 -2.55 -26.40 -35.79
CA ASN A 421 -3.06 -27.70 -35.35
C ASN A 421 -2.50 -28.73 -36.33
N HIS A 422 -1.61 -29.58 -35.86
CA HIS A 422 -0.91 -30.49 -36.78
C HIS A 422 -1.81 -31.60 -37.31
N SER A 423 -2.91 -31.83 -36.61
CA SER A 423 -3.86 -32.84 -37.01
C SER A 423 -4.45 -32.57 -38.38
N ASP A 424 -4.59 -31.29 -38.75
CA ASP A 424 -5.26 -30.89 -40.01
C ASP A 424 -4.55 -29.68 -40.71
N GLY A 425 -3.46 -29.19 -40.11
CA GLY A 425 -2.71 -28.08 -40.64
C GLY A 425 -3.27 -26.67 -40.47
N THR A 426 -4.46 -26.52 -39.88
CA THR A 426 -5.06 -25.21 -39.61
C THR A 426 -4.12 -24.24 -38.88
N VAL A 427 -3.89 -23.04 -39.47
CA VAL A 427 -3.04 -22.02 -38.79
C VAL A 427 -3.73 -21.45 -37.58
N LEU A 428 -3.13 -21.67 -36.41
CA LEU A 428 -3.65 -21.17 -35.13
C LEU A 428 -3.11 -19.80 -34.77
N GLY A 429 -1.93 -19.47 -35.28
CA GLY A 429 -1.36 -18.16 -35.01
C GLY A 429 -0.12 -17.92 -35.85
N VAL A 430 0.18 -16.64 -36.12
CA VAL A 430 1.35 -16.20 -36.85
C VAL A 430 1.97 -15.06 -36.01
N HIS A 431 3.30 -15.08 -35.87
CA HIS A 431 4.00 -14.16 -34.98
C HIS A 431 5.26 -13.63 -35.68
N LEU A 432 5.36 -12.31 -35.82
CA LEU A 432 6.44 -11.67 -36.60
C LEU A 432 7.11 -10.60 -35.80
N LEU A 433 8.44 -10.52 -35.95
CA LEU A 433 9.24 -9.43 -35.44
C LEU A 433 10.23 -8.97 -36.53
N GLY A 434 10.27 -7.66 -36.78
CA GLY A 434 11.16 -7.07 -37.77
C GLY A 434 10.44 -5.94 -38.48
N ASP A 435 11.20 -5.13 -39.21
CA ASP A 435 10.58 -4.08 -40.02
C ASP A 435 9.41 -4.56 -40.91
N GLY A 436 8.30 -3.83 -40.86
CA GLY A 436 7.16 -4.09 -41.70
C GLY A 436 6.24 -5.13 -41.12
N ALA A 437 6.58 -5.67 -39.94
CA ALA A 437 5.77 -6.77 -39.36
C ALA A 437 4.30 -6.35 -39.15
N PRO A 438 4.05 -5.11 -38.66
CA PRO A 438 2.63 -4.68 -38.49
C PRO A 438 1.86 -4.67 -39.81
N GLU A 439 2.53 -4.35 -40.90
CA GLU A 439 1.90 -4.28 -42.23
C GLU A 439 1.73 -5.68 -42.80
N ILE A 440 2.73 -6.53 -42.61
CA ILE A 440 2.62 -7.88 -43.08
C ILE A 440 1.43 -8.57 -42.45
N ILE A 441 1.22 -8.37 -41.15
CA ILE A 441 0.27 -9.20 -40.43
C ILE A 441 -1.19 -8.94 -40.78
N GLN A 442 -1.52 -7.78 -41.37
CA GLN A 442 -2.95 -7.44 -41.60
C GLN A 442 -3.69 -8.47 -42.46
N ALA A 443 -3.11 -8.83 -43.59
CA ALA A 443 -3.82 -9.75 -44.47
C ALA A 443 -3.69 -11.21 -43.93
N VAL A 444 -2.75 -11.43 -43.02
CA VAL A 444 -2.69 -12.71 -42.30
C VAL A 444 -3.99 -12.88 -41.48
N GLY A 445 -4.57 -11.78 -41.00
CA GLY A 445 -5.82 -11.81 -40.28
C GLY A 445 -6.98 -12.28 -41.13
N VAL A 446 -7.03 -11.83 -42.38
CA VAL A 446 -8.05 -12.33 -43.28
C VAL A 446 -7.87 -13.83 -43.50
N CYS A 447 -6.64 -14.26 -43.76
CA CYS A 447 -6.32 -15.68 -43.85
C CYS A 447 -6.92 -16.48 -42.71
N LEU A 448 -6.52 -16.18 -41.48
CA LEU A 448 -7.01 -16.95 -40.33
C LEU A 448 -8.56 -16.94 -40.20
N ARG A 449 -9.19 -15.84 -40.58
CA ARG A 449 -10.67 -15.77 -40.63
C ARG A 449 -11.19 -16.72 -41.73
N LEU A 450 -10.32 -17.10 -42.66
CA LEU A 450 -10.75 -17.99 -43.72
C LEU A 450 -10.26 -19.40 -43.41
N ASN A 451 -9.86 -19.64 -42.17
CA ASN A 451 -9.36 -21.00 -41.82
C ASN A 451 -8.13 -21.50 -42.64
N ALA A 452 -7.23 -20.59 -43.03
CA ALA A 452 -6.02 -20.97 -43.74
C ALA A 452 -5.35 -22.16 -43.07
N LYS A 453 -4.80 -23.04 -43.90
CA LYS A 453 -3.90 -24.09 -43.45
C LYS A 453 -2.45 -23.72 -43.81
N ILE A 454 -1.50 -24.44 -43.26
CA ILE A 454 -0.10 -24.15 -43.59
C ILE A 454 0.12 -24.36 -45.08
N SER A 455 -0.42 -25.44 -45.63
CA SER A 455 -0.45 -25.66 -47.11
C SER A 455 -0.92 -24.48 -48.00
N ASP A 456 -1.96 -23.76 -47.59
CA ASP A 456 -2.37 -22.56 -48.30
C ASP A 456 -1.26 -21.49 -48.34
N PHE A 457 -0.56 -21.37 -47.21
CA PHE A 457 0.56 -20.48 -47.10
C PHE A 457 1.69 -20.93 -47.99
N TYR A 458 2.07 -22.21 -47.90
CA TYR A 458 3.23 -22.72 -48.64
CA TYR A 458 3.23 -22.65 -48.64
C TYR A 458 3.04 -22.72 -50.15
N ASN A 459 1.79 -22.99 -50.58
CA ASN A 459 1.48 -23.03 -52.02
C ASN A 459 1.49 -21.67 -52.64
N THR A 460 1.37 -20.62 -51.82
CA THR A 460 1.41 -19.27 -52.35
C THR A 460 2.81 -18.93 -52.82
N ILE A 461 2.88 -18.37 -54.02
CA ILE A 461 4.16 -17.95 -54.54
C ILE A 461 4.61 -16.64 -53.84
N GLY A 462 5.85 -16.67 -53.34
CA GLY A 462 6.46 -15.51 -52.71
C GLY A 462 6.71 -14.27 -53.58
N VAL A 463 6.59 -13.10 -52.96
CA VAL A 463 7.05 -11.84 -53.52
C VAL A 463 8.48 -11.70 -53.04
N HIS A 464 9.41 -11.60 -53.97
CA HIS A 464 10.83 -11.65 -53.66
C HIS A 464 11.52 -10.41 -54.19
N PRO A 465 12.41 -9.78 -53.41
CA PRO A 465 12.84 -10.05 -52.04
C PRO A 465 12.02 -9.27 -51.03
N THR A 466 11.35 -9.98 -50.13
CA THR A 466 10.69 -9.37 -48.98
C THR A 466 10.94 -10.17 -47.70
N SER A 467 10.55 -9.60 -46.55
CA SER A 467 10.55 -10.41 -45.33
C SER A 467 9.31 -11.32 -45.30
N ALA A 468 8.20 -10.80 -45.79
CA ALA A 468 6.92 -11.50 -45.78
C ALA A 468 6.96 -12.85 -46.46
N GLU A 469 7.79 -12.96 -47.50
CA GLU A 469 7.84 -14.18 -48.31
C GLU A 469 8.30 -15.39 -47.48
N GLU A 470 8.93 -15.11 -46.35
CA GLU A 470 9.33 -16.19 -45.44
C GLU A 470 8.09 -17.02 -44.95
N LEU A 471 6.89 -16.41 -44.94
CA LEU A 471 5.69 -17.06 -44.48
C LEU A 471 5.17 -18.06 -45.50
N CYS A 472 5.67 -17.97 -46.73
CA CYS A 472 5.18 -18.81 -47.85
C CYS A 472 6.27 -19.80 -48.30
N SER A 473 7.32 -19.93 -47.48
CA SER A 473 8.49 -20.80 -47.76
C SER A 473 8.69 -21.94 -46.74
N MET A 474 7.72 -22.17 -45.85
CA MET A 474 7.94 -23.10 -44.74
C MET A 474 7.01 -24.27 -44.90
N ARG A 475 7.58 -25.47 -45.00
CA ARG A 475 6.78 -26.69 -45.12
C ARG A 475 7.07 -27.77 -44.06
N THR A 476 8.18 -27.64 -43.34
CA THR A 476 8.56 -28.64 -42.34
C THR A 476 8.59 -27.99 -40.97
N PRO A 477 7.89 -28.60 -39.99
CA PRO A 477 7.92 -28.00 -38.66
C PRO A 477 9.33 -27.91 -38.10
N SER A 478 9.63 -26.83 -37.41
CA SER A 478 10.84 -26.81 -36.62
C SER A 478 10.73 -27.77 -35.44
N TYR A 479 9.55 -27.86 -34.80
CA TYR A 479 9.32 -28.69 -33.63
C TYR A 479 7.80 -28.85 -33.30
N TYR A 480 7.48 -29.63 -32.26
CA TYR A 480 6.09 -29.90 -31.93
C TYR A 480 5.79 -29.87 -30.43
N TYR A 481 4.50 -29.96 -30.15
CA TYR A 481 3.96 -30.22 -28.83
C TYR A 481 2.97 -31.39 -29.03
N VAL A 482 3.23 -32.45 -28.27
CA VAL A 482 2.37 -33.63 -28.26
C VAL A 482 1.88 -33.79 -26.85
N LYS A 483 0.56 -33.70 -26.70
CA LYS A 483 -0.06 -33.62 -25.36
C LYS A 483 0.74 -32.65 -24.47
N GLY A 484 0.98 -31.45 -24.96
CA GLY A 484 1.60 -30.39 -24.18
C GLY A 484 3.10 -30.51 -24.02
N GLU A 485 3.72 -31.50 -24.65
CA GLU A 485 5.15 -31.72 -24.46
C GLU A 485 5.99 -31.27 -25.68
N LYS A 486 7.01 -30.46 -25.42
CA LYS A 486 7.85 -29.89 -26.50
C LYS A 486 8.86 -30.94 -26.98
N MET A 487 8.94 -31.14 -28.29
CA MET A 487 9.84 -32.12 -28.90
C MET A 487 10.17 -31.79 -30.36
N GLU A 488 11.42 -31.99 -30.74
CA GLU A 488 11.83 -31.70 -32.10
C GLU A 488 11.15 -32.58 -33.15
N LYS A 489 10.79 -33.82 -32.79
CA LYS A 489 10.18 -34.79 -33.73
C LYS A 489 8.95 -35.50 -33.18
N LEU A 490 8.03 -35.88 -34.07
CA LEU A 490 6.89 -36.72 -33.70
C LEU A 490 7.37 -38.15 -33.39
N PRO A 491 7.01 -38.70 -32.21
CA PRO A 491 7.66 -39.91 -31.56
C PRO A 491 7.70 -41.26 -32.32
N SER B 5 34.07 -38.59 -70.25
CA SER B 5 32.57 -38.71 -70.20
C SER B 5 32.02 -39.15 -68.81
N LYS B 6 30.74 -38.84 -68.57
CA LYS B 6 30.04 -38.99 -67.26
C LYS B 6 28.49 -39.19 -67.41
N ALA B 7 27.89 -40.02 -66.56
CA ALA B 7 26.43 -40.32 -66.66
C ALA B 7 25.58 -39.55 -65.59
N PHE B 8 24.30 -39.23 -65.88
CA PHE B 8 23.39 -38.47 -64.97
C PHE B 8 21.88 -38.73 -65.17
N ASP B 9 21.07 -38.51 -64.13
CA ASP B 9 19.60 -38.56 -64.30
C ASP B 9 19.03 -37.29 -64.89
N LEU B 10 19.62 -36.18 -64.43
CA LEU B 10 19.18 -34.88 -64.85
C LEU B 10 20.37 -34.02 -65.08
N VAL B 11 20.37 -33.37 -66.24
CA VAL B 11 21.37 -32.34 -66.49
C VAL B 11 20.67 -30.99 -66.65
N VAL B 12 21.15 -30.01 -65.89
CA VAL B 12 20.49 -28.72 -65.82
C VAL B 12 21.38 -27.70 -66.46
N ILE B 13 20.88 -27.09 -67.53
CA ILE B 13 21.60 -25.98 -68.14
C ILE B 13 21.11 -24.64 -67.59
N GLY B 14 21.95 -24.04 -66.77
CA GLY B 14 21.64 -22.79 -66.10
C GLY B 14 21.53 -22.88 -64.58
N ALA B 15 22.61 -22.48 -63.88
CA ALA B 15 22.61 -22.52 -62.42
C ALA B 15 21.84 -21.36 -61.72
N GLY B 16 20.56 -21.19 -62.01
CA GLY B 16 19.82 -20.02 -61.53
C GLY B 16 18.59 -20.38 -60.77
N SER B 17 17.70 -19.42 -60.61
CA SER B 17 16.51 -19.61 -59.77
C SER B 17 15.81 -20.94 -59.98
N GLY B 18 15.44 -21.23 -61.23
CA GLY B 18 14.63 -22.38 -61.56
C GLY B 18 15.53 -23.60 -61.60
N GLY B 19 16.74 -23.39 -62.13
CA GLY B 19 17.73 -24.43 -62.32
C GLY B 19 18.16 -25.06 -61.02
N LEU B 20 18.61 -24.22 -60.08
CA LEU B 20 19.05 -24.66 -58.76
C LEU B 20 17.96 -25.28 -57.87
N GLU B 21 16.72 -24.76 -57.90
CA GLU B 21 15.65 -25.44 -57.21
C GLU B 21 15.43 -26.87 -57.73
N ALA B 22 15.38 -27.04 -59.04
CA ALA B 22 15.06 -28.33 -59.61
C ALA B 22 16.21 -29.32 -59.37
N GLY B 23 17.43 -28.83 -59.48
CA GLY B 23 18.61 -29.64 -59.20
C GLY B 23 18.61 -30.15 -57.77
N TRP B 24 18.64 -29.21 -56.81
CA TRP B 24 18.47 -29.49 -55.38
C TRP B 24 17.39 -30.51 -55.05
N ASN B 25 16.13 -30.18 -55.35
CA ASN B 25 15.03 -31.09 -55.05
C ASN B 25 15.17 -32.47 -55.70
N ALA B 26 15.79 -32.52 -56.87
CA ALA B 26 15.92 -33.81 -57.54
C ALA B 26 16.95 -34.68 -56.79
N ALA B 27 18.09 -34.08 -56.40
CA ALA B 27 19.10 -34.77 -55.61
C ALA B 27 18.68 -35.11 -54.17
N THR B 28 18.46 -34.09 -53.34
CA THR B 28 18.13 -34.27 -51.94
C THR B 28 16.75 -34.86 -51.64
N LEU B 29 15.80 -34.84 -52.55
CA LEU B 29 14.50 -35.37 -52.19
C LEU B 29 14.18 -36.71 -52.85
N TYR B 30 14.74 -36.93 -54.03
CA TYR B 30 14.49 -38.14 -54.81
C TYR B 30 15.77 -39.01 -54.99
N GLY B 31 16.91 -38.52 -54.52
CA GLY B 31 18.15 -39.26 -54.63
C GLY B 31 18.49 -39.59 -56.08
N LYS B 32 18.34 -38.60 -56.95
CA LYS B 32 18.75 -38.69 -58.35
C LYS B 32 20.15 -38.10 -58.54
N ARG B 33 20.82 -38.48 -59.63
CA ARG B 33 22.15 -37.91 -59.96
C ARG B 33 21.94 -36.74 -60.92
N VAL B 34 22.50 -35.61 -60.56
CA VAL B 34 22.18 -34.33 -61.18
C VAL B 34 23.49 -33.62 -61.50
N ALA B 35 23.60 -33.09 -62.73
CA ALA B 35 24.65 -32.10 -63.08
C ALA B 35 24.02 -30.78 -63.49
N VAL B 36 24.67 -29.69 -63.10
CA VAL B 36 24.18 -28.32 -63.34
C VAL B 36 25.32 -27.54 -63.99
N VAL B 37 25.02 -26.85 -65.08
CA VAL B 37 26.01 -26.11 -65.85
C VAL B 37 25.75 -24.61 -65.83
N ASP B 38 26.78 -23.85 -65.50
CA ASP B 38 26.78 -22.42 -65.72
C ASP B 38 28.12 -21.89 -66.26
N VAL B 39 28.09 -20.72 -66.86
CA VAL B 39 29.26 -20.07 -67.47
C VAL B 39 30.26 -19.34 -66.57
N GLN B 40 29.93 -19.14 -65.28
CA GLN B 40 30.79 -18.33 -64.39
C GLN B 40 30.40 -18.69 -62.97
N THR B 41 31.34 -18.62 -62.02
CA THR B 41 31.07 -19.09 -60.62
C THR B 41 30.73 -17.95 -59.69
N SER B 42 31.10 -16.73 -60.10
CA SER B 42 30.73 -15.52 -59.36
C SER B 42 30.29 -14.35 -60.30
N HIS B 43 29.66 -13.35 -59.72
CA HIS B 43 29.00 -12.28 -60.44
C HIS B 43 29.99 -11.39 -61.19
N GLY B 44 29.51 -10.67 -62.20
CA GLY B 44 30.27 -9.56 -62.81
C GLY B 44 30.57 -9.75 -64.28
N PRO B 45 31.12 -8.70 -64.90
CA PRO B 45 31.77 -8.88 -66.19
C PRO B 45 32.76 -10.05 -66.11
N PRO B 46 32.92 -10.81 -67.19
CA PRO B 46 32.31 -10.50 -68.50
C PRO B 46 30.90 -11.01 -68.77
N PHE B 47 30.45 -12.06 -68.08
CA PHE B 47 29.13 -12.67 -68.38
C PHE B 47 27.94 -12.27 -67.50
N TYR B 48 28.22 -11.48 -66.49
CA TYR B 48 27.21 -10.93 -65.57
C TYR B 48 26.44 -11.96 -64.75
N ALA B 49 25.47 -12.66 -65.36
CA ALA B 49 24.82 -13.78 -64.66
C ALA B 49 25.86 -14.90 -64.39
N ALA B 50 25.55 -15.81 -63.49
CA ALA B 50 26.54 -16.74 -63.00
C ALA B 50 25.81 -17.68 -62.06
N LEU B 51 26.55 -18.51 -61.34
CA LEU B 51 26.03 -19.40 -60.29
C LEU B 51 25.11 -18.60 -59.36
N GLY B 52 23.86 -19.04 -59.25
CA GLY B 52 22.82 -18.24 -58.57
C GLY B 52 21.76 -17.67 -59.52
N GLY B 53 22.16 -17.48 -60.78
CA GLY B 53 21.27 -16.91 -61.81
C GLY B 53 21.26 -15.39 -61.84
N THR B 54 20.35 -14.85 -62.64
CA THR B 54 20.17 -13.38 -62.78
C THR B 54 19.73 -12.66 -61.47
N CYS B 55 18.76 -13.23 -60.76
CA CYS B 55 18.28 -12.63 -59.52
C CYS B 55 19.42 -12.40 -58.52
N VAL B 56 20.21 -13.44 -58.26
CA VAL B 56 21.28 -13.39 -57.30
C VAL B 56 22.36 -12.41 -57.73
N ASN B 57 22.73 -12.46 -59.02
CA ASN B 57 23.93 -11.78 -59.48
C ASN B 57 23.74 -10.34 -60.01
N VAL B 58 22.70 -10.17 -60.86
CA VAL B 58 22.42 -8.90 -61.53
C VAL B 58 20.89 -8.70 -61.62
N GLY B 59 20.19 -9.00 -60.53
CA GLY B 59 18.73 -8.87 -60.51
C GLY B 59 18.18 -8.52 -59.14
N CYS B 60 17.17 -9.28 -58.72
CA CYS B 60 16.38 -8.96 -57.52
C CYS B 60 17.26 -8.55 -56.37
N VAL B 61 18.22 -9.40 -56.06
CA VAL B 61 19.02 -9.23 -54.85
C VAL B 61 19.80 -7.90 -54.84
N PRO B 62 20.79 -7.73 -55.74
CA PRO B 62 21.51 -6.45 -55.58
C PRO B 62 20.63 -5.20 -55.88
N LYS B 63 19.58 -5.34 -56.67
CA LYS B 63 18.78 -4.14 -56.95
C LYS B 63 17.99 -3.71 -55.71
N LYS B 64 17.52 -4.69 -54.95
CA LYS B 64 16.84 -4.40 -53.71
C LYS B 64 17.79 -3.72 -52.76
N LEU B 65 19.05 -4.17 -52.70
CA LEU B 65 20.01 -3.47 -51.87
C LEU B 65 20.21 -2.04 -52.32
N MET B 66 20.25 -1.86 -53.62
CA MET B 66 20.56 -0.55 -54.16
C MET B 66 19.38 0.38 -53.99
N VAL B 67 18.15 -0.16 -54.12
CA VAL B 67 16.94 0.65 -53.92
C VAL B 67 16.87 1.09 -52.47
N THR B 68 17.11 0.14 -51.57
CA THR B 68 17.21 0.44 -50.17
C THR B 68 18.18 1.61 -49.95
N GLY B 69 19.34 1.60 -50.64
CA GLY B 69 20.29 2.70 -50.50
C GLY B 69 19.69 4.01 -50.94
N ALA B 70 19.01 3.96 -52.07
CA ALA B 70 18.41 5.14 -52.66
C ALA B 70 17.33 5.77 -51.79
N GLN B 71 16.60 4.95 -51.02
CA GLN B 71 15.56 5.46 -50.09
C GLN B 71 16.09 6.42 -49.02
N TYR B 72 17.34 6.28 -48.62
CA TYR B 72 17.88 7.18 -47.61
C TYR B 72 17.91 8.61 -48.06
N MET B 73 17.90 8.83 -49.36
CA MET B 73 17.79 10.22 -49.82
C MET B 73 16.50 10.80 -49.26
N ASP B 74 15.42 10.03 -49.34
CA ASP B 74 14.13 10.48 -48.81
C ASP B 74 14.14 10.57 -47.27
N HIS B 75 14.60 9.51 -46.61
CA HIS B 75 14.64 9.50 -45.15
C HIS B 75 15.42 10.68 -44.59
N LEU B 76 16.56 11.05 -45.21
CA LEU B 76 17.38 12.13 -44.63
C LEU B 76 16.61 13.44 -44.70
N ARG B 77 15.93 13.70 -45.81
CA ARG B 77 15.14 14.92 -45.96
C ARG B 77 13.90 14.85 -45.08
N GLU B 78 13.22 13.72 -45.08
CA GLU B 78 11.95 13.54 -44.38
C GLU B 78 12.05 13.57 -42.84
N SER B 79 13.21 13.20 -42.27
CA SER B 79 13.47 13.22 -40.82
C SER B 79 13.31 14.62 -40.20
N ALA B 80 13.56 15.66 -40.98
CA ALA B 80 13.48 17.02 -40.46
C ALA B 80 12.11 17.33 -39.89
N GLY B 81 11.06 16.94 -40.63
CA GLY B 81 9.69 17.16 -40.14
C GLY B 81 9.44 16.54 -38.76
N PHE B 82 10.12 15.45 -38.43
CA PHE B 82 10.04 14.85 -37.09
C PHE B 82 11.07 15.44 -36.12
N GLY B 83 11.65 16.59 -36.48
CA GLY B 83 12.53 17.29 -35.58
C GLY B 83 13.99 16.95 -35.66
N TRP B 84 14.37 16.08 -36.59
CA TRP B 84 15.79 15.77 -36.77
C TRP B 84 16.51 16.92 -37.46
N GLU B 85 17.65 17.29 -36.88
CA GLU B 85 18.43 18.45 -37.32
C GLU B 85 19.86 18.03 -37.57
N PHE B 86 20.37 18.32 -38.77
CA PHE B 86 21.78 18.05 -39.09
C PHE B 86 22.15 18.90 -40.30
N ASP B 87 23.44 18.91 -40.67
CA ASP B 87 23.95 19.83 -41.70
C ASP B 87 23.73 19.27 -43.12
N GLY B 88 22.64 19.71 -43.75
CA GLY B 88 22.20 19.20 -45.05
C GLY B 88 23.35 19.21 -46.05
N SER B 89 24.00 20.37 -46.15
CA SER B 89 25.14 20.64 -47.03
C SER B 89 26.32 19.68 -46.93
N SER B 90 26.49 18.98 -45.82
CA SER B 90 27.57 17.96 -45.73
C SER B 90 27.15 16.63 -46.34
N VAL B 91 25.94 16.52 -46.84
CA VAL B 91 25.49 15.21 -47.34
C VAL B 91 25.99 14.90 -48.76
N LYS B 92 26.66 13.75 -48.88
CA LYS B 92 27.02 13.19 -50.16
C LYS B 92 26.66 11.70 -50.20
N ALA B 93 26.30 11.20 -51.39
CA ALA B 93 26.06 9.78 -51.66
C ALA B 93 27.26 9.06 -52.31
N ASN B 94 27.87 8.17 -51.55
CA ASN B 94 29.01 7.38 -52.05
C ASN B 94 28.58 6.12 -52.82
N TRP B 95 28.41 6.28 -54.14
CA TRP B 95 28.11 5.16 -55.06
C TRP B 95 29.18 4.07 -54.98
N LYS B 96 30.45 4.46 -54.97
CA LYS B 96 31.53 3.47 -54.89
C LYS B 96 31.33 2.59 -53.66
N LYS B 97 31.08 3.21 -52.51
CA LYS B 97 30.76 2.47 -51.27
C LYS B 97 29.56 1.50 -51.41
N LEU B 98 28.48 1.99 -52.04
CA LEU B 98 27.28 1.17 -52.24
C LEU B 98 27.60 -0.05 -53.10
N ILE B 99 28.35 0.18 -54.19
CA ILE B 99 28.66 -0.90 -55.11
C ILE B 99 29.58 -1.92 -54.45
N ALA B 100 30.63 -1.45 -53.77
CA ALA B 100 31.51 -2.37 -53.03
C ALA B 100 30.69 -3.22 -52.05
N ALA B 101 29.84 -2.55 -51.27
CA ALA B 101 28.96 -3.28 -50.36
C ALA B 101 28.05 -4.27 -51.07
N LYS B 102 27.45 -3.80 -52.18
CA LYS B 102 26.63 -4.72 -52.96
C LYS B 102 27.44 -5.94 -53.43
N ASN B 103 28.63 -5.67 -53.96
CA ASN B 103 29.49 -6.70 -54.52
C ASN B 103 29.84 -7.79 -53.52
N GLU B 104 30.16 -7.40 -52.29
CA GLU B 104 30.51 -8.36 -51.26
C GLU B 104 29.33 -9.26 -50.84
N ALA B 105 28.15 -8.66 -50.71
CA ALA B 105 26.96 -9.44 -50.37
C ALA B 105 26.66 -10.49 -51.43
N VAL B 106 26.77 -10.11 -52.71
CA VAL B 106 26.54 -11.04 -53.82
C VAL B 106 27.61 -12.14 -53.86
N LEU B 107 28.87 -11.75 -53.74
CA LEU B 107 29.99 -12.73 -53.71
C LEU B 107 29.81 -13.79 -52.59
N ASP B 108 29.42 -13.34 -51.38
CA ASP B 108 29.04 -14.26 -50.29
C ASP B 108 27.98 -15.32 -50.65
N ILE B 109 26.98 -14.92 -51.43
CA ILE B 109 25.95 -15.88 -51.89
C ILE B 109 26.58 -16.85 -52.85
N ASN B 110 27.39 -16.34 -53.78
CA ASN B 110 28.13 -17.15 -54.76
C ASN B 110 28.92 -18.28 -54.05
N LYS B 111 29.83 -17.90 -53.13
CA LYS B 111 30.57 -18.87 -52.25
C LYS B 111 29.65 -19.89 -51.52
N SER B 112 28.71 -19.35 -50.76
CA SER B 112 27.72 -20.16 -50.10
C SER B 112 27.16 -21.24 -51.02
N TYR B 113 26.73 -20.85 -52.21
CA TYR B 113 26.17 -21.81 -53.19
C TYR B 113 27.14 -22.85 -53.76
N GLU B 114 28.39 -22.46 -53.96
CA GLU B 114 29.40 -23.41 -54.35
C GLU B 114 29.58 -24.44 -53.20
N GLY B 115 29.65 -23.94 -51.96
CA GLY B 115 29.69 -24.75 -50.76
C GLY B 115 28.59 -25.78 -50.78
N MET B 116 27.37 -25.35 -51.05
CA MET B 116 26.26 -26.30 -51.08
C MET B 116 26.47 -27.41 -52.12
N PHE B 117 26.99 -27.04 -53.29
CA PHE B 117 27.36 -28.05 -54.31
C PHE B 117 28.35 -29.11 -53.74
N ASN B 118 29.44 -28.64 -53.11
CA ASN B 118 30.44 -29.53 -52.52
C ASN B 118 29.86 -30.52 -51.48
N ASP B 119 28.92 -30.04 -50.66
CA ASP B 119 28.44 -30.74 -49.49
C ASP B 119 27.16 -31.52 -49.77
N THR B 120 26.77 -31.68 -51.02
CA THR B 120 25.51 -32.37 -51.36
C THR B 120 25.72 -33.55 -52.30
N GLU B 121 25.22 -34.70 -51.89
CA GLU B 121 25.35 -35.91 -52.67
C GLU B 121 24.48 -35.90 -53.90
N GLY B 122 25.09 -36.27 -55.04
CA GLY B 122 24.39 -36.37 -56.34
C GLY B 122 24.13 -35.04 -57.03
N LEU B 123 24.88 -34.01 -56.64
CA LEU B 123 24.72 -32.64 -57.11
C LEU B 123 26.07 -32.11 -57.55
N ASP B 124 26.33 -32.14 -58.86
CA ASP B 124 27.61 -31.64 -59.42
C ASP B 124 27.51 -30.41 -60.35
N PHE B 125 28.43 -29.48 -60.18
CA PHE B 125 28.47 -28.26 -60.95
C PHE B 125 29.50 -28.35 -62.08
N PHE B 126 29.19 -27.84 -63.27
CA PHE B 126 30.19 -27.73 -64.35
C PHE B 126 30.27 -26.32 -64.92
N LEU B 127 31.49 -25.78 -64.95
CA LEU B 127 31.79 -24.47 -65.53
C LEU B 127 31.78 -24.46 -67.08
N GLY B 128 31.10 -23.49 -67.70
CA GLY B 128 31.12 -23.40 -69.18
C GLY B 128 29.79 -23.40 -69.92
N TRP B 129 29.83 -23.56 -71.23
CA TRP B 129 28.64 -23.35 -72.05
C TRP B 129 28.01 -24.66 -72.43
N GLY B 130 26.71 -24.80 -72.15
CA GLY B 130 26.00 -26.02 -72.45
C GLY B 130 25.12 -25.93 -73.69
N SER B 131 25.09 -27.02 -74.45
CA SER B 131 24.12 -27.12 -75.53
C SER B 131 23.70 -28.55 -75.77
N LEU B 132 22.65 -28.69 -76.55
CA LEU B 132 22.11 -29.96 -76.92
C LEU B 132 22.89 -30.48 -78.11
N GLU B 133 23.69 -31.53 -77.87
CA GLU B 133 24.33 -32.30 -78.94
C GLU B 133 23.25 -33.20 -79.54
N SER B 134 22.46 -33.83 -78.66
CA SER B 134 21.41 -34.76 -79.07
C SER B 134 20.40 -35.02 -77.95
N LYS B 135 19.25 -35.60 -78.31
CA LYS B 135 18.19 -36.03 -77.36
C LYS B 135 18.65 -36.31 -75.90
N ASN B 136 19.79 -37.02 -75.75
CA ASN B 136 20.27 -37.46 -74.42
C ASN B 136 21.72 -37.10 -74.12
N VAL B 137 22.31 -36.18 -74.90
CA VAL B 137 23.66 -35.64 -74.60
C VAL B 137 23.56 -34.10 -74.46
N VAL B 138 24.28 -33.56 -73.47
CA VAL B 138 24.46 -32.12 -73.31
C VAL B 138 25.95 -31.85 -73.32
N VAL B 139 26.43 -31.04 -74.28
CA VAL B 139 27.86 -30.68 -74.35
C VAL B 139 28.16 -29.38 -73.63
N VAL B 140 29.39 -29.26 -73.15
CA VAL B 140 29.88 -28.11 -72.42
C VAL B 140 31.13 -27.59 -73.12
N ARG B 141 31.04 -26.47 -73.82
CA ARG B 141 32.24 -25.92 -74.47
C ARG B 141 32.82 -24.80 -73.62
N GLU B 142 33.94 -24.23 -74.06
CA GLU B 142 34.66 -23.26 -73.24
CA GLU B 142 34.66 -23.26 -73.24
C GLU B 142 34.18 -21.82 -73.49
N THR B 143 33.57 -21.56 -74.65
CA THR B 143 32.93 -20.27 -74.94
C THR B 143 31.59 -20.52 -75.59
N ALA B 144 30.87 -19.45 -75.91
CA ALA B 144 29.53 -19.55 -76.49
C ALA B 144 29.54 -20.05 -77.94
N ASP B 145 30.72 -19.99 -78.58
CA ASP B 145 30.92 -20.47 -79.95
C ASP B 145 30.74 -21.98 -80.04
N PRO B 146 29.79 -22.45 -80.89
CA PRO B 146 29.59 -23.89 -81.05
C PRO B 146 30.81 -24.63 -81.62
N LYS B 147 31.99 -24.03 -81.49
CA LYS B 147 33.18 -24.49 -82.18
C LYS B 147 34.43 -24.46 -81.29
N SER B 148 34.28 -23.95 -80.07
CA SER B 148 35.34 -23.99 -79.07
C SER B 148 35.46 -25.38 -78.43
N ALA B 149 36.49 -25.55 -77.59
CA ALA B 149 36.95 -26.88 -77.12
C ALA B 149 35.98 -27.57 -76.16
N VAL B 150 35.48 -28.74 -76.55
CA VAL B 150 34.67 -29.60 -75.68
C VAL B 150 35.38 -29.76 -74.33
N LYS B 151 34.63 -29.69 -73.25
CA LYS B 151 35.18 -29.69 -71.91
C LYS B 151 34.65 -30.92 -71.22
N GLU B 152 33.41 -31.25 -71.59
CA GLU B 152 32.68 -32.34 -71.00
C GLU B 152 31.56 -32.78 -71.93
N ARG B 153 31.13 -34.01 -71.72
CA ARG B 153 30.02 -34.54 -72.45
C ARG B 153 29.20 -35.31 -71.42
N LEU B 154 27.96 -34.90 -71.24
CA LEU B 154 27.17 -35.41 -70.14
C LEU B 154 25.93 -36.02 -70.72
N GLN B 155 25.78 -37.32 -70.55
CA GLN B 155 24.52 -37.94 -71.00
C GLN B 155 23.45 -37.83 -69.93
N ALA B 156 22.21 -37.77 -70.38
CA ALA B 156 21.13 -37.42 -69.50
C ALA B 156 19.90 -38.22 -69.81
N ASP B 157 19.28 -38.79 -68.78
CA ASP B 157 17.98 -39.38 -68.97
C ASP B 157 17.02 -38.25 -69.25
N HIS B 158 17.24 -37.14 -68.55
CA HIS B 158 16.39 -35.95 -68.63
C HIS B 158 17.22 -34.68 -68.74
N ILE B 159 16.78 -33.73 -69.59
CA ILE B 159 17.41 -32.40 -69.70
C ILE B 159 16.49 -31.23 -69.36
N LEU B 160 17.01 -30.32 -68.55
CA LEU B 160 16.33 -29.07 -68.18
C LEU B 160 17.02 -27.84 -68.76
N LEU B 161 16.24 -27.07 -69.52
CA LEU B 161 16.70 -25.78 -70.10
C LEU B 161 16.23 -24.65 -69.19
N ALA B 162 17.20 -23.89 -68.67
CA ALA B 162 16.90 -22.90 -67.63
C ALA B 162 17.92 -21.82 -67.65
N THR B 163 18.19 -21.32 -68.86
CA THR B 163 19.24 -20.34 -69.09
C THR B 163 18.76 -18.89 -68.95
N GLY B 164 17.47 -18.74 -68.62
CA GLY B 164 16.91 -17.42 -68.34
C GLY B 164 16.77 -16.50 -69.55
N SER B 165 17.00 -15.21 -69.35
CA SER B 165 16.67 -14.21 -70.36
C SER B 165 17.83 -13.24 -70.47
N TRP B 166 17.72 -12.27 -71.36
CA TRP B 166 18.85 -11.34 -71.66
C TRP B 166 18.24 -9.99 -72.10
N PRO B 167 18.96 -8.84 -71.82
CA PRO B 167 18.41 -7.53 -72.24
C PRO B 167 18.23 -7.41 -73.76
N GLN B 168 17.04 -7.01 -74.18
CA GLN B 168 16.75 -6.70 -75.58
C GLN B 168 17.35 -5.36 -75.99
N MET B 169 18.06 -5.32 -77.10
CA MET B 169 18.63 -4.05 -77.56
C MET B 169 18.05 -3.72 -78.92
N PRO B 170 17.51 -2.50 -79.08
CA PRO B 170 16.97 -2.19 -80.40
C PRO B 170 18.06 -1.95 -81.47
N ALA B 171 17.75 -2.33 -82.71
CA ALA B 171 18.59 -2.12 -83.89
C ALA B 171 18.47 -0.66 -84.31
N ILE B 172 19.11 0.22 -83.56
CA ILE B 172 19.18 1.62 -83.93
C ILE B 172 20.67 1.91 -84.12
N PRO B 173 21.00 2.85 -85.01
CA PRO B 173 22.43 3.11 -85.07
C PRO B 173 22.94 3.74 -83.77
N GLY B 174 24.15 3.35 -83.37
CA GLY B 174 24.70 3.79 -82.10
C GLY B 174 24.30 2.96 -80.89
N ILE B 175 23.61 1.84 -81.14
CA ILE B 175 23.20 0.96 -80.05
C ILE B 175 24.39 0.49 -79.19
N GLU B 176 25.55 0.39 -79.83
CA GLU B 176 26.78 -0.02 -79.14
C GLU B 176 27.27 1.05 -78.12
N HIS B 177 26.79 2.29 -78.23
CA HIS B 177 27.11 3.30 -77.22
C HIS B 177 26.14 3.32 -76.01
N CYS B 178 25.17 2.39 -75.99
CA CYS B 178 24.25 2.20 -74.86
C CYS B 178 24.69 1.04 -73.97
N ILE B 179 24.13 0.97 -72.76
CA ILE B 179 24.32 -0.18 -71.87
C ILE B 179 22.97 -0.79 -71.50
N SER B 180 23.01 -1.87 -70.71
CA SER B 180 21.82 -2.49 -70.14
C SER B 180 21.93 -2.46 -68.62
N SER B 181 21.01 -3.13 -67.94
CA SER B 181 21.03 -3.20 -66.49
C SER B 181 22.25 -3.96 -66.03
N ASN B 182 22.69 -4.96 -66.84
CA ASN B 182 23.95 -5.68 -66.57
C ASN B 182 25.11 -4.71 -66.26
N GLU B 183 25.33 -3.73 -67.13
CA GLU B 183 26.44 -2.84 -66.94
C GLU B 183 26.17 -1.77 -65.87
N ALA B 184 24.90 -1.46 -65.63
CA ALA B 184 24.44 -0.53 -64.61
C ALA B 184 24.92 -0.92 -63.21
N PHE B 185 24.92 -2.22 -62.91
CA PHE B 185 25.48 -2.73 -61.64
C PHE B 185 26.97 -2.50 -61.41
N TYR B 186 27.73 -2.10 -62.45
CA TYR B 186 29.19 -2.00 -62.24
C TYR B 186 29.80 -0.71 -62.68
N LEU B 187 28.98 0.31 -62.92
CA LEU B 187 29.48 1.61 -63.31
C LEU B 187 30.47 2.06 -62.23
N PRO B 188 31.71 2.42 -62.61
CA PRO B 188 32.72 2.91 -61.61
C PRO B 188 32.24 4.17 -60.90
N GLU B 189 31.39 4.93 -61.56
CA GLU B 189 30.88 6.06 -60.85
C GLU B 189 29.47 6.42 -61.25
N PRO B 190 28.76 7.15 -60.37
CA PRO B 190 27.36 7.34 -60.65
C PRO B 190 27.22 8.34 -61.77
N PRO B 191 26.43 7.99 -62.77
CA PRO B 191 26.19 8.84 -63.92
C PRO B 191 25.52 10.12 -63.50
N ARG B 192 26.00 11.22 -64.05
CA ARG B 192 25.50 12.53 -63.65
C ARG B 192 24.23 12.82 -64.36
N ARG B 193 24.25 12.63 -65.68
CA ARG B 193 23.03 12.65 -66.51
C ARG B 193 22.82 11.27 -67.07
N VAL B 194 21.64 10.72 -66.91
CA VAL B 194 21.38 9.39 -67.43
C VAL B 194 20.00 9.29 -68.09
N LEU B 195 19.92 8.57 -69.21
CA LEU B 195 18.63 8.26 -69.80
C LEU B 195 18.35 6.77 -69.58
N THR B 196 17.26 6.42 -68.90
CA THR B 196 16.82 5.02 -68.87
C THR B 196 15.71 4.87 -69.88
N VAL B 197 15.81 3.85 -70.74
CA VAL B 197 14.87 3.70 -71.87
C VAL B 197 13.97 2.51 -71.56
N GLY B 198 12.68 2.78 -71.38
CA GLY B 198 11.67 1.76 -71.16
C GLY B 198 10.73 2.14 -70.04
N GLY B 199 9.48 1.69 -70.14
CA GLY B 199 8.44 1.95 -69.13
C GLY B 199 8.29 0.90 -68.05
N GLY B 200 9.11 -0.15 -68.13
CA GLY B 200 8.93 -1.35 -67.32
C GLY B 200 9.62 -1.14 -65.98
N PHE B 201 9.58 -2.17 -65.14
CA PHE B 201 10.04 -2.06 -63.76
C PHE B 201 11.52 -1.88 -63.64
N ILE B 202 12.28 -2.52 -64.51
CA ILE B 202 13.73 -2.34 -64.45
C ILE B 202 14.09 -0.88 -64.66
N SER B 203 13.53 -0.26 -65.71
CA SER B 203 13.75 1.16 -66.01
C SER B 203 13.37 2.04 -64.82
N VAL B 204 12.17 1.82 -64.30
CA VAL B 204 11.68 2.63 -63.22
C VAL B 204 12.55 2.47 -61.98
N GLU B 205 12.92 1.24 -61.66
CA GLU B 205 13.73 1.00 -60.47
C GLU B 205 15.10 1.67 -60.54
N PHE B 206 15.74 1.61 -61.71
CA PHE B 206 17.04 2.26 -61.87
C PHE B 206 16.88 3.77 -61.92
N ALA B 207 15.79 4.25 -62.53
CA ALA B 207 15.52 5.68 -62.51
C ALA B 207 15.69 6.13 -61.04
N GLY B 208 15.01 5.45 -60.11
CA GLY B 208 15.08 5.85 -58.71
C GLY B 208 16.45 5.70 -58.08
N ILE B 209 17.15 4.60 -58.40
CA ILE B 209 18.53 4.40 -57.95
C ILE B 209 19.45 5.56 -58.40
N PHE B 210 19.44 5.90 -59.70
CA PHE B 210 20.32 6.91 -60.24
C PHE B 210 19.99 8.32 -59.67
N ASN B 211 18.70 8.58 -59.45
CA ASN B 211 18.20 9.87 -58.98
C ASN B 211 18.74 10.22 -57.55
N ALA B 212 18.88 9.18 -56.74
CA ALA B 212 19.41 9.32 -55.40
C ALA B 212 20.93 9.42 -55.38
N TYR B 213 21.63 8.66 -56.21
CA TYR B 213 23.07 8.66 -56.13
C TYR B 213 23.77 9.68 -57.06
N LYS B 214 23.03 10.39 -57.90
CA LYS B 214 23.61 11.33 -58.88
C LYS B 214 24.44 12.42 -58.21
N PRO B 215 25.62 12.74 -58.76
CA PRO B 215 26.45 13.86 -58.26
C PRO B 215 25.76 15.20 -58.48
N PRO B 216 26.34 16.31 -57.94
CA PRO B 216 25.63 17.61 -57.95
C PRO B 216 25.37 18.15 -59.36
N GLY B 217 24.21 18.73 -59.57
CA GLY B 217 23.74 19.11 -60.92
C GLY B 217 23.34 17.96 -61.85
N GLY B 218 23.17 16.73 -61.31
CA GLY B 218 22.65 15.57 -62.07
C GLY B 218 21.18 15.65 -62.46
N LYS B 219 20.77 14.80 -63.41
CA LYS B 219 19.39 14.78 -63.89
C LYS B 219 19.18 13.38 -64.42
N VAL B 220 18.08 12.74 -64.03
CA VAL B 220 17.76 11.42 -64.52
C VAL B 220 16.55 11.60 -65.36
N THR B 221 16.57 11.05 -66.58
CA THR B 221 15.44 11.14 -67.52
C THR B 221 14.97 9.71 -67.80
N LEU B 222 13.66 9.46 -67.81
CA LEU B 222 13.18 8.18 -68.25
C LEU B 222 12.30 8.38 -69.50
N CYS B 223 12.53 7.57 -70.54
CA CYS B 223 11.70 7.69 -71.74
C CYS B 223 10.93 6.43 -71.99
N TYR B 224 9.75 6.57 -72.57
CA TYR B 224 8.95 5.43 -72.90
C TYR B 224 8.19 5.72 -74.18
N ARG B 225 8.12 4.73 -75.08
CA ARG B 225 7.62 5.01 -76.43
CA ARG B 225 7.60 4.90 -76.45
C ARG B 225 6.11 5.27 -76.45
N ASN B 226 5.39 4.82 -75.41
CA ASN B 226 3.94 5.05 -75.36
C ASN B 226 3.55 6.13 -74.36
N ASN B 227 2.28 6.13 -73.97
CA ASN B 227 1.72 7.28 -73.30
C ASN B 227 1.84 7.24 -71.79
N LEU B 228 1.96 6.04 -71.23
CA LEU B 228 1.96 5.86 -69.78
C LEU B 228 2.82 4.68 -69.35
N ILE B 229 3.77 4.90 -68.44
CA ILE B 229 4.71 3.85 -68.01
C ILE B 229 4.03 2.69 -67.29
N LEU B 230 4.79 1.60 -67.11
CA LEU B 230 4.32 0.42 -66.36
C LEU B 230 3.05 -0.25 -66.90
N ARG B 231 3.04 -0.47 -68.20
CA ARG B 231 2.01 -1.28 -68.83
C ARG B 231 1.80 -2.55 -68.03
N GLY B 232 0.53 -2.93 -67.85
CA GLY B 232 0.14 -4.16 -67.16
C GLY B 232 -0.11 -4.04 -65.66
N PHE B 233 0.27 -2.90 -65.08
CA PHE B 233 -0.04 -2.57 -63.69
C PHE B 233 -1.31 -1.73 -63.62
N ASP B 234 -1.90 -1.65 -62.44
CA ASP B 234 -3.08 -0.82 -62.19
C ASP B 234 -2.91 0.59 -62.73
N GLU B 235 -3.95 1.12 -63.37
CA GLU B 235 -3.82 2.42 -64.06
C GLU B 235 -3.69 3.60 -63.10
N THR B 236 -4.52 3.66 -62.06
CA THR B 236 -4.38 4.68 -61.07
C THR B 236 -2.92 4.72 -60.56
N ILE B 237 -2.33 3.54 -60.39
CA ILE B 237 -0.99 3.42 -59.82
C ILE B 237 0.07 3.87 -60.83
N ARG B 238 -0.17 3.51 -62.09
CA ARG B 238 0.66 4.00 -63.19
C ARG B 238 0.73 5.53 -63.23
N GLU B 239 -0.44 6.17 -63.15
CA GLU B 239 -0.50 7.62 -63.09
C GLU B 239 0.12 8.18 -61.85
N GLU B 240 -0.19 7.59 -60.69
CA GLU B 240 0.44 8.04 -59.45
C GLU B 240 1.97 7.85 -59.37
N VAL B 241 2.51 6.67 -59.72
CA VAL B 241 3.99 6.56 -59.66
C VAL B 241 4.68 7.60 -60.57
N THR B 242 4.05 7.91 -61.71
CA THR B 242 4.54 8.89 -62.65
C THR B 242 4.65 10.19 -61.94
N LYS B 243 3.59 10.55 -61.23
CA LYS B 243 3.50 11.84 -60.57
C LYS B 243 4.60 11.92 -59.48
N GLN B 244 4.76 10.82 -58.74
CA GLN B 244 5.64 10.78 -57.55
C GLN B 244 7.11 10.62 -57.90
N LEU B 245 7.42 9.99 -59.03
CA LEU B 245 8.82 10.04 -59.53
C LEU B 245 9.10 11.47 -59.98
N THR B 246 8.14 12.08 -60.68
CA THR B 246 8.31 13.48 -61.10
C THR B 246 8.56 14.37 -59.88
N ALA B 247 7.78 14.18 -58.83
CA ALA B 247 7.97 14.99 -57.63
C ALA B 247 9.35 14.85 -57.00
N ASN B 248 10.01 13.73 -57.25
CA ASN B 248 11.35 13.44 -56.69
C ASN B 248 12.43 13.83 -57.67
N GLY B 249 12.04 14.45 -58.77
CA GLY B 249 13.02 15.13 -59.66
C GLY B 249 13.44 14.37 -60.93
N ILE B 250 12.71 13.31 -61.28
CA ILE B 250 12.95 12.54 -62.50
C ILE B 250 12.03 13.08 -63.59
N GLU B 251 12.61 13.31 -64.76
CA GLU B 251 11.84 13.66 -65.97
C GLU B 251 11.25 12.42 -66.61
N ILE B 252 9.95 12.39 -66.84
CA ILE B 252 9.30 11.32 -67.56
C ILE B 252 8.98 11.82 -68.97
N MET B 253 9.65 11.24 -69.96
CA MET B 253 9.39 11.55 -71.35
C MET B 253 8.55 10.42 -71.92
N THR B 254 7.25 10.66 -71.99
CA THR B 254 6.38 9.73 -72.64
C THR B 254 6.22 10.04 -74.15
N ASN B 255 5.74 9.07 -74.93
CA ASN B 255 5.71 9.11 -76.41
C ASN B 255 6.99 9.53 -77.11
N GLU B 256 8.13 9.08 -76.56
CA GLU B 256 9.47 9.38 -77.09
C GLU B 256 10.27 8.08 -77.15
N ASN B 257 11.12 7.95 -78.16
CA ASN B 257 11.88 6.72 -78.40
C ASN B 257 13.17 7.06 -79.14
N PRO B 258 14.33 6.71 -78.56
CA PRO B 258 15.60 6.93 -79.26
C PRO B 258 15.58 6.41 -80.71
N ALA B 259 16.02 7.24 -81.67
CA ALA B 259 16.22 6.81 -83.06
C ALA B 259 17.70 6.54 -83.33
N LYS B 260 18.57 7.22 -82.58
CA LYS B 260 20.00 7.11 -82.79
C LYS B 260 20.77 7.65 -81.59
N VAL B 261 21.98 7.15 -81.42
CA VAL B 261 22.86 7.61 -80.38
C VAL B 261 24.26 7.81 -80.96
N SER B 262 24.94 8.88 -80.59
CA SER B 262 26.27 9.09 -81.10
C SER B 262 27.20 9.57 -79.98
N LEU B 263 28.53 9.48 -80.22
CA LEU B 263 29.59 9.85 -79.29
C LEU B 263 29.95 11.33 -79.35
N ASN B 264 29.85 11.98 -78.20
CA ASN B 264 30.37 13.31 -78.07
C ASN B 264 31.87 13.27 -77.77
N THR B 265 32.55 14.37 -78.09
CA THR B 265 33.99 14.44 -77.97
C THR B 265 34.43 14.20 -76.54
N ASP B 266 33.57 14.50 -75.58
CA ASP B 266 33.94 14.31 -74.17
C ASP B 266 33.63 12.92 -73.59
N GLY B 267 33.20 11.98 -74.43
CA GLY B 267 32.78 10.67 -73.93
C GLY B 267 31.29 10.54 -73.64
N SER B 268 30.55 11.65 -73.60
CA SER B 268 29.10 11.62 -73.33
C SER B 268 28.36 11.17 -74.59
N LYS B 269 27.05 10.96 -74.48
CA LYS B 269 26.27 10.43 -75.58
C LYS B 269 25.18 11.39 -76.09
N HIS B 270 25.01 11.45 -77.41
CA HIS B 270 24.05 12.37 -78.01
C HIS B 270 22.91 11.53 -78.53
N VAL B 271 21.76 11.66 -77.88
CA VAL B 271 20.61 10.83 -78.22
C VAL B 271 19.71 11.66 -79.12
N THR B 272 19.26 11.07 -80.23
CA THR B 272 18.22 11.71 -81.04
C THR B 272 16.96 10.88 -81.02
N PHE B 273 15.83 11.48 -80.61
CA PHE B 273 14.56 10.79 -80.59
C PHE B 273 13.91 10.72 -81.98
N GLU B 274 13.03 9.76 -82.21
CA GLU B 274 12.26 9.66 -83.45
C GLU B 274 11.55 10.99 -83.79
N SER B 275 11.23 11.75 -82.73
CA SER B 275 10.46 12.99 -82.84
C SER B 275 11.32 14.17 -83.21
N GLY B 276 12.65 14.00 -83.14
CA GLY B 276 13.56 15.11 -83.47
C GLY B 276 14.24 15.70 -82.25
N LYS B 277 13.60 15.59 -81.08
CA LYS B 277 14.24 16.03 -79.84
C LYS B 277 15.62 15.34 -79.65
N THR B 278 16.52 16.01 -78.96
CA THR B 278 17.84 15.46 -78.67
C THR B 278 18.14 15.67 -77.17
N LEU B 279 19.03 14.83 -76.63
CA LEU B 279 19.41 14.90 -75.22
C LEU B 279 20.82 14.40 -75.07
N ASP B 280 21.63 15.13 -74.31
CA ASP B 280 22.99 14.67 -73.98
C ASP B 280 23.04 14.13 -72.58
N VAL B 281 23.54 12.90 -72.48
CA VAL B 281 23.65 12.20 -71.21
C VAL B 281 25.02 11.52 -71.10
N ASP B 282 25.43 11.21 -69.87
CA ASP B 282 26.59 10.39 -69.68
C ASP B 282 26.35 8.90 -69.94
N VAL B 283 25.10 8.44 -69.78
CA VAL B 283 24.78 7.00 -69.88
C VAL B 283 23.36 6.84 -70.41
N VAL B 284 23.23 5.94 -71.38
CA VAL B 284 21.93 5.61 -71.93
C VAL B 284 21.70 4.16 -71.60
N MET B 285 20.78 3.85 -70.67
CA MET B 285 20.58 2.47 -70.25
C MET B 285 19.29 1.98 -70.90
N MET B 286 19.41 1.00 -71.78
CA MET B 286 18.25 0.43 -72.44
C MET B 286 17.61 -0.60 -71.54
N ALA B 287 16.32 -0.45 -71.26
CA ALA B 287 15.59 -1.42 -70.46
C ALA B 287 14.22 -1.61 -71.05
N ILE B 288 14.19 -2.05 -72.29
CA ILE B 288 12.95 -2.00 -73.09
C ILE B 288 12.31 -3.36 -73.13
N GLY B 289 12.95 -4.35 -72.52
CA GLY B 289 12.44 -5.70 -72.60
C GLY B 289 13.53 -6.67 -72.26
N ARG B 290 13.14 -7.92 -72.04
CA ARG B 290 14.07 -9.01 -71.80
C ARG B 290 13.59 -10.21 -72.62
N ILE B 291 14.53 -10.88 -73.28
CA ILE B 291 14.16 -11.91 -74.24
C ILE B 291 14.76 -13.28 -73.83
N PRO B 292 14.04 -14.38 -74.14
CA PRO B 292 14.55 -15.67 -73.71
C PRO B 292 15.93 -15.90 -74.31
N ARG B 293 16.81 -16.46 -73.51
CA ARG B 293 18.18 -16.77 -73.91
C ARG B 293 18.31 -18.13 -74.62
N THR B 294 17.86 -18.21 -75.87
CA THR B 294 17.75 -19.48 -76.60
C THR B 294 18.87 -19.76 -77.62
N ASN B 295 19.89 -18.92 -77.69
CA ASN B 295 20.74 -18.94 -78.87
C ASN B 295 21.92 -19.89 -78.86
N ASP B 296 22.54 -20.03 -77.70
CA ASP B 296 23.72 -20.88 -77.57
C ASP B 296 23.38 -22.34 -77.29
N LEU B 297 22.09 -22.68 -77.37
CA LEU B 297 21.58 -24.01 -76.95
C LEU B 297 21.51 -25.05 -78.07
N GLN B 298 21.63 -24.57 -79.32
CA GLN B 298 21.62 -25.42 -80.51
CA GLN B 298 21.66 -25.44 -80.50
C GLN B 298 20.39 -26.31 -80.52
N LEU B 299 19.24 -25.71 -80.20
CA LEU B 299 17.95 -26.42 -80.16
C LEU B 299 17.54 -27.08 -81.50
N GLY B 300 18.15 -26.62 -82.59
CA GLY B 300 17.97 -27.19 -83.92
C GLY B 300 18.64 -28.54 -84.04
N ASN B 301 19.60 -28.82 -83.15
CA ASN B 301 20.13 -30.18 -83.05
C ASN B 301 19.08 -31.24 -82.66
N VAL B 302 18.03 -30.90 -81.90
CA VAL B 302 17.08 -31.97 -81.58
C VAL B 302 15.68 -31.61 -82.04
N GLY B 303 15.46 -30.35 -82.34
CA GLY B 303 14.16 -29.90 -82.83
C GLY B 303 13.21 -29.42 -81.75
N VAL B 304 13.74 -28.80 -80.69
CA VAL B 304 12.93 -28.17 -79.65
C VAL B 304 12.21 -26.94 -80.24
N LYS B 305 10.88 -26.97 -80.29
CA LYS B 305 10.04 -25.90 -80.82
C LYS B 305 10.09 -24.61 -79.97
N LEU B 306 10.08 -23.47 -80.65
CA LEU B 306 9.91 -22.16 -80.03
C LEU B 306 8.51 -21.59 -80.31
N THR B 307 8.06 -20.66 -79.47
CA THR B 307 6.87 -19.90 -79.79
C THR B 307 7.23 -18.84 -80.85
N PRO B 308 6.22 -18.27 -81.54
CA PRO B 308 6.63 -17.22 -82.47
C PRO B 308 7.53 -16.23 -81.75
N LYS B 309 7.25 -16.02 -80.46
CA LYS B 309 7.88 -14.94 -79.68
C LYS B 309 9.37 -15.09 -79.33
N GLY B 310 9.93 -16.30 -79.40
CA GLY B 310 11.35 -16.55 -79.13
C GLY B 310 11.59 -17.48 -77.96
N GLY B 311 10.53 -17.75 -77.19
CA GLY B 311 10.60 -18.62 -76.03
C GLY B 311 10.46 -20.08 -76.38
N VAL B 312 10.98 -20.95 -75.50
CA VAL B 312 10.84 -22.40 -75.65
C VAL B 312 9.41 -22.76 -75.31
N GLN B 313 8.76 -23.47 -76.20
CA GLN B 313 7.39 -23.86 -76.03
C GLN B 313 7.30 -24.99 -75.00
N VAL B 314 6.33 -24.91 -74.09
CA VAL B 314 6.17 -25.91 -73.03
C VAL B 314 4.71 -26.07 -72.80
N ASP B 315 4.31 -27.19 -72.24
CA ASP B 315 2.97 -27.27 -71.66
C ASP B 315 2.98 -26.92 -70.16
N GLU B 316 1.83 -27.11 -69.53
CA GLU B 316 1.58 -26.77 -68.12
C GLU B 316 2.52 -27.50 -67.18
N PHE B 317 3.08 -28.62 -67.66
CA PHE B 317 4.05 -29.40 -66.88
C PHE B 317 5.50 -29.17 -67.31
N SER B 318 5.74 -28.16 -68.16
CA SER B 318 7.09 -27.71 -68.47
C SER B 318 7.83 -28.59 -69.46
N ARG B 319 7.07 -29.46 -70.11
CA ARG B 319 7.59 -30.35 -71.12
C ARG B 319 7.69 -29.69 -72.46
N THR B 320 8.87 -29.75 -73.09
CA THR B 320 8.97 -29.39 -74.52
C THR B 320 8.29 -30.44 -75.41
N ASN B 321 8.36 -30.25 -76.73
CA ASN B 321 7.85 -31.26 -77.69
C ASN B 321 8.78 -32.47 -77.84
N VAL B 322 10.03 -32.36 -77.39
CA VAL B 322 10.99 -33.46 -77.45
C VAL B 322 11.00 -34.18 -76.10
N PRO B 323 10.58 -35.48 -76.08
CA PRO B 323 10.40 -36.22 -74.81
C PRO B 323 11.69 -36.19 -73.97
N ASN B 324 11.57 -36.05 -72.64
CA ASN B 324 12.71 -35.97 -71.71
C ASN B 324 13.46 -34.62 -71.65
N ILE B 325 13.02 -33.66 -72.46
CA ILE B 325 13.55 -32.27 -72.41
C ILE B 325 12.48 -31.28 -71.93
N TYR B 326 12.83 -30.51 -70.90
CA TYR B 326 11.89 -29.53 -70.30
C TYR B 326 12.48 -28.15 -70.24
N ALA B 327 11.61 -27.17 -70.13
CA ALA B 327 12.07 -25.83 -69.89
C ALA B 327 11.23 -25.07 -68.82
N ILE B 328 11.91 -24.30 -67.96
CA ILE B 328 11.27 -23.51 -66.92
C ILE B 328 11.89 -22.14 -66.83
N GLY B 329 11.20 -21.21 -66.17
CA GLY B 329 11.70 -19.85 -65.90
C GLY B 329 11.66 -18.94 -67.13
N ASP B 330 12.58 -17.98 -67.18
CA ASP B 330 12.45 -16.90 -68.14
C ASP B 330 12.49 -17.42 -69.56
N ILE B 331 13.24 -18.48 -69.78
CA ILE B 331 13.38 -19.02 -71.11
C ILE B 331 12.08 -19.41 -71.74
N THR B 332 11.03 -19.61 -70.94
CA THR B 332 9.70 -19.92 -71.48
C THR B 332 8.90 -18.67 -71.78
N ASP B 333 9.48 -17.50 -71.53
CA ASP B 333 8.82 -16.22 -71.87
C ASP B 333 7.41 -16.01 -71.30
N ARG B 334 7.19 -16.40 -70.05
CA ARG B 334 5.90 -16.25 -69.36
C ARG B 334 5.95 -15.08 -68.37
N LEU B 335 5.68 -15.39 -67.10
CA LEU B 335 5.96 -14.45 -66.03
C LEU B 335 7.44 -14.53 -65.68
N MET B 336 8.17 -13.44 -65.91
CA MET B 336 9.61 -13.43 -65.60
C MET B 336 9.91 -13.02 -64.14
N LEU B 337 9.72 -13.98 -63.22
CA LEU B 337 9.92 -13.77 -61.77
C LEU B 337 10.70 -14.93 -61.14
N THR B 338 11.51 -14.63 -60.12
CA THR B 338 12.26 -15.67 -59.41
C THR B 338 11.38 -16.72 -58.70
N PRO B 339 10.40 -16.30 -57.86
CA PRO B 339 9.67 -17.38 -57.21
C PRO B 339 8.80 -18.20 -58.17
N VAL B 340 8.49 -17.66 -59.35
CA VAL B 340 7.77 -18.44 -60.34
C VAL B 340 8.69 -19.53 -60.90
N ALA B 341 9.91 -19.13 -61.26
CA ALA B 341 10.91 -20.07 -61.72
C ALA B 341 11.21 -21.14 -60.63
N ILE B 342 11.34 -20.71 -59.38
CA ILE B 342 11.57 -21.66 -58.30
C ILE B 342 10.42 -22.66 -58.22
N ASN B 343 9.18 -22.16 -58.27
CA ASN B 343 8.00 -23.01 -58.15
C ASN B 343 7.93 -24.01 -59.30
N GLU B 344 8.31 -23.60 -60.52
CA GLU B 344 8.25 -24.46 -61.73
C GLU B 344 9.29 -25.57 -61.65
N GLY B 345 10.51 -25.21 -61.23
CA GLY B 345 11.56 -26.20 -60.92
C GLY B 345 11.05 -27.30 -60.01
N ALA B 346 10.47 -26.92 -58.88
CA ALA B 346 9.95 -27.88 -57.92
C ALA B 346 8.87 -28.76 -58.50
N ALA B 347 7.92 -28.15 -59.20
CA ALA B 347 6.80 -28.89 -59.77
C ALA B 347 7.29 -29.92 -60.77
N LEU B 348 8.23 -29.51 -61.60
CA LEU B 348 8.79 -30.39 -62.59
C LEU B 348 9.40 -31.62 -61.91
N VAL B 349 10.18 -31.41 -60.86
CA VAL B 349 10.81 -32.55 -60.24
C VAL B 349 9.84 -33.48 -59.49
N ASP B 350 8.81 -32.94 -58.86
CA ASP B 350 7.80 -33.79 -58.21
C ASP B 350 7.03 -34.69 -59.23
N THR B 351 6.88 -34.16 -60.45
CA THR B 351 6.19 -34.84 -61.54
C THR B 351 7.05 -35.92 -62.17
N VAL B 352 8.20 -35.53 -62.69
CA VAL B 352 9.16 -36.46 -63.29
C VAL B 352 9.70 -37.50 -62.30
N PHE B 353 10.46 -37.06 -61.30
CA PHE B 353 11.19 -37.97 -60.42
C PHE B 353 10.34 -38.54 -59.31
N GLY B 354 9.06 -38.21 -59.38
CA GLY B 354 8.04 -39.09 -58.93
C GLY B 354 7.52 -38.74 -57.58
N ASN B 355 6.22 -38.93 -57.41
CA ASN B 355 5.37 -39.14 -58.55
C ASN B 355 3.97 -38.65 -58.22
N LYS B 356 3.89 -37.34 -57.97
CA LYS B 356 2.61 -36.69 -58.01
C LYS B 356 2.79 -35.60 -59.05
N PRO B 357 2.13 -35.76 -60.21
CA PRO B 357 2.28 -34.71 -61.19
C PRO B 357 1.86 -33.38 -60.57
N ARG B 358 2.60 -32.32 -60.84
CA ARG B 358 2.26 -30.99 -60.32
C ARG B 358 2.55 -29.90 -61.35
N LYS B 359 1.55 -29.06 -61.57
CA LYS B 359 1.72 -27.89 -62.42
C LYS B 359 1.66 -26.56 -61.66
N THR B 360 2.64 -25.68 -61.93
CA THR B 360 2.67 -24.33 -61.38
C THR B 360 1.42 -23.56 -61.76
N ASP B 361 0.89 -22.80 -60.82
CA ASP B 361 -0.29 -21.99 -61.05
C ASP B 361 0.25 -20.60 -61.35
N HIS B 362 0.00 -20.09 -62.54
CA HIS B 362 0.54 -18.78 -62.99
C HIS B 362 -0.46 -17.63 -62.82
N THR B 363 -1.64 -17.92 -62.25
CA THR B 363 -2.59 -16.90 -61.89
C THR B 363 -2.34 -16.48 -60.46
N ARG B 364 -2.73 -15.24 -60.17
CA ARG B 364 -2.71 -14.69 -58.84
C ARG B 364 -1.34 -14.72 -58.20
N VAL B 365 -0.31 -14.48 -58.99
CA VAL B 365 1.03 -14.44 -58.44
C VAL B 365 1.30 -13.00 -57.93
N ALA B 366 1.56 -12.84 -56.63
CA ALA B 366 1.85 -11.49 -56.11
C ALA B 366 3.20 -11.06 -56.63
N SER B 367 3.39 -9.75 -56.83
CA SER B 367 4.69 -9.26 -57.23
C SER B 367 4.83 -7.79 -56.84
N ALA B 368 6.04 -7.25 -57.07
CA ALA B 368 6.40 -5.92 -56.62
C ALA B 368 7.28 -5.22 -57.64
N VAL B 369 7.19 -3.89 -57.61
CA VAL B 369 8.06 -2.94 -58.29
C VAL B 369 8.66 -2.09 -57.16
N PHE B 370 10.00 -2.15 -57.00
CA PHE B 370 10.69 -1.37 -55.98
C PHE B 370 11.08 -0.01 -56.50
N SER B 371 10.07 0.67 -57.02
CA SER B 371 10.13 2.08 -57.27
C SER B 371 10.08 2.78 -55.90
N ILE B 372 10.32 4.09 -55.90
CA ILE B 372 10.25 4.89 -54.70
C ILE B 372 9.12 5.90 -54.89
N PRO B 373 7.97 5.67 -54.22
CA PRO B 373 7.70 4.51 -53.34
C PRO B 373 7.27 3.29 -54.15
N PRO B 374 7.20 2.11 -53.49
CA PRO B 374 7.07 0.86 -54.23
C PRO B 374 5.61 0.45 -54.50
N ILE B 375 5.45 -0.51 -55.40
CA ILE B 375 4.19 -1.10 -55.78
C ILE B 375 4.14 -2.54 -55.26
N GLY B 376 2.98 -2.98 -54.77
CA GLY B 376 2.76 -4.40 -54.48
C GLY B 376 1.44 -4.80 -55.11
N THR B 377 1.39 -5.93 -55.83
CA THR B 377 0.20 -6.28 -56.54
C THR B 377 -0.01 -7.77 -56.58
N CYS B 378 -1.29 -8.18 -56.61
CA CYS B 378 -1.65 -9.58 -56.87
C CYS B 378 -2.98 -9.68 -57.63
N GLY B 379 -2.92 -10.42 -58.75
CA GLY B 379 -4.11 -10.76 -59.53
C GLY B 379 -4.49 -9.68 -60.50
N LEU B 380 -5.77 -9.60 -60.85
CA LEU B 380 -6.19 -8.94 -62.09
C LEU B 380 -6.33 -7.42 -61.99
N ILE B 381 -5.76 -6.68 -62.92
CA ILE B 381 -6.11 -5.23 -62.99
C ILE B 381 -7.56 -5.12 -63.53
N GLU B 382 -8.26 -4.03 -63.21
CA GLU B 382 -9.69 -3.92 -63.54
C GLU B 382 -10.08 -4.08 -65.04
N GLU B 383 -9.25 -3.57 -65.97
CA GLU B 383 -9.54 -3.68 -67.41
C GLU B 383 -9.40 -5.09 -67.95
N VAL B 384 -8.59 -5.92 -67.30
CA VAL B 384 -8.53 -7.32 -67.70
C VAL B 384 -9.70 -8.09 -67.04
N ALA B 385 -10.05 -7.73 -65.80
CA ALA B 385 -11.23 -8.29 -65.12
C ALA B 385 -12.46 -7.97 -65.94
N ALA B 386 -12.56 -6.74 -66.43
CA ALA B 386 -13.74 -6.29 -67.14
C ALA B 386 -14.02 -7.01 -68.49
N LYS B 387 -13.06 -7.79 -69.01
CA LYS B 387 -13.28 -8.57 -70.24
C LYS B 387 -13.71 -10.00 -69.93
N GLU B 388 -13.58 -10.39 -68.66
CA GLU B 388 -13.83 -11.75 -68.23
C GLU B 388 -15.13 -11.90 -67.44
N PHE B 389 -15.62 -10.83 -66.85
CA PHE B 389 -16.80 -10.90 -65.96
C PHE B 389 -17.75 -9.78 -66.31
N GLU B 390 -19.04 -10.04 -66.20
CA GLU B 390 -20.04 -9.04 -66.57
C GLU B 390 -20.01 -7.82 -65.64
N LYS B 391 -19.89 -8.08 -64.34
CA LYS B 391 -19.91 -7.00 -63.32
C LYS B 391 -18.66 -6.97 -62.43
N VAL B 392 -17.87 -5.93 -62.59
CA VAL B 392 -16.70 -5.80 -61.78
C VAL B 392 -16.85 -4.57 -60.89
N ALA B 393 -16.56 -4.75 -59.59
CA ALA B 393 -16.48 -3.61 -58.68
C ALA B 393 -15.04 -3.27 -58.38
N VAL B 394 -14.80 -1.98 -58.20
CA VAL B 394 -13.50 -1.45 -57.82
C VAL B 394 -13.67 -0.63 -56.55
N TYR B 395 -12.97 -1.02 -55.50
CA TYR B 395 -12.99 -0.32 -54.22
C TYR B 395 -11.69 0.39 -54.13
N MET B 396 -11.72 1.67 -53.78
CA MET B 396 -10.49 2.48 -53.85
C MET B 396 -10.30 3.42 -52.70
N SER B 397 -9.10 3.38 -52.14
CA SER B 397 -8.66 4.32 -51.14
C SER B 397 -7.34 4.94 -51.58
N SER B 398 -7.33 6.26 -51.57
CA SER B 398 -6.20 7.06 -52.02
C SER B 398 -6.09 8.32 -51.18
N PHE B 399 -4.90 8.60 -50.66
CA PHE B 399 -4.71 9.76 -49.83
C PHE B 399 -3.27 9.73 -49.31
N THR B 400 -2.75 10.91 -49.02
CA THR B 400 -1.47 11.05 -48.36
C THR B 400 -1.56 10.62 -46.89
N PRO B 401 -0.75 9.65 -46.47
CA PRO B 401 -0.84 9.31 -45.03
C PRO B 401 -0.29 10.43 -44.13
N LEU B 402 -0.71 10.45 -42.88
CA LEU B 402 -0.40 11.54 -41.99
C LEU B 402 1.12 11.67 -41.77
N MET B 403 1.86 10.57 -41.65
CA MET B 403 3.29 10.72 -41.55
C MET B 403 3.91 11.55 -42.69
N HIS B 404 3.40 11.43 -43.92
CA HIS B 404 3.93 12.30 -45.00
C HIS B 404 3.39 13.73 -45.11
N ASN B 405 2.32 14.06 -44.38
CA ASN B 405 2.01 15.47 -44.13
C ASN B 405 3.06 16.08 -43.24
N ILE B 406 3.58 15.30 -42.29
CA ILE B 406 4.62 15.80 -41.37
C ILE B 406 6.01 15.80 -42.01
N SER B 407 6.31 14.76 -42.77
CA SER B 407 7.67 14.63 -43.33
C SER B 407 7.95 15.63 -44.42
N GLY B 408 6.91 16.21 -45.02
CA GLY B 408 7.12 17.16 -46.11
C GLY B 408 6.87 16.58 -47.50
N SER B 409 6.89 15.26 -47.64
CA SER B 409 6.63 14.63 -48.92
C SER B 409 5.13 14.49 -49.17
N LYS B 410 4.43 15.59 -49.43
CA LYS B 410 2.95 15.53 -49.50
C LYS B 410 2.45 14.76 -50.71
N TYR B 411 3.29 14.70 -51.73
CA TYR B 411 2.95 13.97 -52.92
C TYR B 411 2.86 12.45 -52.70
N LYS B 412 3.40 11.91 -51.60
CA LYS B 412 3.37 10.44 -51.39
C LYS B 412 1.97 9.94 -51.02
N LYS B 413 1.12 9.92 -52.03
CA LYS B 413 -0.23 9.41 -51.86
C LYS B 413 -0.21 7.85 -51.82
N PHE B 414 -0.79 7.26 -50.77
CA PHE B 414 -0.87 5.82 -50.67
C PHE B 414 -2.07 5.36 -51.50
N VAL B 415 -1.92 4.37 -52.37
CA VAL B 415 -3.09 3.90 -53.12
C VAL B 415 -3.39 2.41 -52.79
N ALA B 416 -4.63 2.14 -52.37
CA ALA B 416 -5.15 0.76 -52.21
C ALA B 416 -6.41 0.55 -53.06
N LYS B 417 -6.39 -0.46 -53.93
CA LYS B 417 -7.55 -0.79 -54.78
C LYS B 417 -7.84 -2.29 -54.74
N ILE B 418 -9.11 -2.64 -54.50
CA ILE B 418 -9.60 -4.01 -54.61
C ILE B 418 -10.56 -4.10 -55.80
N VAL B 419 -10.39 -5.16 -56.58
CA VAL B 419 -11.15 -5.39 -57.79
C VAL B 419 -11.90 -6.67 -57.56
N THR B 420 -13.24 -6.62 -57.69
CA THR B 420 -14.04 -7.82 -57.44
C THR B 420 -14.91 -8.26 -58.61
N ASN B 421 -15.24 -9.55 -58.61
CA ASN B 421 -16.38 -10.00 -59.35
C ASN B 421 -17.59 -9.59 -58.53
N HIS B 422 -18.24 -8.50 -58.92
CA HIS B 422 -19.39 -8.02 -58.19
C HIS B 422 -20.57 -9.00 -58.13
N SER B 423 -20.59 -10.03 -58.98
CA SER B 423 -21.67 -11.03 -58.88
C SER B 423 -21.66 -11.83 -57.58
N ASP B 424 -20.51 -12.28 -57.15
CA ASP B 424 -20.44 -13.07 -55.94
C ASP B 424 -19.47 -12.44 -54.92
N GLY B 425 -19.02 -11.23 -55.21
CA GLY B 425 -18.01 -10.58 -54.39
C GLY B 425 -16.60 -11.14 -54.35
N THR B 426 -16.24 -12.08 -55.22
CA THR B 426 -14.88 -12.65 -55.19
C THR B 426 -13.81 -11.58 -55.48
N VAL B 427 -12.76 -11.54 -54.66
CA VAL B 427 -11.65 -10.63 -54.92
C VAL B 427 -10.83 -11.19 -56.03
N LEU B 428 -10.63 -10.39 -57.07
CA LEU B 428 -9.89 -10.82 -58.26
C LEU B 428 -8.48 -10.23 -58.36
N GLY B 429 -8.28 -9.10 -57.71
CA GLY B 429 -7.00 -8.39 -57.76
C GLY B 429 -6.90 -7.40 -56.61
N VAL B 430 -5.67 -7.24 -56.13
CA VAL B 430 -5.39 -6.19 -55.17
C VAL B 430 -4.16 -5.44 -55.62
N HIS B 431 -4.28 -4.10 -55.64
CA HIS B 431 -3.19 -3.22 -56.10
C HIS B 431 -2.90 -2.14 -55.10
N LEU B 432 -1.61 -2.04 -54.75
CA LEU B 432 -1.09 -1.12 -53.73
C LEU B 432 0.10 -0.32 -54.25
N LEU B 433 0.10 0.96 -53.93
CA LEU B 433 1.25 1.84 -54.05
C LEU B 433 1.50 2.59 -52.69
N GLY B 434 2.74 2.65 -52.24
CA GLY B 434 3.07 3.23 -50.94
C GLY B 434 4.12 2.40 -50.18
N ASP B 435 4.79 2.99 -49.18
CA ASP B 435 5.71 2.27 -48.30
C ASP B 435 5.11 0.98 -47.76
N GLY B 436 5.86 -0.11 -47.82
CA GLY B 436 5.37 -1.40 -47.34
C GLY B 436 4.47 -2.14 -48.31
N ALA B 437 4.12 -1.51 -49.43
CA ALA B 437 3.27 -2.22 -50.39
C ALA B 437 3.73 -3.68 -50.74
N PRO B 438 5.02 -3.91 -51.09
CA PRO B 438 5.42 -5.32 -51.34
C PRO B 438 5.27 -6.24 -50.16
N GLU B 439 5.46 -5.72 -48.95
CA GLU B 439 5.27 -6.50 -47.72
C GLU B 439 3.80 -6.77 -47.49
N ILE B 440 2.98 -5.75 -47.66
CA ILE B 440 1.60 -5.89 -47.36
C ILE B 440 0.98 -6.98 -48.22
N ILE B 441 1.50 -7.14 -49.44
CA ILE B 441 0.78 -7.94 -50.45
C ILE B 441 0.94 -9.46 -50.33
N GLN B 442 2.02 -9.91 -49.70
CA GLN B 442 2.29 -11.31 -49.64
C GLN B 442 1.10 -12.06 -49.11
N ALA B 443 0.57 -11.64 -47.97
CA ALA B 443 -0.53 -12.39 -47.35
C ALA B 443 -1.79 -12.26 -48.20
N VAL B 444 -1.79 -11.27 -49.09
CA VAL B 444 -2.98 -11.10 -49.92
C VAL B 444 -2.96 -12.22 -50.97
N GLY B 445 -1.75 -12.56 -51.44
CA GLY B 445 -1.54 -13.77 -52.26
C GLY B 445 -2.23 -15.00 -51.66
N VAL B 446 -2.03 -15.22 -50.36
CA VAL B 446 -2.70 -16.32 -49.66
C VAL B 446 -4.26 -16.17 -49.63
N CYS B 447 -4.74 -14.96 -49.35
CA CYS B 447 -6.19 -14.71 -49.38
C CYS B 447 -6.83 -15.16 -50.67
N LEU B 448 -6.18 -14.84 -51.78
CA LEU B 448 -6.71 -15.18 -53.09
C LEU B 448 -6.69 -16.70 -53.39
N ARG B 449 -5.90 -17.46 -52.64
CA ARG B 449 -5.91 -18.93 -52.73
CA ARG B 449 -5.93 -18.91 -52.76
C ARG B 449 -7.01 -19.50 -51.82
N LEU B 450 -7.72 -18.66 -51.09
CA LEU B 450 -8.73 -19.16 -50.14
C LEU B 450 -10.09 -18.65 -50.57
N ASN B 451 -10.14 -18.25 -51.86
CA ASN B 451 -11.24 -17.56 -52.49
CA ASN B 451 -11.37 -17.67 -52.42
C ASN B 451 -11.91 -16.53 -51.54
N ALA B 452 -11.09 -15.53 -51.22
CA ALA B 452 -11.53 -14.44 -50.38
C ALA B 452 -12.50 -13.54 -51.16
N LYS B 453 -13.50 -13.06 -50.43
CA LYS B 453 -14.45 -12.12 -50.92
C LYS B 453 -14.25 -10.77 -50.26
N ILE B 454 -14.77 -9.72 -50.88
CA ILE B 454 -14.69 -8.39 -50.29
C ILE B 454 -15.15 -8.36 -48.80
N SER B 455 -16.23 -9.03 -48.48
CA SER B 455 -16.69 -9.12 -47.07
C SER B 455 -15.72 -9.85 -46.16
N ASP B 456 -14.91 -10.78 -46.68
CA ASP B 456 -13.92 -11.40 -45.83
C ASP B 456 -12.87 -10.36 -45.44
N PHE B 457 -12.61 -9.44 -46.35
CA PHE B 457 -11.63 -8.43 -46.08
C PHE B 457 -12.18 -7.42 -45.09
N TYR B 458 -13.38 -6.95 -45.43
CA TYR B 458 -14.12 -5.99 -44.60
CA TYR B 458 -14.04 -5.97 -44.55
C TYR B 458 -14.50 -6.49 -43.18
N ASN B 459 -14.87 -7.76 -43.04
CA ASN B 459 -15.23 -8.26 -41.68
C ASN B 459 -14.00 -8.52 -40.80
N THR B 460 -12.80 -8.52 -41.40
CA THR B 460 -11.59 -8.71 -40.61
C THR B 460 -11.25 -7.45 -39.79
N ILE B 461 -10.77 -7.62 -38.57
CA ILE B 461 -10.44 -6.47 -37.73
C ILE B 461 -9.07 -5.90 -38.16
N GLY B 462 -9.03 -4.58 -38.38
CA GLY B 462 -7.83 -3.89 -38.79
C GLY B 462 -6.77 -3.87 -37.69
N VAL B 463 -5.52 -3.69 -38.12
CA VAL B 463 -4.42 -3.47 -37.21
C VAL B 463 -4.16 -2.02 -37.33
N HIS B 464 -4.09 -1.32 -36.20
CA HIS B 464 -4.12 0.15 -36.28
C HIS B 464 -3.05 0.75 -35.39
N PRO B 465 -2.29 1.72 -35.93
CA PRO B 465 -2.39 2.34 -37.25
C PRO B 465 -1.40 1.76 -38.30
N THR B 466 -1.90 1.43 -39.49
CA THR B 466 -1.06 0.88 -40.55
C THR B 466 -1.68 1.38 -41.85
N SER B 467 -0.92 1.34 -42.96
CA SER B 467 -1.49 1.45 -44.30
C SER B 467 -2.36 0.23 -44.63
N ALA B 468 -1.89 -0.98 -44.29
CA ALA B 468 -2.59 -2.21 -44.63
C ALA B 468 -4.06 -2.21 -44.17
N GLU B 469 -4.38 -1.59 -43.04
CA GLU B 469 -5.73 -1.70 -42.51
C GLU B 469 -6.74 -1.09 -43.51
N GLU B 470 -6.23 -0.33 -44.47
CA GLU B 470 -7.09 0.24 -45.52
C GLU B 470 -7.81 -0.86 -46.28
N LEU B 471 -7.15 -2.02 -46.44
CA LEU B 471 -7.76 -3.19 -47.09
C LEU B 471 -8.97 -3.80 -46.38
N CYS B 472 -9.09 -3.56 -45.07
CA CYS B 472 -10.18 -4.08 -44.30
C CYS B 472 -11.19 -2.98 -43.90
N SER B 473 -11.19 -1.87 -44.63
CA SER B 473 -12.07 -0.76 -44.36
C SER B 473 -12.95 -0.42 -45.52
N MET B 474 -12.81 -1.12 -46.64
CA MET B 474 -13.58 -0.74 -47.84
C MET B 474 -14.83 -1.60 -47.98
N ARG B 475 -15.99 -0.92 -47.91
CA ARG B 475 -17.30 -1.53 -47.79
C ARG B 475 -18.05 -1.38 -49.11
N THR B 476 -17.78 -0.26 -49.79
CA THR B 476 -18.60 0.32 -50.83
C THR B 476 -17.81 0.66 -52.12
N PRO B 477 -18.23 0.11 -53.26
CA PRO B 477 -17.45 0.35 -54.47
C PRO B 477 -17.37 1.83 -54.87
N SER B 478 -16.20 2.25 -55.34
CA SER B 478 -16.01 3.56 -55.94
C SER B 478 -16.61 3.61 -57.35
N TYR B 479 -16.51 2.54 -58.11
CA TYR B 479 -17.17 2.47 -59.43
C TYR B 479 -17.24 1.02 -59.89
N TYR B 480 -17.67 0.82 -61.14
CA TYR B 480 -17.98 -0.49 -61.68
C TYR B 480 -17.56 -0.59 -63.13
N TYR B 481 -17.43 -1.82 -63.63
CA TYR B 481 -17.43 -2.06 -65.06
C TYR B 481 -18.61 -2.99 -65.29
N VAL B 482 -19.53 -2.60 -66.18
CA VAL B 482 -20.63 -3.49 -66.67
C VAL B 482 -20.46 -3.80 -68.16
N LYS B 483 -20.33 -5.08 -68.48
CA LYS B 483 -20.08 -5.49 -69.86
C LYS B 483 -18.84 -4.81 -70.45
N GLY B 484 -17.92 -4.41 -69.59
CA GLY B 484 -16.69 -3.76 -70.06
C GLY B 484 -16.76 -2.24 -70.08
N GLU B 485 -17.90 -1.66 -69.73
CA GLU B 485 -17.96 -0.21 -69.69
C GLU B 485 -17.95 0.34 -68.25
N LYS B 486 -17.15 1.37 -68.05
CA LYS B 486 -16.89 1.96 -66.76
C LYS B 486 -17.99 2.99 -66.45
N MET B 487 -18.67 2.77 -65.34
CA MET B 487 -19.75 3.68 -64.90
C MET B 487 -19.68 3.79 -63.39
N GLU B 488 -20.12 4.94 -62.87
CA GLU B 488 -19.95 5.19 -61.46
C GLU B 488 -20.94 4.43 -60.57
N LYS B 489 -22.15 4.23 -61.09
CA LYS B 489 -23.20 3.52 -60.39
C LYS B 489 -23.70 2.37 -61.24
N LEU B 490 -24.37 1.41 -60.60
CA LEU B 490 -24.92 0.25 -61.30
C LEU B 490 -26.21 0.58 -62.07
N PRO B 491 -26.55 -0.25 -63.10
CA PRO B 491 -27.95 -0.38 -63.61
C PRO B 491 -28.81 -1.42 -62.82
N ASP B 492 -28.83 -1.28 -61.49
CA ASP B 492 -29.69 -1.99 -60.50
C ASP B 492 -31.03 -2.48 -61.02
N SER C 5 13.78 -35.86 21.67
CA SER C 5 14.62 -34.78 22.27
C SER C 5 14.27 -33.47 21.57
N LYS C 6 14.55 -33.41 20.26
CA LYS C 6 14.19 -32.24 19.43
C LYS C 6 12.69 -32.21 19.12
N ALA C 7 11.94 -33.06 19.82
CA ALA C 7 10.48 -33.05 19.80
C ALA C 7 9.94 -32.57 21.17
N PHE C 8 8.93 -31.70 21.11
CA PHE C 8 8.38 -31.01 22.28
C PHE C 8 6.86 -31.06 22.23
N ASP C 9 6.23 -31.04 23.39
CA ASP C 9 4.79 -30.91 23.42
C ASP C 9 4.37 -29.54 22.83
N LEU C 10 5.21 -28.53 23.04
CA LEU C 10 4.87 -27.15 22.67
C LEU C 10 6.09 -26.35 22.30
N VAL C 11 5.97 -25.63 21.18
CA VAL C 11 6.97 -24.62 20.80
C VAL C 11 6.37 -23.22 20.77
N VAL C 12 7.02 -22.35 21.53
CA VAL C 12 6.61 -20.96 21.61
C VAL C 12 7.62 -20.13 20.84
N ILE C 13 7.16 -19.46 19.80
CA ILE C 13 7.99 -18.42 19.19
C ILE C 13 7.66 -17.07 19.85
N GLY C 14 8.65 -16.59 20.64
CA GLY C 14 8.58 -15.31 21.36
C GLY C 14 8.52 -15.51 22.87
N ALA C 15 9.62 -15.21 23.55
CA ALA C 15 9.67 -15.41 25.01
C ALA C 15 9.13 -14.19 25.81
N GLY C 16 7.86 -13.86 25.59
CA GLY C 16 7.31 -12.61 26.10
C GLY C 16 6.21 -12.79 27.10
N SER C 17 5.42 -11.74 27.30
CA SER C 17 4.33 -11.79 28.25
C SER C 17 3.49 -13.01 28.04
N GLY C 18 2.96 -13.20 26.83
CA GLY C 18 1.97 -14.25 26.55
C GLY C 18 2.64 -15.60 26.44
N GLY C 19 3.76 -15.64 25.71
CA GLY C 19 4.50 -16.88 25.50
C GLY C 19 5.09 -17.52 26.74
N LEU C 20 5.68 -16.70 27.62
CA LEU C 20 6.30 -17.24 28.82
C LEU C 20 5.25 -17.71 29.82
N GLU C 21 4.10 -17.06 29.86
CA GLU C 21 3.03 -17.58 30.70
C GLU C 21 2.59 -18.96 30.24
N ALA C 22 2.38 -19.10 28.92
CA ALA C 22 2.01 -20.37 28.29
C ALA C 22 3.12 -21.39 28.42
N GLY C 23 4.36 -21.00 28.14
CA GLY C 23 5.49 -21.89 28.35
C GLY C 23 5.62 -22.41 29.78
N TRP C 24 5.37 -21.54 30.77
CA TRP C 24 5.52 -21.96 32.16
C TRP C 24 4.33 -22.81 32.70
N ASN C 25 3.10 -22.49 32.31
CA ASN C 25 1.96 -23.27 32.75
C ASN C 25 2.01 -24.69 32.19
N ALA C 26 2.56 -24.82 30.99
CA ALA C 26 2.51 -26.09 30.31
C ALA C 26 3.52 -27.01 30.95
N ALA C 27 4.74 -26.55 31.17
CA ALA C 27 5.76 -27.33 31.83
C ALA C 27 5.52 -27.58 33.35
N THR C 28 4.96 -26.62 34.08
CA THR C 28 4.96 -26.76 35.54
C THR C 28 3.65 -27.27 36.03
N LEU C 29 2.56 -26.92 35.36
CA LEU C 29 1.26 -27.35 35.85
C LEU C 29 0.77 -28.59 35.11
N TYR C 30 1.45 -28.95 34.02
CA TYR C 30 1.04 -30.12 33.24
C TYR C 30 2.15 -31.13 32.85
N GLY C 31 3.42 -30.87 33.20
CA GLY C 31 4.51 -31.80 32.85
C GLY C 31 4.85 -31.91 31.36
N LYS C 32 4.43 -30.95 30.56
CA LYS C 32 4.80 -30.97 29.15
C LYS C 32 6.23 -30.54 28.90
N ARG C 33 6.80 -31.05 27.82
CA ARG C 33 8.14 -30.70 27.35
CA ARG C 33 8.14 -30.61 27.44
C ARG C 33 7.97 -29.42 26.52
N VAL C 34 8.66 -28.33 26.88
CA VAL C 34 8.36 -27.06 26.24
C VAL C 34 9.59 -26.39 25.69
N ALA C 35 9.49 -25.92 24.46
CA ALA C 35 10.55 -25.06 23.91
C ALA C 35 10.04 -23.63 23.67
N VAL C 36 10.86 -22.65 24.06
CA VAL C 36 10.57 -21.23 23.79
C VAL C 36 11.77 -20.59 23.08
N VAL C 37 11.48 -19.83 22.02
CA VAL C 37 12.51 -19.23 21.18
C VAL C 37 12.44 -17.70 21.29
N ASP C 38 13.60 -17.06 21.45
CA ASP C 38 13.69 -15.62 21.39
C ASP C 38 15.07 -15.23 20.84
N VAL C 39 15.16 -14.00 20.35
CA VAL C 39 16.34 -13.53 19.60
C VAL C 39 17.55 -13.04 20.43
N GLN C 40 17.33 -12.82 21.73
CA GLN C 40 18.30 -12.16 22.55
C GLN C 40 17.98 -12.54 23.98
N THR C 41 19.02 -12.64 24.81
CA THR C 41 18.83 -13.15 26.17
C THR C 41 18.64 -12.00 27.16
N SER C 42 19.04 -10.79 26.77
CA SER C 42 18.77 -9.62 27.58
C SER C 42 18.44 -8.39 26.73
N HIS C 43 18.09 -7.29 27.40
CA HIS C 43 17.54 -6.11 26.74
C HIS C 43 18.55 -5.33 25.89
N GLY C 44 18.05 -4.65 24.89
CA GLY C 44 18.78 -3.51 24.33
C GLY C 44 19.11 -3.75 22.87
N PRO C 45 19.82 -2.81 22.26
CA PRO C 45 20.30 -3.03 20.86
C PRO C 45 21.13 -4.31 20.74
N PRO C 46 21.09 -4.97 19.57
CA PRO C 46 20.39 -4.60 18.34
C PRO C 46 18.90 -4.87 18.29
N PHE C 47 18.39 -5.84 19.04
CA PHE C 47 17.00 -6.30 18.83
C PHE C 47 15.95 -5.78 19.80
N TYR C 48 16.43 -5.08 20.85
CA TYR C 48 15.62 -4.33 21.86
C TYR C 48 14.77 -5.19 22.81
N ALA C 49 13.69 -5.80 22.27
CA ALA C 49 12.98 -6.90 22.94
C ALA C 49 13.89 -8.11 23.00
N ALA C 50 13.61 -9.00 23.96
CA ALA C 50 14.44 -10.16 24.28
C ALA C 50 13.67 -11.02 25.23
N LEU C 51 14.35 -12.00 25.84
CA LEU C 51 13.75 -12.84 26.88
C LEU C 51 13.09 -11.98 27.95
N GLY C 52 11.82 -12.24 28.23
CA GLY C 52 11.00 -11.31 29.01
C GLY C 52 9.90 -10.65 28.17
N GLY C 53 10.20 -10.37 26.91
CA GLY C 53 9.24 -9.71 26.05
C GLY C 53 9.40 -8.20 25.98
N THR C 54 8.42 -7.56 25.40
CA THR C 54 8.47 -6.13 25.19
C THR C 54 8.28 -5.30 26.49
N CYS C 55 7.35 -5.77 27.31
CA CYS C 55 7.00 -5.09 28.53
C CYS C 55 8.23 -5.00 29.46
N VAL C 56 8.91 -6.13 29.62
CA VAL C 56 10.06 -6.21 30.52
C VAL C 56 11.24 -5.40 29.98
N ASN C 57 11.45 -5.47 28.66
CA ASN C 57 12.67 -4.94 28.10
C ASN C 57 12.55 -3.51 27.56
N VAL C 58 11.44 -3.20 26.92
CA VAL C 58 11.35 -1.90 26.29
C VAL C 58 9.88 -1.48 26.28
N GLY C 59 9.26 -1.58 27.46
CA GLY C 59 7.83 -1.31 27.58
C GLY C 59 7.40 -0.95 29.00
N CYS C 60 6.39 -1.64 29.51
CA CYS C 60 5.75 -1.22 30.76
C CYS C 60 6.76 -1.06 31.88
N VAL C 61 7.70 -1.99 32.00
CA VAL C 61 8.54 -2.02 33.20
C VAL C 61 9.52 -0.86 33.17
N PRO C 62 10.40 -0.76 32.14
CA PRO C 62 11.29 0.42 32.17
C PRO C 62 10.59 1.79 32.10
N LYS C 63 9.44 1.88 31.42
CA LYS C 63 8.81 3.21 31.27
C LYS C 63 8.21 3.71 32.59
N LYS C 64 7.60 2.79 33.34
CA LYS C 64 7.12 3.09 34.68
C LYS C 64 8.27 3.60 35.58
N LEU C 65 9.45 2.98 35.50
CA LEU C 65 10.59 3.51 36.28
C LEU C 65 10.94 4.93 35.83
N MET C 66 10.94 5.14 34.52
CA MET C 66 11.30 6.43 33.99
C MET C 66 10.25 7.53 34.24
N VAL C 67 8.95 7.18 34.22
CA VAL C 67 7.91 8.14 34.58
C VAL C 67 8.04 8.41 36.10
N THR C 68 8.27 7.36 36.90
CA THR C 68 8.58 7.56 38.29
C THR C 68 9.72 8.58 38.46
N GLY C 69 10.80 8.48 37.66
CA GLY C 69 11.89 9.46 37.71
C GLY C 69 11.42 10.86 37.35
N ALA C 70 10.64 10.95 36.27
CA ALA C 70 10.05 12.23 35.85
C ALA C 70 9.13 12.91 36.90
N GLN C 71 8.38 12.12 37.66
CA GLN C 71 7.51 12.71 38.71
C GLN C 71 8.28 13.59 39.74
N TYR C 72 9.55 13.26 40.04
CA TYR C 72 10.34 14.12 40.95
C TYR C 72 10.52 15.58 40.47
N MET C 73 10.41 15.85 39.18
CA MET C 73 10.37 17.26 38.75
C MET C 73 9.25 17.97 39.50
N ASP C 74 8.09 17.36 39.53
CA ASP C 74 6.95 17.91 40.28
C ASP C 74 7.16 17.86 41.79
N HIS C 75 7.58 16.72 42.30
CA HIS C 75 7.80 16.59 43.71
C HIS C 75 8.76 17.67 44.25
N LEU C 76 9.88 17.92 43.57
CA LEU C 76 10.86 18.82 44.15
C LEU C 76 10.23 20.19 44.28
N ARG C 77 9.51 20.63 43.25
CA ARG C 77 8.86 21.94 43.23
C ARG C 77 7.70 22.03 44.26
N GLU C 78 6.83 21.03 44.24
CA GLU C 78 5.66 20.97 45.14
C GLU C 78 6.00 20.92 46.63
N SER C 79 7.20 20.44 46.96
CA SER C 79 7.74 20.40 48.35
C SER C 79 7.84 21.77 49.07
N ALA C 80 8.10 22.85 48.32
CA ALA C 80 8.21 24.20 48.89
C ALA C 80 6.94 24.64 49.66
N GLY C 81 5.78 24.26 49.10
CA GLY C 81 4.46 24.59 49.66
C GLY C 81 4.25 23.92 50.98
N PHE C 82 5.10 22.94 51.31
CA PHE C 82 4.88 22.17 52.53
C PHE C 82 5.98 22.45 53.50
N GLY C 83 6.74 23.49 53.20
CA GLY C 83 7.77 24.00 54.11
C GLY C 83 9.18 23.48 53.81
N TRP C 84 9.38 22.82 52.67
CA TRP C 84 10.72 22.28 52.35
C TRP C 84 11.57 23.33 51.67
N GLU C 85 12.81 23.44 52.14
CA GLU C 85 13.68 24.49 51.65
C GLU C 85 14.99 23.86 51.26
N PHE C 86 15.46 24.20 50.07
CA PHE C 86 16.74 23.75 49.59
C PHE C 86 17.12 24.64 48.41
N ASP C 87 18.36 24.52 47.94
CA ASP C 87 18.92 25.36 46.86
C ASP C 87 18.34 24.93 45.51
N GLY C 88 17.24 25.55 45.10
CA GLY C 88 16.64 25.23 43.80
C GLY C 88 17.58 25.30 42.60
N SER C 89 18.54 26.20 42.63
CA SER C 89 19.44 26.37 41.53
C SER C 89 20.51 25.26 41.47
N SER C 90 20.60 24.40 42.48
CA SER C 90 21.55 23.26 42.40
C SER C 90 20.89 22.00 41.78
N VAL C 91 19.62 22.12 41.43
CA VAL C 91 18.86 20.96 40.95
C VAL C 91 19.26 20.62 39.53
N LYS C 92 19.57 19.35 39.32
CA LYS C 92 19.84 18.86 37.99
C LYS C 92 19.23 17.45 37.86
N ALA C 93 18.69 17.16 36.67
CA ALA C 93 18.13 15.86 36.35
C ALA C 93 19.11 15.07 35.51
N ASN C 94 19.68 14.02 36.09
CA ASN C 94 20.73 13.26 35.43
C ASN C 94 20.20 12.02 34.71
N TRP C 95 19.91 12.21 33.41
CA TRP C 95 19.40 11.16 32.54
C TRP C 95 20.30 9.89 32.51
N LYS C 96 21.62 10.05 32.36
CA LYS C 96 22.51 8.88 32.30
C LYS C 96 22.37 8.00 33.53
N LYS C 97 22.22 8.63 34.71
CA LYS C 97 21.96 7.90 35.95
C LYS C 97 20.67 7.07 35.89
N LEU C 98 19.58 7.73 35.48
CA LEU C 98 18.27 7.07 35.23
C LEU C 98 18.34 5.86 34.27
N ILE C 99 19.00 6.04 33.13
CA ILE C 99 19.07 4.99 32.14
C ILE C 99 19.92 3.80 32.65
N ALA C 100 21.03 4.11 33.31
CA ALA C 100 21.87 3.09 33.98
C ALA C 100 21.12 2.32 35.09
N ALA C 101 20.36 3.04 35.92
CA ALA C 101 19.49 2.35 36.92
C ALA C 101 18.38 1.53 36.26
N LYS C 102 17.72 2.08 35.24
CA LYS C 102 16.75 1.28 34.48
C LYS C 102 17.37 -0.01 33.85
N ASN C 103 18.53 0.14 33.20
CA ASN C 103 19.29 -0.94 32.54
C ASN C 103 19.66 -2.05 33.51
N GLU C 104 20.18 -1.68 34.66
CA GLU C 104 20.46 -2.65 35.72
C GLU C 104 19.19 -3.41 36.16
N ALA C 105 18.11 -2.72 36.50
CA ALA C 105 16.91 -3.42 36.93
C ALA C 105 16.39 -4.37 35.86
N VAL C 106 16.36 -3.90 34.61
CA VAL C 106 15.86 -4.76 33.53
C VAL C 106 16.74 -6.01 33.34
N LEU C 107 18.04 -5.81 33.30
CA LEU C 107 19.02 -6.90 33.24
C LEU C 107 18.82 -7.94 34.36
N ASP C 108 18.56 -7.48 35.59
CA ASP C 108 18.22 -8.39 36.70
C ASP C 108 17.03 -9.26 36.39
N ILE C 109 16.02 -8.71 35.73
CA ILE C 109 14.85 -9.49 35.32
C ILE C 109 15.16 -10.49 34.22
N ASN C 110 15.92 -10.08 33.19
CA ASN C 110 16.43 -11.00 32.14
C ASN C 110 17.11 -12.21 32.75
N LYS C 111 18.07 -11.93 33.66
CA LYS C 111 18.91 -12.90 34.33
C LYS C 111 18.14 -13.86 35.22
N SER C 112 17.10 -13.34 35.84
CA SER C 112 16.31 -14.17 36.70
C SER C 112 15.36 -15.00 35.86
N TYR C 113 15.03 -14.53 34.68
CA TYR C 113 14.25 -15.34 33.73
C TYR C 113 15.11 -16.46 33.11
N GLU C 114 16.36 -16.13 32.78
CA GLU C 114 17.39 -17.13 32.50
C GLU C 114 17.57 -18.16 33.60
N GLY C 115 17.69 -17.73 34.86
CA GLY C 115 17.67 -18.67 35.98
C GLY C 115 16.51 -19.69 35.98
N MET C 116 15.28 -19.21 35.86
CA MET C 116 14.10 -20.07 35.93
C MET C 116 14.03 -21.10 34.81
N PHE C 117 14.67 -20.83 33.69
CA PHE C 117 14.72 -21.82 32.63
C PHE C 117 15.71 -22.91 33.07
N ASN C 118 16.96 -22.51 33.29
CA ASN C 118 18.01 -23.39 33.76
C ASN C 118 17.57 -24.28 34.93
N ASP C 119 16.74 -23.75 35.83
CA ASP C 119 16.33 -24.51 37.02
C ASP C 119 15.04 -25.30 36.79
N THR C 120 14.38 -25.10 35.65
CA THR C 120 13.10 -25.76 35.41
C THR C 120 13.22 -26.84 34.35
N GLU C 121 12.84 -28.06 34.76
CA GLU C 121 12.85 -29.27 33.94
C GLU C 121 11.75 -29.23 32.87
N GLY C 122 12.13 -29.58 31.63
CA GLY C 122 11.18 -29.64 30.52
C GLY C 122 10.68 -28.28 30.06
N LEU C 123 11.40 -27.23 30.46
CA LEU C 123 11.19 -25.87 29.96
C LEU C 123 12.53 -25.42 29.42
N ASP C 124 12.62 -25.39 28.10
CA ASP C 124 13.89 -25.08 27.44
C ASP C 124 13.84 -23.78 26.61
N PHE C 125 14.94 -23.06 26.59
CA PHE C 125 14.97 -21.80 25.86
C PHE C 125 15.97 -21.92 24.72
N PHE C 126 15.58 -21.44 23.53
CA PHE C 126 16.47 -21.43 22.36
C PHE C 126 16.78 -20.03 21.78
N LEU C 127 18.07 -19.73 21.66
CA LEU C 127 18.54 -18.48 21.09
C LEU C 127 18.50 -18.43 19.52
N GLY C 128 17.73 -17.48 18.98
CA GLY C 128 17.76 -17.18 17.56
C GLY C 128 16.39 -16.83 17.03
N TRP C 129 16.23 -16.95 15.71
CA TRP C 129 15.03 -16.50 15.05
C TRP C 129 14.16 -17.65 14.62
N GLY C 130 12.98 -17.72 15.23
CA GLY C 130 12.00 -18.74 14.92
C GLY C 130 11.12 -18.43 13.73
N SER C 131 10.84 -19.46 12.91
CA SER C 131 10.00 -19.39 11.71
C SER C 131 9.34 -20.74 11.57
N LEU C 132 8.18 -20.78 10.93
CA LEU C 132 7.46 -22.03 10.64
C LEU C 132 7.95 -22.71 9.34
N GLU C 133 8.67 -23.83 9.46
CA GLU C 133 9.12 -24.61 8.26
C GLU C 133 8.01 -25.51 7.71
N SER C 134 7.41 -26.33 8.58
CA SER C 134 6.22 -27.12 8.26
C SER C 134 5.28 -27.18 9.46
N LYS C 135 4.06 -27.65 9.24
CA LYS C 135 3.02 -27.65 10.27
C LYS C 135 3.48 -28.05 11.67
N ASN C 136 4.38 -29.01 11.77
CA ASN C 136 4.89 -29.44 13.08
C ASN C 136 6.39 -29.29 13.16
N VAL C 137 6.90 -28.29 12.47
CA VAL C 137 8.30 -27.99 12.53
C VAL C 137 8.51 -26.48 12.70
N VAL C 138 9.30 -26.10 13.69
CA VAL C 138 9.69 -24.73 13.86
C VAL C 138 11.22 -24.64 13.63
N VAL C 139 11.68 -23.83 12.68
CA VAL C 139 13.13 -23.63 12.51
C VAL C 139 13.67 -22.46 13.34
N VAL C 140 14.80 -22.66 13.98
CA VAL C 140 15.50 -21.55 14.58
C VAL C 140 16.69 -21.22 13.67
N ARG C 141 16.72 -20.00 13.13
CA ARG C 141 17.87 -19.54 12.34
C ARG C 141 18.74 -18.50 13.04
N GLU C 142 19.91 -18.26 12.48
CA GLU C 142 20.92 -17.33 13.00
C GLU C 142 20.42 -15.88 13.03
N THR C 143 19.92 -15.42 11.89
CA THR C 143 19.26 -14.12 11.81
C THR C 143 17.82 -14.20 11.33
N ALA C 144 17.26 -13.02 11.11
CA ALA C 144 15.89 -12.84 10.66
C ALA C 144 15.78 -13.11 9.14
N ASP C 145 16.94 -13.22 8.49
CA ASP C 145 17.03 -13.62 7.08
C ASP C 145 16.77 -15.12 6.90
N PRO C 146 15.74 -15.47 6.11
CA PRO C 146 15.31 -16.86 5.83
C PRO C 146 16.47 -17.74 5.35
N LYS C 147 17.48 -17.12 4.77
CA LYS C 147 18.52 -17.83 4.05
C LYS C 147 19.80 -17.98 4.85
N SER C 148 19.69 -17.84 6.17
CA SER C 148 20.87 -17.92 7.04
C SER C 148 20.91 -19.25 7.78
N ALA C 149 22.08 -19.59 8.32
CA ALA C 149 22.32 -20.93 8.86
C ALA C 149 21.21 -21.30 9.81
N VAL C 150 20.73 -22.54 9.68
CA VAL C 150 19.82 -23.13 10.63
C VAL C 150 20.60 -23.39 11.93
N LYS C 151 19.94 -23.20 13.07
CA LYS C 151 20.56 -23.43 14.38
C LYS C 151 19.93 -24.67 15.02
N GLU C 152 18.66 -24.90 14.68
CA GLU C 152 17.85 -26.00 15.24
C GLU C 152 16.61 -26.19 14.38
N ARG C 153 16.08 -27.41 14.41
CA ARG C 153 14.67 -27.67 14.05
C ARG C 153 14.11 -28.43 15.22
N LEU C 154 12.95 -27.97 15.65
CA LEU C 154 12.28 -28.55 16.79
C LEU C 154 10.93 -29.08 16.28
N GLN C 155 10.63 -30.33 16.62
CA GLN C 155 9.39 -30.96 16.17
C GLN C 155 8.34 -30.55 17.18
N ALA C 156 7.17 -30.18 16.72
CA ALA C 156 6.20 -29.61 17.64
C ALA C 156 4.85 -30.25 17.55
N ASP C 157 4.41 -30.84 18.66
CA ASP C 157 3.02 -31.24 18.77
C ASP C 157 2.13 -30.01 18.57
N HIS C 158 2.31 -29.00 19.42
CA HIS C 158 1.58 -27.72 19.35
C HIS C 158 2.51 -26.49 19.23
N ILE C 159 2.11 -25.51 18.40
CA ILE C 159 2.91 -24.30 18.15
C ILE C 159 2.20 -23.02 18.58
N LEU C 160 2.89 -22.22 19.41
CA LEU C 160 2.38 -20.90 19.83
C LEU C 160 3.19 -19.75 19.21
N LEU C 161 2.47 -18.90 18.48
CA LEU C 161 3.03 -17.67 17.94
C LEU C 161 2.77 -16.56 18.97
N ALA C 162 3.86 -15.93 19.44
CA ALA C 162 3.82 -14.86 20.46
C ALA C 162 4.99 -13.87 20.25
N THR C 163 5.12 -13.40 19.01
CA THR C 163 6.22 -12.53 18.61
C THR C 163 5.88 -11.05 18.89
N GLY C 164 4.63 -10.77 19.30
CA GLY C 164 4.24 -9.42 19.71
C GLY C 164 4.14 -8.43 18.57
N SER C 165 4.49 -7.19 18.85
CA SER C 165 4.32 -6.14 17.85
C SER C 165 5.60 -5.30 17.67
N TRP C 166 5.52 -4.21 16.89
CA TRP C 166 6.70 -3.43 16.50
C TRP C 166 6.28 -2.03 16.10
N PRO C 167 7.16 -1.03 16.31
CA PRO C 167 6.69 0.32 16.07
C PRO C 167 6.34 0.51 14.62
N GLN C 168 5.24 1.18 14.34
CA GLN C 168 4.88 1.53 13.01
C GLN C 168 5.59 2.82 12.61
N MET C 169 6.31 2.79 11.50
CA MET C 169 7.06 3.93 10.98
C MET C 169 6.45 4.30 9.62
N PRO C 170 5.78 5.48 9.50
CA PRO C 170 5.20 5.89 8.19
C PRO C 170 6.24 6.17 7.08
N ALA C 171 5.89 5.79 5.86
CA ALA C 171 6.73 5.97 4.69
C ALA C 171 6.84 7.44 4.19
N ILE C 172 7.24 8.36 5.06
CA ILE C 172 7.55 9.72 4.65
C ILE C 172 9.04 9.83 4.27
N PRO C 173 9.40 10.81 3.42
CA PRO C 173 10.84 10.96 3.14
C PRO C 173 11.59 11.41 4.40
N GLY C 174 12.71 10.75 4.72
CA GLY C 174 13.47 11.07 5.93
C GLY C 174 13.03 10.34 7.20
N ILE C 175 12.10 9.38 7.05
CA ILE C 175 11.73 8.48 8.13
C ILE C 175 12.95 7.86 8.84
N GLU C 176 14.02 7.62 8.08
CA GLU C 176 15.22 6.97 8.60
C GLU C 176 15.99 7.85 9.60
N HIS C 177 15.68 9.15 9.64
CA HIS C 177 16.27 10.02 10.63
C HIS C 177 15.47 10.10 11.95
N CYS C 178 14.38 9.31 12.05
CA CYS C 178 13.50 9.32 13.20
C CYS C 178 13.79 8.09 14.01
N ILE C 179 13.49 8.14 15.31
CA ILE C 179 13.58 6.94 16.10
C ILE C 179 12.17 6.44 16.53
N SER C 180 12.16 5.34 17.27
CA SER C 180 10.96 4.84 17.88
C SER C 180 11.22 4.80 19.42
N SER C 181 10.27 4.25 20.18
CA SER C 181 10.44 4.23 21.62
C SER C 181 11.58 3.27 21.94
N ASN C 182 11.83 2.30 21.05
CA ASN C 182 12.95 1.38 21.29
C ASN C 182 14.26 2.16 21.50
N GLU C 183 14.56 3.10 20.59
CA GLU C 183 15.82 3.82 20.69
C GLU C 183 15.72 4.82 21.82
N ALA C 184 14.48 5.28 22.08
CA ALA C 184 14.26 6.31 23.13
C ALA C 184 14.79 5.83 24.48
N PHE C 185 14.62 4.54 24.76
CA PHE C 185 15.11 3.90 26.00
C PHE C 185 16.63 3.91 26.15
N TYR C 186 17.36 4.19 25.05
CA TYR C 186 18.80 4.12 25.09
C TYR C 186 19.52 5.40 24.68
N LEU C 187 18.79 6.50 24.50
CA LEU C 187 19.48 7.75 24.17
C LEU C 187 20.62 8.05 25.19
N PRO C 188 21.83 8.33 24.68
CA PRO C 188 22.95 8.57 25.61
C PRO C 188 22.85 9.90 26.37
N GLU C 189 22.15 10.88 25.79
CA GLU C 189 21.91 12.15 26.45
CA GLU C 189 21.90 12.17 26.43
C GLU C 189 20.42 12.56 26.29
N PRO C 190 19.88 13.34 27.25
CA PRO C 190 18.45 13.65 27.05
C PRO C 190 18.26 14.73 25.98
N PRO C 191 17.29 14.58 25.09
CA PRO C 191 17.26 15.57 24.02
C PRO C 191 16.90 16.97 24.54
N ARG C 192 17.52 18.00 23.98
CA ARG C 192 17.13 19.34 24.35
C ARG C 192 15.81 19.76 23.68
N ARG C 193 15.65 19.39 22.42
CA ARG C 193 14.43 19.63 21.71
C ARG C 193 13.97 18.28 21.20
N VAL C 194 12.73 17.90 21.48
CA VAL C 194 12.21 16.62 21.01
C VAL C 194 10.76 16.74 20.51
N LEU C 195 10.47 16.09 19.37
CA LEU C 195 9.16 16.01 18.81
C LEU C 195 8.67 14.60 18.98
N THR C 196 7.60 14.41 19.79
CA THR C 196 6.95 13.13 19.86
C THR C 196 5.73 13.14 18.96
N VAL C 197 5.68 12.19 18.03
CA VAL C 197 4.67 12.13 16.96
C VAL C 197 3.68 11.01 17.28
N GLY C 198 2.41 11.39 17.48
CA GLY C 198 1.38 10.45 17.96
C GLY C 198 0.55 11.01 19.09
N GLY C 199 -0.72 10.66 19.10
CA GLY C 199 -1.59 11.12 20.18
C GLY C 199 -1.85 10.11 21.28
N GLY C 200 -1.31 8.91 21.06
CA GLY C 200 -1.55 7.74 21.91
C GLY C 200 -0.67 7.70 23.14
N PHE C 201 -0.80 6.62 23.92
CA PHE C 201 -0.16 6.59 25.24
C PHE C 201 1.36 6.58 25.26
N ILE C 202 2.03 5.95 24.28
CA ILE C 202 3.50 5.92 24.25
C ILE C 202 4.08 7.35 24.09
N SER C 203 3.53 8.09 23.14
CA SER C 203 3.90 9.46 22.84
C SER C 203 3.67 10.36 24.03
N VAL C 204 2.43 10.32 24.58
CA VAL C 204 2.10 11.10 25.76
C VAL C 204 3.03 10.77 26.93
N GLU C 205 3.23 9.47 27.21
CA GLU C 205 4.09 9.08 28.34
C GLU C 205 5.53 9.51 28.12
N PHE C 206 6.04 9.32 26.90
CA PHE C 206 7.38 9.73 26.64
C PHE C 206 7.58 11.25 26.66
N ALA C 207 6.59 12.00 26.19
CA ALA C 207 6.63 13.45 26.27
C ALA C 207 6.81 13.88 27.70
N GLY C 208 6.14 13.21 28.65
CA GLY C 208 6.33 13.62 30.04
C GLY C 208 7.70 13.28 30.64
N ILE C 209 8.24 12.11 30.30
CA ILE C 209 9.62 11.77 30.61
C ILE C 209 10.62 12.81 30.08
N PHE C 210 10.56 13.15 28.80
CA PHE C 210 11.57 14.04 28.22
C PHE C 210 11.42 15.42 28.85
N ASN C 211 10.20 15.75 29.28
CA ASN C 211 9.93 17.08 29.77
C ASN C 211 10.66 17.32 31.11
N ALA C 212 10.82 16.25 31.88
CA ALA C 212 11.44 16.32 33.17
C ALA C 212 12.99 16.30 33.08
N TYR C 213 13.52 15.48 32.17
CA TYR C 213 14.95 15.26 32.07
C TYR C 213 15.58 16.21 31.05
N LYS C 214 14.79 17.11 30.47
CA LYS C 214 15.37 18.04 29.49
C LYS C 214 16.39 19.03 30.08
N PRO C 215 17.48 19.32 29.33
CA PRO C 215 18.47 20.31 29.78
C PRO C 215 17.90 21.71 29.66
N PRO C 216 18.55 22.72 30.27
CA PRO C 216 18.14 24.15 30.30
C PRO C 216 17.73 24.67 28.92
N GLY C 217 16.61 25.39 28.84
CA GLY C 217 16.14 25.94 27.56
C GLY C 217 15.49 24.92 26.63
N GLY C 218 15.42 23.66 27.08
CA GLY C 218 14.81 22.59 26.30
C GLY C 218 13.31 22.80 26.13
N LYS C 219 12.75 22.04 25.18
CA LYS C 219 11.33 22.11 24.90
C LYS C 219 10.84 20.80 24.29
N VAL C 220 9.80 20.22 24.91
CA VAL C 220 9.10 19.05 24.34
C VAL C 220 7.86 19.45 23.53
N THR C 221 7.77 18.89 22.31
CA THR C 221 6.56 19.07 21.48
C THR C 221 5.96 17.72 21.17
N LEU C 222 4.64 17.62 21.30
CA LEU C 222 3.94 16.44 20.90
C LEU C 222 3.07 16.84 19.69
N CYS C 223 2.99 16.00 18.66
CA CYS C 223 2.06 16.34 17.59
C CYS C 223 1.06 15.19 17.31
N TYR C 224 -0.11 15.55 16.83
CA TYR C 224 -1.17 14.59 16.59
C TYR C 224 -1.93 15.13 15.41
N ARG C 225 -2.28 14.22 14.51
CA ARG C 225 -2.81 14.62 13.22
C ARG C 225 -4.28 15.05 13.30
N ASN C 226 -4.95 14.66 14.39
CA ASN C 226 -6.31 15.10 14.65
C ASN C 226 -6.39 16.16 15.76
N ASN C 227 -7.62 16.48 16.19
CA ASN C 227 -7.91 17.66 17.00
CA ASN C 227 -7.85 17.69 17.00
C ASN C 227 -7.56 17.47 18.48
N LEU C 228 -7.51 16.21 18.93
CA LEU C 228 -7.42 15.93 20.35
C LEU C 228 -6.75 14.60 20.59
N ILE C 229 -5.70 14.63 21.43
CA ILE C 229 -4.90 13.46 21.75
C ILE C 229 -5.70 12.37 22.51
N LEU C 230 -5.09 11.21 22.72
CA LEU C 230 -5.71 10.14 23.51
C LEU C 230 -7.12 9.78 22.98
N ARG C 231 -7.20 9.56 21.67
CA ARG C 231 -8.38 8.98 21.04
C ARG C 231 -8.70 7.65 21.71
N GLY C 232 -9.99 7.38 21.96
CA GLY C 232 -10.39 6.18 22.73
C GLY C 232 -10.59 6.39 24.24
N PHE C 233 -10.06 7.49 24.77
CA PHE C 233 -10.19 7.77 26.21
C PHE C 233 -11.32 8.75 26.43
N ASP C 234 -11.67 8.95 27.69
CA ASP C 234 -12.76 9.84 28.03
C ASP C 234 -12.49 11.23 27.53
N GLU C 235 -13.51 11.86 26.92
CA GLU C 235 -13.29 13.15 26.28
C GLU C 235 -12.90 14.24 27.28
N THR C 236 -13.62 14.33 28.40
CA THR C 236 -13.25 15.27 29.46
C THR C 236 -11.78 15.11 29.88
N ILE C 237 -11.31 13.86 29.99
CA ILE C 237 -9.96 13.56 30.40
C ILE C 237 -8.95 13.87 29.27
N ARG C 238 -9.31 13.56 28.03
CA ARG C 238 -8.46 13.97 26.93
C ARG C 238 -8.20 15.47 26.94
N GLU C 239 -9.25 16.27 27.13
CA GLU C 239 -9.10 17.73 27.17
C GLU C 239 -8.36 18.13 28.44
N GLU C 240 -8.67 17.47 29.55
CA GLU C 240 -8.06 17.89 30.78
C GLU C 240 -6.54 17.54 30.82
N VAL C 241 -6.16 16.36 30.33
CA VAL C 241 -4.73 15.98 30.34
C VAL C 241 -3.90 16.86 29.44
N THR C 242 -4.47 17.21 28.29
CA THR C 242 -3.93 18.21 27.37
C THR C 242 -3.58 19.53 28.08
N LYS C 243 -4.49 20.04 28.93
CA LYS C 243 -4.25 21.30 29.59
C LYS C 243 -3.18 21.17 30.66
N GLN C 244 -3.11 19.99 31.29
CA GLN C 244 -2.14 19.80 32.38
C GLN C 244 -0.73 19.45 31.85
N LEU C 245 -0.65 18.96 30.61
CA LEU C 245 0.64 18.79 29.99
C LEU C 245 1.14 20.18 29.56
N THR C 246 0.23 20.96 28.99
CA THR C 246 0.57 22.33 28.62
C THR C 246 1.01 23.10 29.86
N ALA C 247 0.37 22.89 31.00
CA ALA C 247 0.75 23.68 32.18
C ALA C 247 2.16 23.30 32.69
N ASN C 248 2.57 22.05 32.44
CA ASN C 248 3.92 21.64 32.77
C ASN C 248 4.96 21.85 31.66
N GLY C 249 4.66 22.72 30.69
CA GLY C 249 5.66 23.16 29.72
C GLY C 249 5.74 22.39 28.39
N ILE C 250 4.93 21.34 28.24
CA ILE C 250 4.93 20.57 27.02
C ILE C 250 4.03 21.27 26.00
N GLU C 251 4.51 21.40 24.78
CA GLU C 251 3.72 21.97 23.69
C GLU C 251 2.91 20.92 22.91
N ILE C 252 1.60 21.11 22.85
CA ILE C 252 0.73 20.13 22.17
C ILE C 252 0.33 20.70 20.83
N MET C 253 0.79 20.08 19.75
CA MET C 253 0.60 20.60 18.41
C MET C 253 -0.42 19.76 17.68
N THR C 254 -1.69 20.02 17.85
CA THR C 254 -2.68 19.20 17.18
C THR C 254 -2.98 19.63 15.74
N ASN C 255 -3.64 18.77 14.98
CA ASN C 255 -3.91 19.06 13.55
C ASN C 255 -2.69 19.21 12.67
N GLU C 256 -1.65 18.44 12.99
CA GLU C 256 -0.37 18.53 12.33
C GLU C 256 0.23 17.14 12.23
N ASN C 257 0.82 16.86 11.06
CA ASN C 257 1.42 15.58 10.72
C ASN C 257 2.70 15.87 9.94
N PRO C 258 3.80 15.22 10.31
CA PRO C 258 5.05 15.35 9.57
C PRO C 258 4.91 14.82 8.13
N ALA C 259 5.30 15.60 7.12
CA ALA C 259 5.32 15.05 5.78
C ALA C 259 6.76 14.72 5.32
N LYS C 260 7.74 15.28 6.02
CA LYS C 260 9.16 15.21 5.61
C LYS C 260 10.07 15.56 6.77
N VAL C 261 11.14 14.78 6.90
CA VAL C 261 12.13 15.00 7.92
C VAL C 261 13.47 15.01 7.23
N SER C 262 14.22 16.08 7.42
CA SER C 262 15.58 16.08 6.86
C SER C 262 16.66 16.38 7.89
N LEU C 263 17.87 15.88 7.61
CA LEU C 263 18.98 15.92 8.56
C LEU C 263 19.86 17.13 8.31
N ASN C 264 20.00 17.94 9.36
CA ASN C 264 20.91 19.08 9.32
C ASN C 264 22.33 18.55 9.49
N THR C 265 23.32 19.28 8.98
CA THR C 265 24.67 18.81 9.11
C THR C 265 25.13 18.75 10.57
N ASP C 266 24.53 19.57 11.43
CA ASP C 266 24.81 19.49 12.86
C ASP C 266 24.11 18.37 13.59
N GLY C 267 23.38 17.52 12.86
CA GLY C 267 22.79 16.29 13.44
C GLY C 267 21.35 16.48 13.86
N SER C 268 20.93 17.72 14.02
CA SER C 268 19.51 17.97 14.32
C SER C 268 18.58 17.64 13.10
N LYS C 269 17.26 17.66 13.35
CA LYS C 269 16.23 17.23 12.39
C LYS C 269 15.30 18.39 12.05
N HIS C 270 15.04 18.58 10.77
CA HIS C 270 14.23 19.67 10.32
C HIS C 270 12.99 19.02 9.74
N VAL C 271 11.89 19.20 10.48
CA VAL C 271 10.62 18.54 10.23
C VAL C 271 9.71 19.50 9.48
N THR C 272 9.24 19.09 8.31
CA THR C 272 8.23 19.86 7.57
C THR C 272 6.94 19.11 7.76
N PHE C 273 5.91 19.84 8.19
CA PHE C 273 4.56 19.29 8.37
C PHE C 273 3.73 19.48 7.10
N GLU C 274 2.65 18.70 6.98
CA GLU C 274 1.66 18.82 5.86
C GLU C 274 1.13 20.25 5.69
N SER C 275 1.00 20.99 6.79
CA SER C 275 0.56 22.39 6.72
C SER C 275 1.63 23.30 6.09
N GLY C 276 2.79 22.74 5.74
CA GLY C 276 3.96 23.59 5.42
C GLY C 276 4.64 24.27 6.62
N LYS C 277 4.10 24.08 7.82
CA LYS C 277 4.81 24.56 9.01
C LYS C 277 6.11 23.70 9.19
N THR C 278 7.17 24.25 9.76
CA THR C 278 8.38 23.45 9.99
C THR C 278 8.77 23.57 11.44
N LEU C 279 9.61 22.64 11.92
CA LEU C 279 10.16 22.67 13.28
C LEU C 279 11.48 21.94 13.33
N ASP C 280 12.44 22.52 14.06
CA ASP C 280 13.75 21.89 14.27
C ASP C 280 13.84 21.28 15.66
N VAL C 281 14.34 20.05 15.72
CA VAL C 281 14.44 19.34 16.98
C VAL C 281 15.67 18.45 16.95
N ASP C 282 16.13 18.03 18.13
CA ASP C 282 17.21 17.08 18.24
C ASP C 282 16.81 15.62 17.99
N VAL C 283 15.58 15.27 18.37
CA VAL C 283 15.07 13.92 18.19
C VAL C 283 13.60 13.96 17.75
N VAL C 284 13.26 13.14 16.74
CA VAL C 284 11.88 12.85 16.38
C VAL C 284 11.58 11.40 16.72
N MET C 285 10.71 11.21 17.73
CA MET C 285 10.30 9.88 18.14
C MET C 285 8.95 9.59 17.51
N MET C 286 8.91 8.63 16.60
CA MET C 286 7.63 8.17 16.01
C MET C 286 6.90 7.18 16.92
N ALA C 287 5.71 7.54 17.36
CA ALA C 287 4.90 6.68 18.21
C ALA C 287 3.47 6.78 17.65
N ILE C 288 3.30 6.50 16.36
CA ILE C 288 1.96 6.64 15.72
C ILE C 288 1.13 5.35 15.76
N GLY C 289 1.73 4.26 16.19
CA GLY C 289 1.06 2.99 16.27
C GLY C 289 2.08 1.87 16.38
N ARG C 290 1.58 0.65 16.52
CA ARG C 290 2.41 -0.56 16.63
C ARG C 290 1.68 -1.63 15.84
N ILE C 291 2.45 -2.35 15.03
CA ILE C 291 1.87 -3.33 14.12
C ILE C 291 2.33 -4.73 14.50
N PRO C 292 1.49 -5.74 14.18
CA PRO C 292 1.80 -7.15 14.48
C PRO C 292 3.08 -7.57 13.81
N ARG C 293 3.96 -8.23 14.56
CA ARG C 293 5.26 -8.67 14.08
C ARG C 293 5.21 -10.05 13.43
N THR C 294 4.82 -10.09 12.16
CA THR C 294 4.52 -11.33 11.48
C THR C 294 5.46 -11.55 10.29
N ASN C 295 6.12 -10.49 9.83
CA ASN C 295 6.99 -10.58 8.63
C ASN C 295 8.09 -11.65 8.60
N ASP C 296 8.70 -11.99 9.76
CA ASP C 296 9.81 -12.92 9.78
C ASP C 296 9.39 -14.36 10.08
N LEU C 297 8.08 -14.58 10.31
CA LEU C 297 7.59 -15.91 10.71
C LEU C 297 7.52 -16.95 9.57
N GLN C 298 7.42 -16.46 8.33
CA GLN C 298 7.36 -17.30 7.13
C GLN C 298 6.02 -18.01 7.16
N LEU C 299 4.99 -17.23 7.47
CA LEU C 299 3.63 -17.76 7.58
C LEU C 299 3.15 -18.44 6.28
N GLY C 300 3.65 -17.97 5.14
CA GLY C 300 3.34 -18.55 3.81
C GLY C 300 3.54 -20.07 3.74
N ASN C 301 4.58 -20.55 4.39
CA ASN C 301 4.94 -21.96 4.36
C ASN C 301 3.86 -22.94 4.85
N VAL C 302 2.84 -22.45 5.57
CA VAL C 302 1.76 -23.30 6.08
C VAL C 302 0.41 -22.61 5.87
N GLY C 303 0.47 -21.35 5.44
CA GLY C 303 -0.76 -20.57 5.12
C GLY C 303 -1.64 -20.13 6.28
N VAL C 304 -1.03 -19.92 7.46
CA VAL C 304 -1.69 -19.28 8.61
C VAL C 304 -2.22 -17.93 8.12
N LYS C 305 -3.51 -17.69 8.33
CA LYS C 305 -4.20 -16.49 7.87
C LYS C 305 -3.94 -15.20 8.70
N LEU C 306 -3.66 -14.10 7.99
CA LEU C 306 -3.60 -12.74 8.52
C LEU C 306 -4.86 -11.94 8.18
N THR C 307 -5.32 -11.05 9.07
CA THR C 307 -6.49 -10.16 8.78
C THR C 307 -6.15 -9.02 7.81
N PRO C 308 -7.19 -8.32 7.27
CA PRO C 308 -6.91 -7.18 6.40
C PRO C 308 -6.03 -6.12 7.08
N LYS C 309 -5.69 -6.35 8.34
CA LYS C 309 -5.01 -5.39 9.21
C LYS C 309 -3.53 -5.74 9.45
N GLY C 310 -3.14 -6.98 9.16
CA GLY C 310 -1.77 -7.44 9.43
C GLY C 310 -1.65 -8.49 10.54
N GLY C 311 -2.67 -8.57 11.40
CA GLY C 311 -2.65 -9.49 12.54
C GLY C 311 -3.03 -10.94 12.20
N VAL C 312 -2.40 -11.91 12.89
CA VAL C 312 -2.80 -13.31 12.79
C VAL C 312 -4.28 -13.45 13.20
N GLN C 313 -5.12 -13.96 12.30
CA GLN C 313 -6.53 -14.18 12.64
C GLN C 313 -6.70 -15.31 13.63
N VAL C 314 -7.58 -15.12 14.61
CA VAL C 314 -7.86 -16.12 15.63
C VAL C 314 -9.34 -16.10 15.98
N ASP C 315 -9.83 -17.24 16.45
CA ASP C 315 -11.13 -17.34 17.12
C ASP C 315 -10.91 -17.06 18.62
N GLU C 316 -11.98 -17.12 19.38
CA GLU C 316 -11.89 -16.84 20.80
C GLU C 316 -10.94 -17.71 21.62
N PHE C 317 -10.56 -18.87 21.09
CA PHE C 317 -9.68 -19.79 21.83
C PHE C 317 -8.26 -19.74 21.30
N SER C 318 -7.95 -18.64 20.62
CA SER C 318 -6.59 -18.38 20.09
C SER C 318 -6.13 -19.33 18.95
N ARG C 319 -7.10 -19.90 18.24
CA ARG C 319 -6.78 -20.89 17.22
C ARG C 319 -6.70 -20.17 15.89
N THR C 320 -5.65 -20.45 15.12
CA THR C 320 -5.60 -20.03 13.74
C THR C 320 -6.34 -21.06 12.88
N ASN C 321 -6.41 -20.78 11.58
CA ASN C 321 -6.89 -21.73 10.58
C ASN C 321 -6.04 -23.01 10.42
N VAL C 322 -4.77 -22.97 10.80
CA VAL C 322 -3.94 -24.17 10.82
C VAL C 322 -4.03 -24.93 12.15
N PRO C 323 -4.74 -26.10 12.16
CA PRO C 323 -4.91 -26.88 13.40
C PRO C 323 -3.58 -27.06 14.10
N ASN C 324 -3.57 -26.98 15.43
CA ASN C 324 -2.35 -27.06 16.25
CA ASN C 324 -2.33 -27.05 16.25
C ASN C 324 -1.37 -25.83 16.16
N ILE C 325 -1.85 -24.74 15.55
CA ILE C 325 -1.09 -23.48 15.57
C ILE C 325 -1.93 -22.33 16.17
N TYR C 326 -1.42 -21.78 17.26
CA TYR C 326 -2.19 -20.77 17.96
C TYR C 326 -1.44 -19.45 18.00
N ALA C 327 -2.20 -18.38 18.23
CA ALA C 327 -1.70 -17.03 18.37
C ALA C 327 -2.38 -16.25 19.48
N ILE C 328 -1.54 -15.68 20.33
CA ILE C 328 -1.97 -14.81 21.43
C ILE C 328 -1.08 -13.56 21.44
N GLY C 329 -1.55 -12.52 22.13
CA GLY C 329 -0.71 -11.33 22.39
C GLY C 329 -0.88 -10.32 21.28
N ASP C 330 0.06 -9.38 21.15
CA ASP C 330 -0.12 -8.26 20.23
C ASP C 330 -0.12 -8.76 18.81
N ILE C 331 0.47 -9.94 18.57
CA ILE C 331 0.39 -10.53 17.24
C ILE C 331 -1.06 -10.66 16.74
N THR C 332 -2.02 -10.72 17.66
CA THR C 332 -3.42 -10.85 17.29
C THR C 332 -4.06 -9.49 16.99
N ASP C 333 -3.31 -8.39 17.22
CA ASP C 333 -3.83 -7.05 16.92
C ASP C 333 -5.19 -6.73 17.59
N ARG C 334 -5.37 -7.12 18.85
CA ARG C 334 -6.57 -6.74 19.61
C ARG C 334 -6.22 -5.72 20.71
N LEU C 335 -6.41 -6.06 21.98
CA LEU C 335 -5.88 -5.18 23.03
C LEU C 335 -4.41 -5.46 23.26
N MET C 336 -3.58 -4.45 23.02
CA MET C 336 -2.16 -4.65 23.18
C MET C 336 -1.76 -4.31 24.60
N LEU C 337 -1.93 -5.26 25.52
CA LEU C 337 -1.66 -5.08 26.95
C LEU C 337 -1.02 -6.31 27.56
N THR C 338 -0.01 -6.14 28.44
CA THR C 338 0.68 -7.31 29.05
C THR C 338 -0.27 -8.25 29.79
N PRO C 339 -1.13 -7.72 30.67
CA PRO C 339 -1.86 -8.73 31.40
C PRO C 339 -2.88 -9.53 30.57
N VAL C 340 -3.50 -8.92 29.55
CA VAL C 340 -4.31 -9.63 28.57
C VAL C 340 -3.53 -10.75 27.90
N ALA C 341 -2.35 -10.46 27.39
CA ALA C 341 -1.59 -11.49 26.71
C ALA C 341 -1.31 -12.67 27.66
N ILE C 342 -1.00 -12.35 28.92
CA ILE C 342 -0.80 -13.32 29.97
C ILE C 342 -2.06 -14.18 30.21
N ASN C 343 -3.21 -13.53 30.43
CA ASN C 343 -4.48 -14.22 30.49
C ASN C 343 -4.73 -15.11 29.25
N GLU C 344 -4.42 -14.64 28.04
CA GLU C 344 -4.68 -15.42 26.79
C GLU C 344 -3.86 -16.68 26.75
N GLY C 345 -2.61 -16.55 27.15
CA GLY C 345 -1.71 -17.68 27.14
C GLY C 345 -2.11 -18.74 28.15
N ALA C 346 -2.39 -18.33 29.37
CA ALA C 346 -2.80 -19.32 30.36
C ALA C 346 -4.11 -19.98 29.91
N ALA C 347 -5.11 -19.21 29.49
CA ALA C 347 -6.38 -19.79 28.99
C ALA C 347 -6.17 -20.79 27.85
N LEU C 348 -5.32 -20.45 26.90
CA LEU C 348 -4.91 -21.42 25.86
C LEU C 348 -4.32 -22.75 26.38
N VAL C 349 -3.34 -22.69 27.28
CA VAL C 349 -2.81 -23.92 27.87
C VAL C 349 -3.91 -24.72 28.61
N ASP C 350 -4.68 -24.08 29.49
CA ASP C 350 -5.83 -24.72 30.14
C ASP C 350 -6.68 -25.50 29.11
N THR C 351 -6.90 -24.88 27.94
CA THR C 351 -7.68 -25.47 26.84
C THR C 351 -6.99 -26.65 26.12
N VAL C 352 -5.71 -26.49 25.77
CA VAL C 352 -5.04 -27.50 24.96
C VAL C 352 -4.56 -28.69 25.80
N PHE C 353 -4.01 -28.43 26.98
CA PHE C 353 -3.42 -29.46 27.82
C PHE C 353 -4.20 -29.75 29.10
N GLY C 354 -5.31 -29.05 29.31
CA GLY C 354 -6.03 -29.23 30.55
C GLY C 354 -7.46 -29.72 30.47
N ASN C 355 -7.96 -30.04 31.66
CA ASN C 355 -9.37 -30.23 32.02
C ASN C 355 -10.31 -29.43 31.09
N LYS C 356 -10.53 -28.16 31.46
CA LYS C 356 -11.63 -27.32 31.00
C LYS C 356 -11.11 -26.33 29.97
N PRO C 357 -11.86 -26.13 28.87
CA PRO C 357 -11.52 -25.05 27.94
C PRO C 357 -11.83 -23.70 28.60
N ARG C 358 -11.11 -22.66 28.18
CA ARG C 358 -11.18 -21.32 28.77
C ARG C 358 -10.92 -20.22 27.72
N LYS C 359 -11.78 -19.22 27.65
CA LYS C 359 -11.51 -18.06 26.75
C LYS C 359 -11.39 -16.71 27.47
N THR C 360 -10.38 -15.94 27.07
CA THR C 360 -10.12 -14.62 27.62
C THR C 360 -11.30 -13.69 27.36
N ASP C 361 -11.68 -12.92 28.38
CA ASP C 361 -12.72 -11.89 28.25
C ASP C 361 -12.02 -10.55 27.92
N HIS C 362 -12.42 -9.92 26.81
CA HIS C 362 -11.77 -8.69 26.29
C HIS C 362 -12.49 -7.43 26.68
N THR C 363 -13.64 -7.61 27.32
CA THR C 363 -14.49 -6.49 27.73
C THR C 363 -14.14 -6.06 29.17
N ARG C 364 -14.37 -4.79 29.48
CA ARG C 364 -14.19 -4.35 30.86
C ARG C 364 -12.75 -4.55 31.39
N VAL C 365 -11.78 -4.47 30.49
CA VAL C 365 -10.38 -4.61 30.90
C VAL C 365 -9.89 -3.24 31.39
N ALA C 366 -9.46 -3.18 32.63
CA ALA C 366 -8.98 -1.96 33.21
C ALA C 366 -7.56 -1.68 32.68
N SER C 367 -7.24 -0.40 32.45
CA SER C 367 -5.91 -0.03 31.92
C SER C 367 -5.52 1.37 32.36
N ALA C 368 -4.28 1.75 32.10
CA ALA C 368 -3.81 3.05 32.56
C ALA C 368 -2.94 3.77 31.52
N VAL C 369 -2.82 5.09 31.67
CA VAL C 369 -1.82 5.83 30.94
C VAL C 369 -0.98 6.50 32.04
N PHE C 370 0.33 6.22 32.03
CA PHE C 370 1.21 6.83 33.02
C PHE C 370 1.69 8.20 32.52
N SER C 371 0.71 9.01 32.17
CA SER C 371 1.00 10.39 31.90
C SER C 371 1.25 11.07 33.24
N ILE C 372 1.69 12.33 33.17
CA ILE C 372 1.91 13.12 34.33
C ILE C 372 1.00 14.32 34.09
N PRO C 373 -0.22 14.27 34.70
CA PRO C 373 -0.66 13.25 35.68
C PRO C 373 -1.37 12.04 35.02
N PRO C 374 -1.55 10.94 35.77
CA PRO C 374 -1.91 9.68 35.14
C PRO C 374 -3.42 9.40 35.04
N ILE C 375 -3.77 8.49 34.11
CA ILE C 375 -5.15 8.11 33.76
C ILE C 375 -5.37 6.65 34.15
N GLY C 376 -6.58 6.35 34.66
CA GLY C 376 -6.98 4.99 34.98
C GLY C 376 -8.37 4.81 34.43
N THR C 377 -8.58 3.70 33.71
CA THR C 377 -9.88 3.57 33.06
C THR C 377 -10.32 2.11 32.97
N CYS C 378 -11.64 1.93 33.08
CA CYS C 378 -12.23 0.63 32.86
C CYS C 378 -13.61 0.74 32.29
N GLY C 379 -13.81 0.14 31.12
CA GLY C 379 -15.14 0.03 30.50
C GLY C 379 -15.38 1.11 29.47
N LEU C 380 -16.66 1.36 29.16
CA LEU C 380 -17.02 2.15 28.00
C LEU C 380 -16.93 3.63 28.27
N ILE C 381 -16.52 4.37 27.25
CA ILE C 381 -16.65 5.81 27.26
C ILE C 381 -18.08 6.18 26.86
N GLU C 382 -18.50 7.38 27.25
CA GLU C 382 -19.90 7.77 27.15
C GLU C 382 -20.45 7.77 25.73
N GLU C 383 -19.71 8.36 24.80
CA GLU C 383 -20.17 8.37 23.41
C GLU C 383 -20.38 6.97 22.79
N VAL C 384 -19.62 5.97 23.25
CA VAL C 384 -19.79 4.58 22.77
C VAL C 384 -21.03 3.96 23.49
N ALA C 385 -21.19 4.31 24.77
CA ALA C 385 -22.34 3.91 25.56
C ALA C 385 -23.65 4.46 24.95
N ALA C 386 -23.62 5.70 24.48
CA ALA C 386 -24.81 6.39 23.96
C ALA C 386 -25.33 5.80 22.66
N LYS C 387 -24.46 5.09 21.92
CA LYS C 387 -24.82 4.29 20.75
C LYS C 387 -25.44 2.90 21.02
N GLU C 388 -25.21 2.32 22.20
CA GLU C 388 -25.68 0.96 22.54
C GLU C 388 -26.80 0.86 23.58
N PHE C 389 -27.14 2.00 24.20
CA PHE C 389 -28.09 2.08 25.30
C PHE C 389 -28.85 3.36 25.08
N GLU C 390 -30.13 3.30 25.37
CA GLU C 390 -31.03 4.39 25.03
C GLU C 390 -30.96 5.59 26.00
N LYS C 391 -30.89 5.28 27.31
CA LYS C 391 -30.55 6.26 28.33
C LYS C 391 -29.25 5.92 29.05
N VAL C 392 -28.29 6.83 28.92
CA VAL C 392 -27.04 6.74 29.69
C VAL C 392 -26.86 7.98 30.53
N ALA C 393 -26.42 7.78 31.76
CA ALA C 393 -26.13 8.91 32.64
C ALA C 393 -24.62 9.00 32.95
N VAL C 394 -24.16 10.22 33.18
CA VAL C 394 -22.77 10.48 33.47
C VAL C 394 -22.65 11.22 34.79
N TYR C 395 -21.98 10.61 35.77
CA TYR C 395 -21.66 11.26 37.04
C TYR C 395 -20.20 11.75 37.04
N MET C 396 -20.01 13.04 37.29
CA MET C 396 -18.68 13.64 37.13
C MET C 396 -18.31 14.46 38.33
N SER C 397 -17.03 14.39 38.69
CA SER C 397 -16.45 15.16 39.77
C SER C 397 -15.06 15.60 39.31
N SER C 398 -14.80 16.91 39.42
CA SER C 398 -13.61 17.52 38.84
C SER C 398 -13.18 18.79 39.57
N PHE C 399 -12.11 18.69 40.32
CA PHE C 399 -11.72 19.82 41.10
C PHE C 399 -10.25 19.61 41.50
N THR C 400 -9.56 20.70 41.78
CA THR C 400 -8.20 20.63 42.27
C THR C 400 -8.23 20.21 43.73
N PRO C 401 -7.69 19.00 44.06
CA PRO C 401 -7.59 18.65 45.48
C PRO C 401 -6.81 19.73 46.25
N LEU C 402 -7.14 19.85 47.52
CA LEU C 402 -6.48 20.71 48.49
C LEU C 402 -4.93 20.54 48.59
N MET C 403 -4.39 19.32 48.65
CA MET C 403 -2.93 19.22 48.62
C MET C 403 -2.25 20.06 47.50
N HIS C 404 -2.87 20.14 46.30
CA HIS C 404 -2.33 20.93 45.17
C HIS C 404 -2.64 22.44 45.17
N ASN C 405 -3.55 22.86 46.03
CA ASN C 405 -3.63 24.28 46.29
C ASN C 405 -2.46 24.81 47.14
N ILE C 406 -2.04 24.00 48.11
CA ILE C 406 -0.86 24.30 48.89
C ILE C 406 0.40 24.07 48.07
N SER C 407 0.41 23.01 47.24
CA SER C 407 1.61 22.64 46.49
C SER C 407 1.97 23.74 45.47
N GLY C 408 0.97 24.46 45.00
CA GLY C 408 1.22 25.43 43.93
C GLY C 408 0.89 24.89 42.56
N SER C 409 0.57 23.59 42.48
CA SER C 409 0.10 23.00 41.20
C SER C 409 -1.45 23.12 41.00
N LYS C 410 -1.97 24.34 41.01
CA LYS C 410 -3.41 24.57 40.95
C LYS C 410 -4.01 23.95 39.72
N TYR C 411 -3.23 23.81 38.67
CA TYR C 411 -3.78 23.25 37.43
C TYR C 411 -4.12 21.75 37.56
N LYS C 412 -3.77 21.11 38.65
CA LYS C 412 -3.94 19.67 38.71
C LYS C 412 -5.34 19.18 39.17
N LYS C 413 -6.37 19.37 38.33
CA LYS C 413 -7.72 18.85 38.67
C LYS C 413 -7.72 17.31 38.71
N PHE C 414 -8.36 16.75 39.74
CA PHE C 414 -8.73 15.33 39.73
C PHE C 414 -10.09 15.11 39.05
N VAL C 415 -10.13 14.23 38.06
CA VAL C 415 -11.37 13.94 37.37
C VAL C 415 -11.85 12.54 37.68
N ALA C 416 -13.07 12.42 38.18
CA ALA C 416 -13.71 11.13 38.31
C ALA C 416 -15.03 11.12 37.52
N LYS C 417 -15.24 10.06 36.71
CA LYS C 417 -16.51 9.92 35.98
C LYS C 417 -17.04 8.50 35.98
N ILE C 418 -18.32 8.38 36.34
CA ILE C 418 -19.03 7.10 36.19
C ILE C 418 -20.06 7.24 35.05
N VAL C 419 -20.10 6.24 34.16
CA VAL C 419 -21.05 6.18 33.04
C VAL C 419 -22.00 5.03 33.36
N THR C 420 -23.31 5.30 33.43
CA THR C 420 -24.28 4.25 33.65
C THR C 420 -25.25 4.14 32.51
N ASN C 421 -25.77 2.94 32.34
CA ASN C 421 -27.08 2.76 31.76
C ASN C 421 -28.13 3.31 32.70
N HIS C 422 -28.75 4.46 32.40
CA HIS C 422 -29.67 5.08 33.39
C HIS C 422 -30.96 4.25 33.66
N SER C 423 -31.30 3.34 32.75
CA SER C 423 -32.48 2.51 32.92
C SER C 423 -32.49 1.55 34.10
N ASP C 424 -31.32 1.02 34.47
CA ASP C 424 -31.24 0.04 35.53
C ASP C 424 -30.08 0.34 36.47
N GLY C 425 -29.27 1.36 36.13
CA GLY C 425 -28.22 1.89 37.02
C GLY C 425 -26.87 1.20 36.89
N THR C 426 -26.78 0.18 36.03
CA THR C 426 -25.56 -0.57 35.77
C THR C 426 -24.39 0.34 35.37
N VAL C 427 -23.22 0.14 35.99
CA VAL C 427 -22.04 0.97 35.67
C VAL C 427 -21.38 0.41 34.44
N LEU C 428 -21.34 1.23 33.38
CA LEU C 428 -20.76 0.81 32.09
C LEU C 428 -19.24 1.13 31.94
N GLY C 429 -18.80 2.23 32.51
CA GLY C 429 -17.39 2.60 32.53
C GLY C 429 -17.08 3.56 33.69
N VAL C 430 -15.84 3.52 34.16
CA VAL C 430 -15.34 4.51 35.09
C VAL C 430 -14.05 5.02 34.48
N HIS C 431 -13.81 6.33 34.59
CA HIS C 431 -12.63 6.99 34.04
C HIS C 431 -12.03 8.00 34.99
N LEU C 432 -10.72 7.94 35.17
CA LEU C 432 -10.07 8.78 36.19
C LEU C 432 -8.83 9.47 35.67
N LEU C 433 -8.62 10.69 36.20
CA LEU C 433 -7.40 11.47 36.01
C LEU C 433 -6.92 12.08 37.32
N GLY C 434 -5.63 11.91 37.59
CA GLY C 434 -5.03 12.40 38.80
C GLY C 434 -4.16 11.30 39.42
N ASP C 435 -3.30 11.73 40.34
CA ASP C 435 -2.46 10.91 41.13
C ASP C 435 -3.26 9.81 41.73
N GLY C 436 -2.75 8.59 41.60
CA GLY C 436 -3.47 7.43 42.07
C GLY C 436 -4.36 6.74 41.05
N ALA C 437 -4.72 7.39 39.93
CA ALA C 437 -5.72 6.82 39.02
C ALA C 437 -5.44 5.36 38.58
N PRO C 438 -4.20 5.00 38.24
CA PRO C 438 -3.96 3.62 37.90
C PRO C 438 -4.20 2.62 39.07
N GLU C 439 -3.83 3.00 40.30
CA GLU C 439 -4.08 2.15 41.47
C GLU C 439 -5.59 2.06 41.80
N ILE C 440 -6.28 3.22 41.77
CA ILE C 440 -7.73 3.29 42.07
C ILE C 440 -8.57 2.41 41.14
N ILE C 441 -8.23 2.38 39.85
CA ILE C 441 -9.09 1.69 38.91
C ILE C 441 -9.09 0.17 39.08
N GLN C 442 -8.10 -0.41 39.75
CA GLN C 442 -7.94 -1.87 39.64
C GLN C 442 -9.16 -2.62 40.13
N ALA C 443 -9.60 -2.26 41.32
CA ALA C 443 -10.72 -2.92 41.93
C ALA C 443 -12.04 -2.47 41.28
N VAL C 444 -12.01 -1.42 40.50
CA VAL C 444 -13.22 -1.06 39.75
C VAL C 444 -13.49 -2.12 38.68
N GLY C 445 -12.39 -2.64 38.12
CA GLY C 445 -12.44 -3.76 37.21
C GLY C 445 -13.18 -4.95 37.80
N VAL C 446 -12.96 -5.23 39.09
CA VAL C 446 -13.69 -6.30 39.75
C VAL C 446 -15.18 -5.94 39.91
N CYS C 447 -15.50 -4.71 40.38
CA CYS C 447 -16.88 -4.25 40.51
C CYS C 447 -17.66 -4.49 39.23
N LEU C 448 -16.99 -4.34 38.07
CA LEU C 448 -17.69 -4.47 36.83
C LEU C 448 -17.91 -5.93 36.45
N ARG C 449 -17.14 -6.86 37.00
CA ARG C 449 -17.46 -8.30 36.84
C ARG C 449 -18.70 -8.68 37.67
N LEU C 450 -19.04 -7.85 38.65
CA LEU C 450 -20.07 -8.17 39.61
C LEU C 450 -21.36 -7.43 39.30
N ASN C 451 -21.36 -6.90 38.08
CA ASN C 451 -22.41 -6.02 37.59
CA ASN C 451 -22.36 -5.96 37.56
C ASN C 451 -22.92 -4.95 38.58
N ALA C 452 -21.95 -4.23 39.14
CA ALA C 452 -22.18 -3.11 40.04
C ALA C 452 -23.09 -2.04 39.45
N LYS C 453 -23.92 -1.43 40.28
CA LYS C 453 -24.75 -0.33 39.85
C LYS C 453 -24.26 0.93 40.52
N ILE C 454 -24.67 2.07 39.99
CA ILE C 454 -24.31 3.32 40.62
C ILE C 454 -24.65 3.30 42.12
N SER C 455 -25.80 2.74 42.50
CA SER C 455 -26.13 2.72 43.94
C SER C 455 -25.16 1.87 44.83
N ASP C 456 -24.65 0.77 44.31
CA ASP C 456 -23.56 0.04 44.97
C ASP C 456 -22.32 0.89 45.27
N PHE C 457 -21.99 1.78 44.35
CA PHE C 457 -20.90 2.72 44.59
C PHE C 457 -21.29 3.78 45.61
N TYR C 458 -22.46 4.39 45.45
CA TYR C 458 -22.82 5.46 46.38
CA TYR C 458 -22.80 5.47 46.39
C TYR C 458 -23.11 4.98 47.81
N ASN C 459 -23.65 3.78 47.95
CA ASN C 459 -23.94 3.23 49.28
C ASN C 459 -22.70 2.74 50.09
N THR C 460 -21.55 2.53 49.42
CA THR C 460 -20.32 2.11 50.06
C THR C 460 -19.85 3.35 50.79
N ILE C 461 -19.34 3.18 52.00
CA ILE C 461 -18.81 4.26 52.78
C ILE C 461 -17.38 4.66 52.30
N GLY C 462 -17.17 5.97 52.12
CA GLY C 462 -15.87 6.49 51.71
C GLY C 462 -14.74 6.17 52.69
N VAL C 463 -13.51 6.11 52.15
CA VAL C 463 -12.24 6.17 52.90
C VAL C 463 -11.80 7.65 52.80
N HIS C 464 -11.55 8.31 53.93
CA HIS C 464 -11.36 9.78 53.90
C HIS C 464 -10.11 10.12 54.65
N PRO C 465 -9.24 11.01 54.10
CA PRO C 465 -9.31 11.71 52.81
C PRO C 465 -8.58 11.01 51.66
N THR C 466 -9.27 10.77 50.54
CA THR C 466 -8.69 10.12 49.40
C THR C 466 -9.31 10.77 48.22
N SER C 467 -8.71 10.57 47.05
CA SER C 467 -9.34 10.92 45.77
C SER C 467 -10.40 9.89 45.40
N ALA C 468 -10.10 8.61 45.72
CA ALA C 468 -11.00 7.49 45.38
C ALA C 468 -12.43 7.64 45.96
N GLU C 469 -12.53 8.26 47.14
CA GLU C 469 -13.83 8.38 47.83
C GLU C 469 -14.82 9.13 47.01
N GLU C 470 -14.31 9.86 46.01
CA GLU C 470 -15.12 10.62 45.07
C GLU C 470 -16.07 9.70 44.24
N LEU C 471 -15.63 8.48 43.97
CA LEU C 471 -16.44 7.44 43.28
C LEU C 471 -17.63 7.00 44.12
N CYS C 472 -17.54 7.20 45.43
CA CYS C 472 -18.57 6.78 46.36
C CYS C 472 -19.37 7.95 46.91
N SER C 473 -19.31 9.09 46.25
CA SER C 473 -20.04 10.27 46.71
C SER C 473 -20.88 10.87 45.60
N MET C 474 -21.11 10.11 44.54
CA MET C 474 -21.91 10.60 43.42
C MET C 474 -23.27 9.88 43.28
N ARG C 475 -24.34 10.64 43.46
CA ARG C 475 -25.68 10.09 43.34
C ARG C 475 -26.58 10.79 42.32
N THR C 476 -26.27 12.05 41.97
CA THR C 476 -27.03 12.82 40.97
C THR C 476 -26.29 12.98 39.62
N PRO C 477 -26.85 12.46 38.52
CA PRO C 477 -26.16 12.63 37.22
C PRO C 477 -25.85 14.07 36.89
N SER C 478 -24.72 14.28 36.21
CA SER C 478 -24.30 15.61 35.75
C SER C 478 -24.99 15.98 34.47
N TYR C 479 -25.11 14.99 33.59
CA TYR C 479 -25.82 15.11 32.33
C TYR C 479 -26.13 13.69 31.85
N TYR C 480 -26.79 13.58 30.68
CA TYR C 480 -27.19 12.28 30.11
C TYR C 480 -27.03 12.23 28.61
N TYR C 481 -27.22 11.03 28.08
CA TYR C 481 -27.48 10.88 26.67
C TYR C 481 -28.77 10.13 26.56
N VAL C 482 -29.67 10.69 25.77
CA VAL C 482 -30.94 10.05 25.41
C VAL C 482 -31.00 9.89 23.91
N LYS C 483 -31.12 8.64 23.47
CA LYS C 483 -31.12 8.28 22.04
C LYS C 483 -29.91 8.83 21.31
N GLY C 484 -28.74 8.82 21.96
CA GLY C 484 -27.53 9.47 21.44
C GLY C 484 -27.36 10.97 21.70
N GLU C 485 -28.42 11.66 22.09
CA GLU C 485 -28.37 13.12 22.26
C GLU C 485 -27.91 13.52 23.68
N LYS C 486 -26.82 14.29 23.74
CA LYS C 486 -26.34 14.90 24.97
C LYS C 486 -27.29 16.01 25.49
N MET C 487 -27.62 15.94 26.76
CA MET C 487 -28.46 16.94 27.41
C MET C 487 -28.24 16.90 28.93
N GLU C 488 -28.39 18.07 29.55
CA GLU C 488 -28.15 18.28 30.96
C GLU C 488 -29.24 17.68 31.87
N LYS C 489 -30.50 18.01 31.55
CA LYS C 489 -31.68 17.43 32.22
C LYS C 489 -32.30 16.34 31.33
N LEU C 490 -32.91 15.31 31.94
CA LEU C 490 -33.76 14.36 31.17
C LEU C 490 -34.99 15.10 30.62
N PRO C 491 -35.62 14.61 29.51
CA PRO C 491 -36.75 15.39 28.96
C PRO C 491 -38.09 15.27 29.73
N ASP C 492 -38.27 14.10 30.36
CA ASP C 492 -39.48 13.72 31.12
C ASP C 492 -39.19 12.45 31.91
N GLY D 1 -43.63 41.65 79.05
CA GLY D 1 -44.08 40.25 79.15
C GLY D 1 -43.12 39.29 78.47
N SER D 2 -43.60 38.11 78.16
CA SER D 2 -42.78 37.09 77.60
C SER D 2 -42.81 37.21 76.09
N HIS D 3 -41.86 36.52 75.45
CA HIS D 3 -41.76 36.47 74.01
C HIS D 3 -41.14 35.16 73.54
N MET D 4 -41.42 34.82 72.29
CA MET D 4 -41.15 33.50 71.77
C MET D 4 -39.66 33.11 71.63
N SER D 5 -39.33 31.89 72.06
CA SER D 5 -38.05 31.27 71.72
C SER D 5 -38.01 30.97 70.24
N LYS D 6 -36.83 31.13 69.63
CA LYS D 6 -36.61 30.51 68.31
C LYS D 6 -36.89 28.98 68.34
N ALA D 7 -37.62 28.50 67.33
CA ALA D 7 -38.17 27.12 67.24
C ALA D 7 -37.73 26.32 65.99
N PHE D 8 -37.42 25.05 66.17
CA PHE D 8 -36.83 24.25 65.09
C PHE D 8 -37.43 22.88 65.06
N ASP D 9 -37.58 22.32 63.86
CA ASP D 9 -37.90 20.90 63.74
C ASP D 9 -36.75 20.09 64.37
N LEU D 10 -35.52 20.54 64.16
CA LEU D 10 -34.37 19.79 64.56
C LEU D 10 -33.30 20.72 65.11
N VAL D 11 -32.84 20.45 66.34
CA VAL D 11 -31.69 21.12 66.86
C VAL D 11 -30.59 20.05 66.93
N VAL D 12 -29.45 20.37 66.33
CA VAL D 12 -28.26 19.50 66.30
C VAL D 12 -27.19 20.08 67.22
N ILE D 13 -26.66 19.28 68.15
CA ILE D 13 -25.60 19.77 69.02
C ILE D 13 -24.23 19.23 68.53
N GLY D 14 -23.40 20.11 67.97
CA GLY D 14 -22.13 19.75 67.33
C GLY D 14 -22.21 19.93 65.80
N ALA D 15 -21.44 20.90 65.30
CA ALA D 15 -21.41 21.23 63.90
C ALA D 15 -20.29 20.46 63.17
N GLY D 16 -20.30 19.13 63.31
CA GLY D 16 -19.27 18.22 62.80
C GLY D 16 -19.64 17.36 61.63
N SER D 17 -18.84 16.30 61.41
CA SER D 17 -19.01 15.48 60.22
C SER D 17 -20.45 14.98 60.13
N GLY D 18 -20.96 14.49 61.24
CA GLY D 18 -22.24 13.84 61.29
C GLY D 18 -23.38 14.85 61.39
N GLY D 19 -23.24 15.84 62.28
CA GLY D 19 -24.30 16.82 62.53
C GLY D 19 -24.54 17.80 61.37
N LEU D 20 -23.46 18.17 60.67
CA LEU D 20 -23.56 18.95 59.43
C LEU D 20 -24.23 18.19 58.30
N GLU D 21 -23.98 16.89 58.19
CA GLU D 21 -24.65 16.14 57.14
C GLU D 21 -26.12 15.97 57.47
N ALA D 22 -26.43 15.68 58.71
CA ALA D 22 -27.83 15.69 59.16
C ALA D 22 -28.55 17.02 58.97
N GLY D 23 -27.95 18.10 59.47
CA GLY D 23 -28.52 19.44 59.40
C GLY D 23 -28.78 19.90 57.97
N TRP D 24 -27.73 19.80 57.13
CA TRP D 24 -27.83 20.02 55.68
C TRP D 24 -28.96 19.23 55.01
N ASN D 25 -28.97 17.90 55.18
CA ASN D 25 -30.01 17.09 54.55
C ASN D 25 -31.42 17.44 55.01
N ALA D 26 -31.60 17.67 56.30
CA ALA D 26 -32.93 17.98 56.81
C ALA D 26 -33.42 19.33 56.25
N ALA D 27 -32.51 20.30 56.08
CA ALA D 27 -32.89 21.66 55.60
C ALA D 27 -33.11 21.67 54.09
N THR D 28 -32.19 21.07 53.32
CA THR D 28 -32.20 21.21 51.87
C THR D 28 -33.04 20.18 51.15
N LEU D 29 -33.24 19.02 51.76
CA LEU D 29 -33.97 17.94 51.10
C LEU D 29 -35.37 17.79 51.61
N TYR D 30 -35.61 18.11 52.88
CA TYR D 30 -36.93 17.91 53.49
C TYR D 30 -37.60 19.20 54.01
N GLY D 31 -37.00 20.32 53.62
CA GLY D 31 -37.51 21.64 53.96
C GLY D 31 -37.72 21.93 55.46
N LYS D 32 -36.98 21.24 56.34
CA LYS D 32 -37.06 21.47 57.78
C LYS D 32 -36.34 22.70 58.28
N ARG D 33 -36.75 23.20 59.43
CA ARG D 33 -36.02 24.29 60.12
C ARG D 33 -35.02 23.73 61.16
N VAL D 34 -33.74 24.05 60.93
CA VAL D 34 -32.63 23.36 61.60
C VAL D 34 -31.76 24.36 62.33
N ALA D 35 -31.48 24.08 63.60
CA ALA D 35 -30.48 24.81 64.35
C ALA D 35 -29.26 23.89 64.60
N VAL D 36 -28.05 24.45 64.47
CA VAL D 36 -26.81 23.74 64.68
C VAL D 36 -25.90 24.60 65.60
N VAL D 37 -25.44 23.97 66.68
CA VAL D 37 -24.67 24.62 67.73
C VAL D 37 -23.22 24.13 67.72
N ASP D 38 -22.26 25.04 67.79
CA ASP D 38 -20.88 24.66 68.02
C ASP D 38 -20.21 25.77 68.80
N VAL D 39 -19.11 25.42 69.46
CA VAL D 39 -18.44 26.30 70.41
C VAL D 39 -17.47 27.34 69.79
N GLN D 40 -17.12 27.20 68.50
CA GLN D 40 -16.22 28.14 67.80
C GLN D 40 -16.58 28.12 66.36
N THR D 41 -16.38 29.26 65.69
CA THR D 41 -16.69 29.38 64.25
C THR D 41 -15.49 29.04 63.33
N SER D 42 -14.28 29.05 63.88
CA SER D 42 -13.11 28.67 63.13
C SER D 42 -12.14 27.88 64.05
N HIS D 43 -11.13 27.24 63.46
CA HIS D 43 -10.30 26.22 64.14
C HIS D 43 -9.35 26.79 65.21
N GLY D 44 -8.92 25.95 66.14
CA GLY D 44 -7.81 26.31 67.02
C GLY D 44 -8.15 26.53 68.49
N PRO D 45 -7.11 26.80 69.30
CA PRO D 45 -7.30 27.15 70.73
C PRO D 45 -8.26 28.32 70.83
N PRO D 46 -9.12 28.35 71.88
CA PRO D 46 -9.10 27.41 73.01
C PRO D 46 -9.77 26.03 72.82
N PHE D 47 -10.62 25.84 71.82
CA PHE D 47 -11.49 24.65 71.86
C PHE D 47 -11.19 23.66 70.76
N TYR D 48 -10.23 24.03 69.91
CA TYR D 48 -9.71 23.15 68.84
C TYR D 48 -10.70 22.74 67.73
N ALA D 49 -11.68 21.91 68.05
CA ALA D 49 -12.73 21.66 67.10
C ALA D 49 -13.59 22.92 67.05
N ALA D 50 -14.46 22.97 66.04
CA ALA D 50 -15.23 24.16 65.73
C ALA D 50 -16.18 23.87 64.57
N LEU D 51 -17.01 24.83 64.16
CA LEU D 51 -17.72 24.73 62.89
C LEU D 51 -16.92 23.85 61.91
N GLY D 52 -17.53 22.78 61.45
CA GLY D 52 -16.80 21.85 60.61
C GLY D 52 -16.54 20.51 61.27
N GLY D 53 -16.39 20.49 62.58
CA GLY D 53 -16.09 19.24 63.28
C GLY D 53 -14.61 18.92 63.49
N THR D 54 -14.32 17.72 64.01
CA THR D 54 -12.98 17.37 64.41
C THR D 54 -12.15 17.11 63.16
N CYS D 55 -12.73 16.36 62.24
CA CYS D 55 -12.04 16.03 61.01
C CYS D 55 -11.48 17.25 60.27
N VAL D 56 -12.33 18.26 60.08
CA VAL D 56 -11.99 19.43 59.34
C VAL D 56 -10.96 20.30 60.06
N ASN D 57 -11.15 20.48 61.37
CA ASN D 57 -10.38 21.41 62.15
C ASN D 57 -9.09 20.82 62.77
N VAL D 58 -9.15 19.58 63.31
CA VAL D 58 -8.05 18.95 64.06
C VAL D 58 -8.07 17.44 63.94
N GLY D 59 -8.29 16.96 62.71
CA GLY D 59 -8.12 15.54 62.36
C GLY D 59 -7.84 15.26 60.88
N CYS D 60 -8.71 14.48 60.25
CA CYS D 60 -8.41 13.94 58.92
C CYS D 60 -7.78 14.99 58.00
N VAL D 61 -8.37 16.19 57.93
CA VAL D 61 -7.98 17.14 56.89
C VAL D 61 -6.61 17.81 57.10
N PRO D 62 -6.35 18.42 58.28
CA PRO D 62 -4.98 18.93 58.53
C PRO D 62 -3.90 17.83 58.71
N LYS D 63 -4.23 16.69 59.36
CA LYS D 63 -3.23 15.61 59.41
C LYS D 63 -2.76 15.15 58.02
N LYS D 64 -3.69 14.98 57.07
CA LYS D 64 -3.33 14.43 55.77
C LYS D 64 -2.34 15.37 55.09
N LEU D 65 -2.64 16.68 55.11
CA LEU D 65 -1.68 17.70 54.64
C LEU D 65 -0.35 17.58 55.32
N MET D 66 -0.36 17.44 56.65
CA MET D 66 0.88 17.26 57.39
C MET D 66 1.59 15.94 57.04
N VAL D 67 0.83 14.85 56.86
CA VAL D 67 1.47 13.60 56.40
C VAL D 67 2.07 13.79 54.99
N THR D 68 1.34 14.46 54.10
CA THR D 68 1.86 14.74 52.76
C THR D 68 3.14 15.55 52.82
N GLY D 69 3.18 16.54 53.70
CA GLY D 69 4.41 17.29 53.96
C GLY D 69 5.51 16.33 54.46
N ALA D 70 5.15 15.47 55.40
CA ALA D 70 6.15 14.55 55.88
C ALA D 70 6.71 13.65 54.79
N GLN D 71 5.90 13.24 53.80
CA GLN D 71 6.38 12.40 52.69
C GLN D 71 7.56 13.00 51.85
N TYR D 72 7.70 14.32 51.82
CA TYR D 72 8.76 14.91 51.01
C TYR D 72 10.14 14.56 51.49
N MET D 73 10.27 14.23 52.77
CA MET D 73 11.53 13.71 53.28
C MET D 73 11.94 12.45 52.50
N ASP D 74 11.00 11.53 52.35
CA ASP D 74 11.26 10.30 51.59
C ASP D 74 11.51 10.63 50.10
N HIS D 75 10.60 11.41 49.50
CA HIS D 75 10.73 11.79 48.07
C HIS D 75 12.12 12.45 47.77
N LEU D 76 12.53 13.41 48.59
CA LEU D 76 13.79 14.06 48.27
C LEU D 76 14.93 13.07 48.30
N ARG D 77 14.92 12.15 49.26
CA ARG D 77 16.00 11.15 49.34
C ARG D 77 15.94 10.14 48.18
N GLU D 78 14.74 9.64 47.92
CA GLU D 78 14.52 8.60 46.92
C GLU D 78 14.73 9.11 45.49
N SER D 79 14.70 10.40 45.29
CA SER D 79 14.87 10.94 43.95
C SER D 79 16.31 10.68 43.40
N ALA D 80 17.30 10.59 44.30
CA ALA D 80 18.71 10.42 43.88
C ALA D 80 18.79 9.19 43.00
N GLY D 81 18.13 8.11 43.44
CA GLY D 81 18.09 6.84 42.69
C GLY D 81 17.63 6.97 41.22
N PHE D 82 16.79 7.95 40.92
CA PHE D 82 16.35 8.22 39.53
C PHE D 82 17.20 9.31 38.86
N GLY D 83 18.23 9.77 39.56
CA GLY D 83 19.14 10.70 38.95
C GLY D 83 18.96 12.15 39.33
N TRP D 84 18.08 12.45 40.27
CA TRP D 84 17.98 13.84 40.70
C TRP D 84 19.18 14.24 41.56
N GLU D 85 19.79 15.37 41.21
CA GLU D 85 20.97 15.85 41.91
C GLU D 85 20.64 17.22 42.42
N PHE D 86 21.07 17.50 43.63
CA PHE D 86 20.91 18.81 44.24
C PHE D 86 21.70 18.77 45.52
N ASP D 87 21.96 19.95 46.07
CA ASP D 87 22.74 20.10 47.29
C ASP D 87 21.99 19.58 48.50
N GLY D 88 22.33 18.39 48.96
CA GLY D 88 21.63 17.80 50.09
C GLY D 88 21.77 18.51 51.42
N SER D 89 22.89 19.21 51.60
CA SER D 89 23.15 19.93 52.83
C SER D 89 22.37 21.25 52.89
N SER D 90 21.68 21.61 51.81
CA SER D 90 20.82 22.82 51.83
C SER D 90 19.38 22.53 52.30
N VAL D 91 19.10 21.28 52.61
CA VAL D 91 17.71 20.88 52.86
C VAL D 91 17.30 21.13 54.30
N LYS D 92 16.22 21.87 54.45
CA LYS D 92 15.63 22.17 55.75
C LYS D 92 14.09 22.03 55.71
N ALA D 93 13.55 21.34 56.71
CA ALA D 93 12.10 21.19 56.88
C ALA D 93 11.52 22.31 57.73
N ASN D 94 10.80 23.21 57.10
CA ASN D 94 10.24 24.34 57.81
C ASN D 94 8.81 24.09 58.32
N TRP D 95 8.73 23.71 59.59
CA TRP D 95 7.46 23.42 60.28
C TRP D 95 6.50 24.61 60.31
N LYS D 96 7.03 25.82 60.52
CA LYS D 96 6.21 27.02 60.69
C LYS D 96 5.47 27.23 59.39
N LYS D 97 6.15 26.97 58.30
CA LYS D 97 5.60 27.20 56.98
C LYS D 97 4.45 26.21 56.74
N LEU D 98 4.67 24.93 57.09
CA LEU D 98 3.66 23.88 57.06
C LEU D 98 2.43 24.21 57.94
N ILE D 99 2.66 24.67 59.16
CA ILE D 99 1.55 24.96 60.03
C ILE D 99 0.74 26.11 59.46
N ALA D 100 1.42 27.17 58.99
CA ALA D 100 0.73 28.31 58.39
C ALA D 100 -0.11 27.91 57.15
N ALA D 101 0.47 27.08 56.28
CA ALA D 101 -0.23 26.58 55.07
C ALA D 101 -1.51 25.86 55.50
N LYS D 102 -1.38 24.96 56.48
CA LYS D 102 -2.48 24.16 56.97
C LYS D 102 -3.54 25.00 57.63
N ASN D 103 -3.09 25.98 58.42
CA ASN D 103 -3.99 26.95 59.06
C ASN D 103 -4.85 27.71 58.07
N GLU D 104 -4.24 28.17 56.95
CA GLU D 104 -4.93 28.92 55.87
CA GLU D 104 -4.99 28.91 55.93
C GLU D 104 -5.99 28.00 55.25
N ALA D 105 -5.57 26.78 54.92
CA ALA D 105 -6.45 25.81 54.32
C ALA D 105 -7.67 25.51 55.21
N VAL D 106 -7.45 25.35 56.51
CA VAL D 106 -8.57 25.00 57.39
C VAL D 106 -9.50 26.21 57.53
N LEU D 107 -8.93 27.39 57.73
CA LEU D 107 -9.75 28.61 57.86
C LEU D 107 -10.66 28.78 56.63
N ASP D 108 -10.14 28.47 55.44
CA ASP D 108 -10.93 28.67 54.20
C ASP D 108 -12.14 27.74 54.27
N ILE D 109 -11.98 26.53 54.83
CA ILE D 109 -13.11 25.58 54.93
C ILE D 109 -14.11 26.11 55.95
N ASN D 110 -13.58 26.64 57.08
CA ASN D 110 -14.37 27.25 58.16
C ASN D 110 -15.23 28.35 57.54
N LYS D 111 -14.59 29.33 56.90
CA LYS D 111 -15.33 30.43 56.26
C LYS D 111 -16.37 29.95 55.22
N SER D 112 -15.94 28.95 54.45
CA SER D 112 -16.79 28.39 53.46
C SER D 112 -18.04 27.78 54.11
N TYR D 113 -17.91 27.12 55.25
CA TYR D 113 -19.08 26.49 55.88
C TYR D 113 -19.96 27.54 56.54
N GLU D 114 -19.36 28.57 57.09
CA GLU D 114 -20.15 29.68 57.58
C GLU D 114 -20.95 30.35 56.44
N GLY D 115 -20.34 30.52 55.27
CA GLY D 115 -21.03 31.08 54.13
C GLY D 115 -22.24 30.25 53.70
N MET D 116 -22.09 28.93 53.75
CA MET D 116 -23.18 28.06 53.38
C MET D 116 -24.33 28.17 54.39
N PHE D 117 -24.04 28.43 55.66
CA PHE D 117 -25.09 28.75 56.65
C PHE D 117 -25.77 30.04 56.25
N ASN D 118 -24.98 31.09 56.12
CA ASN D 118 -25.53 32.34 55.71
C ASN D 118 -26.42 32.23 54.46
N ASP D 119 -26.06 31.40 53.49
CA ASP D 119 -26.80 31.35 52.22
C ASP D 119 -27.99 30.36 52.16
N THR D 120 -28.09 29.45 53.11
CA THR D 120 -29.13 28.44 53.10
C THR D 120 -30.34 28.76 53.99
N GLU D 121 -31.50 28.92 53.38
CA GLU D 121 -32.72 29.19 54.12
C GLU D 121 -33.11 28.01 55.03
N GLY D 122 -33.41 28.27 56.30
CA GLY D 122 -33.79 27.22 57.22
C GLY D 122 -32.68 26.43 57.93
N LEU D 123 -31.43 26.83 57.72
CA LEU D 123 -30.27 26.22 58.35
C LEU D 123 -29.55 27.29 59.19
N ASP D 124 -29.76 27.31 60.51
CA ASP D 124 -29.12 28.35 61.36
C ASP D 124 -27.95 27.85 62.22
N PHE D 125 -26.88 28.61 62.29
CA PHE D 125 -25.77 28.28 63.17
C PHE D 125 -25.86 29.06 64.46
N PHE D 126 -25.58 28.40 65.60
CA PHE D 126 -25.55 29.04 66.93
C PHE D 126 -24.24 28.78 67.61
N LEU D 127 -23.57 29.88 67.97
CA LEU D 127 -22.30 29.83 68.63
C LEU D 127 -22.48 29.63 70.14
N GLY D 128 -21.89 28.58 70.71
CA GLY D 128 -21.78 28.43 72.17
C GLY D 128 -21.86 26.96 72.62
N TRP D 129 -22.17 26.74 73.89
CA TRP D 129 -22.22 25.40 74.51
C TRP D 129 -23.65 24.93 74.69
N GLY D 130 -24.01 23.83 74.03
CA GLY D 130 -25.38 23.37 74.03
C GLY D 130 -25.59 22.28 75.05
N SER D 131 -26.76 22.28 75.70
CA SER D 131 -27.13 21.18 76.58
C SER D 131 -28.62 21.05 76.60
N LEU D 132 -29.07 19.91 77.13
CA LEU D 132 -30.47 19.57 77.23
C LEU D 132 -31.05 20.09 78.54
N GLU D 133 -31.89 21.12 78.47
CA GLU D 133 -32.57 21.54 79.67
C GLU D 133 -33.78 20.63 79.97
N SER D 134 -34.54 20.30 78.94
CA SER D 134 -35.55 19.25 79.01
C SER D 134 -35.67 18.62 77.64
N LYS D 135 -36.65 17.73 77.53
CA LYS D 135 -36.88 16.86 76.38
C LYS D 135 -36.98 17.55 75.00
N ASN D 136 -37.39 18.83 75.00
CA ASN D 136 -37.58 19.60 73.79
C ASN D 136 -37.04 21.03 73.92
N VAL D 137 -36.08 21.18 74.83
CA VAL D 137 -35.50 22.48 75.04
C VAL D 137 -34.01 22.31 75.06
N VAL D 138 -33.32 22.99 74.13
CA VAL D 138 -31.84 23.01 74.11
C VAL D 138 -31.42 24.39 74.46
N VAL D 139 -30.61 24.51 75.52
CA VAL D 139 -30.02 25.76 75.90
C VAL D 139 -28.59 25.84 75.39
N VAL D 140 -28.21 27.05 75.03
CA VAL D 140 -26.90 27.40 74.54
C VAL D 140 -26.31 28.44 75.51
N ARG D 141 -25.20 28.09 76.17
CA ARG D 141 -24.61 28.93 77.20
C ARG D 141 -23.26 29.44 76.75
N GLU D 142 -22.75 30.38 77.51
CA GLU D 142 -21.54 31.08 77.18
C GLU D 142 -20.32 30.18 77.25
N THR D 143 -20.23 29.33 78.27
CA THR D 143 -19.14 28.36 78.39
C THR D 143 -19.68 27.00 78.77
N ALA D 144 -18.82 26.02 78.93
CA ALA D 144 -19.23 24.63 79.25
C ALA D 144 -19.65 24.48 80.70
N ASP D 145 -19.32 25.47 81.51
CA ASP D 145 -19.77 25.44 82.88
C ASP D 145 -21.31 25.63 82.88
N PRO D 146 -22.09 24.65 83.40
CA PRO D 146 -23.57 24.72 83.38
C PRO D 146 -24.20 25.94 84.11
N LYS D 147 -23.37 26.74 84.78
CA LYS D 147 -23.80 27.95 85.50
CA LYS D 147 -23.84 27.93 85.48
C LYS D 147 -23.48 29.22 84.74
N SER D 148 -22.79 29.11 83.60
CA SER D 148 -22.55 30.29 82.73
C SER D 148 -23.88 30.76 82.15
N ALA D 149 -23.94 32.03 81.71
CA ALA D 149 -25.17 32.65 81.22
C ALA D 149 -25.77 31.99 80.01
N VAL D 150 -27.08 31.86 80.01
CA VAL D 150 -27.81 31.36 78.86
C VAL D 150 -27.72 32.40 77.75
N LYS D 151 -27.36 32.00 76.53
CA LYS D 151 -27.43 32.90 75.37
C LYS D 151 -28.79 32.77 74.69
N GLU D 152 -29.21 31.54 74.45
CA GLU D 152 -30.45 31.29 73.78
C GLU D 152 -31.07 30.04 74.35
N ARG D 153 -32.39 30.04 74.44
CA ARG D 153 -33.14 28.82 74.70
C ARG D 153 -33.89 28.42 73.42
N LEU D 154 -33.50 27.29 72.84
CA LEU D 154 -34.11 26.80 71.57
C LEU D 154 -35.18 25.75 71.82
N GLN D 155 -36.36 25.97 71.24
CA GLN D 155 -37.41 24.97 71.27
C GLN D 155 -37.09 23.97 70.15
N ALA D 156 -37.09 22.68 70.44
CA ALA D 156 -36.68 21.67 69.44
C ALA D 156 -37.65 20.55 69.44
N ASP D 157 -38.24 20.23 68.28
CA ASP D 157 -39.06 19.02 68.14
C ASP D 157 -38.23 17.79 68.27
N HIS D 158 -37.07 17.81 67.63
CA HIS D 158 -36.14 16.70 67.62
C HIS D 158 -34.76 17.26 67.94
N ILE D 159 -33.99 16.48 68.68
CA ILE D 159 -32.67 16.87 69.12
C ILE D 159 -31.69 15.78 68.70
N LEU D 160 -30.63 16.18 68.01
CA LEU D 160 -29.53 15.29 67.62
C LEU D 160 -28.25 15.60 68.38
N LEU D 161 -27.72 14.60 69.05
CA LEU D 161 -26.52 14.74 69.81
C LEU D 161 -25.35 14.31 68.91
N ALA D 162 -24.44 15.24 68.64
CA ALA D 162 -23.34 14.92 67.75
C ALA D 162 -22.12 15.69 68.18
N THR D 163 -21.79 15.61 69.47
CA THR D 163 -20.66 16.35 70.00
C THR D 163 -19.30 15.64 69.81
N GLY D 164 -19.27 14.51 69.09
CA GLY D 164 -18.01 13.76 68.85
C GLY D 164 -17.35 13.21 70.13
N SER D 165 -16.02 13.09 70.06
CA SER D 165 -15.21 12.52 71.11
C SER D 165 -14.08 13.50 71.48
N TRP D 166 -13.27 13.13 72.46
CA TRP D 166 -12.23 14.01 72.97
C TRP D 166 -11.08 13.09 73.40
N PRO D 167 -9.82 13.57 73.39
CA PRO D 167 -8.69 12.72 73.77
C PRO D 167 -8.73 12.24 75.23
N GLN D 168 -8.47 10.96 75.40
CA GLN D 168 -8.41 10.39 76.73
C GLN D 168 -7.07 10.82 77.38
N MET D 169 -7.11 11.38 78.58
CA MET D 169 -5.89 11.67 79.31
C MET D 169 -5.87 10.86 80.58
N PRO D 170 -4.95 9.90 80.69
CA PRO D 170 -4.90 9.05 81.91
C PRO D 170 -4.58 9.87 83.21
N ALA D 171 -5.24 9.53 84.32
CA ALA D 171 -4.95 10.26 85.57
C ALA D 171 -3.64 9.73 86.16
N ILE D 172 -2.53 10.30 85.72
CA ILE D 172 -1.25 9.96 86.27
C ILE D 172 -0.64 11.26 86.80
N PRO D 173 0.25 11.18 87.81
CA PRO D 173 0.96 12.41 88.17
C PRO D 173 1.73 13.05 86.98
N GLY D 174 1.48 14.34 86.76
CA GLY D 174 2.13 15.12 85.72
C GLY D 174 1.40 15.10 84.39
N ILE D 175 0.16 14.58 84.37
CA ILE D 175 -0.64 14.54 83.14
C ILE D 175 -0.78 15.93 82.55
N GLU D 176 -0.73 16.94 83.42
CA GLU D 176 -0.86 18.33 83.00
C GLU D 176 0.36 18.85 82.23
N HIS D 177 1.40 18.02 82.16
CA HIS D 177 2.61 18.36 81.42
C HIS D 177 2.62 17.76 80.01
N CYS D 178 1.56 17.01 79.73
CA CYS D 178 1.40 16.31 78.46
C CYS D 178 0.48 17.13 77.55
N ILE D 179 0.47 16.80 76.27
CA ILE D 179 -0.51 17.39 75.32
C ILE D 179 -1.31 16.29 74.67
N SER D 180 -2.24 16.68 73.81
CA SER D 180 -2.92 15.72 72.95
C SER D 180 -2.64 16.08 71.50
N SER D 181 -3.24 15.32 70.57
CA SER D 181 -3.28 15.68 69.17
C SER D 181 -3.75 17.14 68.96
N ASN D 182 -4.81 17.58 69.65
CA ASN D 182 -5.21 19.00 69.59
C ASN D 182 -4.04 20.03 69.56
N GLU D 183 -3.15 19.95 70.53
CA GLU D 183 -2.13 20.97 70.69
C GLU D 183 -1.02 20.72 69.65
N ALA D 184 -0.79 19.44 69.36
CA ALA D 184 0.15 19.05 68.33
C ALA D 184 -0.06 19.82 67.01
N PHE D 185 -1.31 20.20 66.68
CA PHE D 185 -1.57 20.92 65.44
C PHE D 185 -1.12 22.40 65.54
N TYR D 186 -0.76 22.83 66.75
CA TYR D 186 -0.45 24.24 66.99
C TYR D 186 0.94 24.53 67.59
N LEU D 187 1.79 23.51 67.73
CA LEU D 187 3.14 23.74 68.26
C LEU D 187 3.81 24.88 67.48
N PRO D 188 4.31 25.88 68.19
CA PRO D 188 4.96 26.97 67.47
C PRO D 188 6.27 26.55 66.81
N GLU D 189 7.02 25.62 67.43
CA GLU D 189 8.23 25.04 66.83
C GLU D 189 8.04 23.57 66.78
N PRO D 190 8.71 22.87 65.84
CA PRO D 190 8.67 21.40 65.79
C PRO D 190 9.49 20.76 66.93
N PRO D 191 8.94 19.80 67.69
CA PRO D 191 9.73 19.37 68.84
C PRO D 191 10.98 18.58 68.47
N ARG D 192 12.04 18.74 69.24
CA ARG D 192 13.30 18.02 69.01
C ARG D 192 13.12 16.57 69.38
N ARG D 193 12.67 16.34 70.61
CA ARG D 193 12.35 15.01 71.11
C ARG D 193 10.86 14.93 71.49
N VAL D 194 10.16 13.95 70.92
CA VAL D 194 8.77 13.76 71.27
C VAL D 194 8.49 12.30 71.55
N LEU D 195 7.66 12.06 72.56
CA LEU D 195 7.03 10.77 72.76
C LEU D 195 5.52 10.89 72.39
N THR D 196 5.07 10.00 71.52
CA THR D 196 3.66 9.82 71.25
C THR D 196 3.25 8.60 72.00
N VAL D 197 2.25 8.77 72.87
CA VAL D 197 1.81 7.69 73.72
C VAL D 197 0.61 6.96 73.10
N GLY D 198 0.74 5.66 72.85
CA GLY D 198 -0.34 4.85 72.30
C GLY D 198 0.04 4.14 71.01
N GLY D 199 -0.69 3.08 70.73
CA GLY D 199 -0.44 2.29 69.52
C GLY D 199 -1.40 2.43 68.35
N GLY D 200 -2.35 3.37 68.40
CA GLY D 200 -3.36 3.47 67.36
C GLY D 200 -3.00 4.45 66.23
N PHE D 201 -3.92 4.66 65.29
CA PHE D 201 -3.57 5.39 64.08
C PHE D 201 -3.07 6.81 64.36
N ILE D 202 -3.68 7.48 65.32
CA ILE D 202 -3.25 8.83 65.65
C ILE D 202 -1.78 8.88 66.16
N SER D 203 -1.41 8.01 67.10
CA SER D 203 -0.03 7.97 67.59
C SER D 203 0.98 7.75 66.42
N VAL D 204 0.72 6.71 65.63
CA VAL D 204 1.52 6.30 64.47
C VAL D 204 1.62 7.39 63.40
N GLU D 205 0.51 8.04 63.10
CA GLU D 205 0.56 9.09 62.07
C GLU D 205 1.42 10.27 62.55
N PHE D 206 1.21 10.71 63.79
CA PHE D 206 1.92 11.91 64.24
C PHE D 206 3.43 11.66 64.40
N ALA D 207 3.80 10.42 64.75
CA ALA D 207 5.19 10.01 64.84
C ALA D 207 5.93 10.26 63.52
N GLY D 208 5.36 9.79 62.40
CA GLY D 208 5.90 10.09 61.09
C GLY D 208 5.96 11.59 60.81
N ILE D 209 4.88 12.30 61.18
CA ILE D 209 4.87 13.73 60.92
C ILE D 209 6.08 14.37 61.62
N PHE D 210 6.24 14.09 62.92
CA PHE D 210 7.26 14.70 63.81
C PHE D 210 8.65 14.27 63.39
N ASN D 211 8.71 13.05 62.87
CA ASN D 211 9.93 12.50 62.34
C ASN D 211 10.48 13.24 61.11
N ALA D 212 9.59 13.71 60.22
CA ALA D 212 10.01 14.45 59.05
C ALA D 212 10.47 15.87 59.39
N TYR D 213 9.81 16.49 60.37
CA TYR D 213 10.04 17.91 60.67
C TYR D 213 10.96 18.20 61.83
N LYS D 214 11.35 17.17 62.58
CA LYS D 214 12.17 17.43 63.76
C LYS D 214 13.49 18.15 63.36
N PRO D 215 14.00 19.00 64.26
CA PRO D 215 15.23 19.65 63.97
C PRO D 215 16.44 18.72 64.19
N PRO D 216 17.65 19.21 63.85
CA PRO D 216 18.95 18.52 64.08
C PRO D 216 19.06 17.72 65.40
N GLY D 217 19.42 16.43 65.25
CA GLY D 217 19.53 15.46 66.36
C GLY D 217 18.28 15.22 67.19
N GLY D 218 17.12 15.39 66.56
CA GLY D 218 15.89 15.11 67.26
C GLY D 218 15.64 13.62 67.21
N LYS D 219 14.69 13.17 68.03
CA LYS D 219 14.37 11.75 68.10
C LYS D 219 12.87 11.62 68.37
N VAL D 220 12.19 10.80 67.57
CA VAL D 220 10.79 10.46 67.82
C VAL D 220 10.67 9.06 68.45
N THR D 221 10.00 9.00 69.60
CA THR D 221 9.76 7.73 70.28
C THR D 221 8.23 7.53 70.45
N LEU D 222 7.77 6.31 70.17
CA LEU D 222 6.36 5.94 70.34
C LEU D 222 6.33 4.79 71.31
N CYS D 223 5.42 4.85 72.29
CA CYS D 223 5.26 3.74 73.22
C CYS D 223 3.84 3.19 73.17
N TYR D 224 3.70 1.90 73.42
CA TYR D 224 2.43 1.26 73.50
C TYR D 224 2.44 0.28 74.64
N ARG D 225 1.33 0.18 75.37
CA ARG D 225 1.30 -0.62 76.60
C ARG D 225 1.38 -2.15 76.37
N ASN D 226 1.07 -2.58 75.15
CA ASN D 226 1.11 -4.00 74.79
C ASN D 226 2.24 -4.40 73.84
N ASN D 227 2.14 -5.62 73.35
CA ASN D 227 3.17 -6.28 72.55
CA ASN D 227 3.23 -6.21 72.56
C ASN D 227 3.43 -5.69 71.15
N LEU D 228 2.36 -5.26 70.48
CA LEU D 228 2.42 -4.95 69.04
C LEU D 228 1.44 -3.84 68.64
N ILE D 229 1.96 -2.70 68.19
CA ILE D 229 1.12 -1.55 67.80
C ILE D 229 -0.03 -1.92 66.82
N LEU D 230 -0.96 -1.00 66.59
CA LEU D 230 -2.08 -1.15 65.61
C LEU D 230 -3.05 -2.35 65.80
N ARG D 231 -3.34 -2.62 67.06
CA ARG D 231 -4.39 -3.58 67.43
C ARG D 231 -5.67 -3.31 66.62
N GLY D 232 -6.33 -4.35 66.13
CA GLY D 232 -7.47 -4.18 65.23
C GLY D 232 -7.10 -4.37 63.75
N PHE D 233 -5.81 -4.27 63.45
CA PHE D 233 -5.34 -4.35 62.07
C PHE D 233 -4.77 -5.73 61.81
N ASP D 234 -4.60 -6.05 60.53
CA ASP D 234 -3.99 -7.30 60.13
C ASP D 234 -2.63 -7.47 60.80
N GLU D 235 -2.32 -8.69 61.22
CA GLU D 235 -1.14 -8.97 61.99
C GLU D 235 0.20 -8.81 61.23
N THR D 236 0.34 -9.41 60.06
CA THR D 236 1.52 -9.16 59.23
C THR D 236 1.79 -7.64 59.07
N ILE D 237 0.72 -6.90 58.81
CA ILE D 237 0.82 -5.47 58.63
C ILE D 237 1.31 -4.76 59.91
N ARG D 238 0.81 -5.17 61.05
CA ARG D 238 1.26 -4.59 62.31
C ARG D 238 2.76 -4.76 62.46
N GLU D 239 3.27 -5.94 62.13
CA GLU D 239 4.69 -6.20 62.11
C GLU D 239 5.48 -5.48 61.03
N GLU D 240 5.02 -5.51 59.79
CA GLU D 240 5.65 -4.69 58.77
C GLU D 240 5.72 -3.20 59.14
N VAL D 241 4.59 -2.60 59.55
CA VAL D 241 4.58 -1.16 59.90
C VAL D 241 5.60 -0.90 60.97
N THR D 242 5.66 -1.79 61.97
CA THR D 242 6.66 -1.66 63.07
C THR D 242 8.07 -1.54 62.48
N LYS D 243 8.46 -2.52 61.66
CA LYS D 243 9.80 -2.51 61.06
C LYS D 243 10.03 -1.30 60.18
N GLN D 244 9.00 -0.90 59.43
CA GLN D 244 9.17 0.22 58.47
C GLN D 244 9.29 1.61 59.14
N LEU D 245 8.55 1.82 60.22
CA LEU D 245 8.76 2.97 61.08
C LEU D 245 10.17 3.00 61.62
N THR D 246 10.59 1.88 62.20
CA THR D 246 11.93 1.71 62.78
C THR D 246 12.97 2.06 61.73
N ALA D 247 12.74 1.57 60.51
CA ALA D 247 13.70 1.76 59.44
C ALA D 247 13.82 3.23 59.07
N ASN D 248 12.75 3.98 59.27
CA ASN D 248 12.79 5.41 58.99
C ASN D 248 13.27 6.19 60.22
N GLY D 249 13.74 5.46 61.25
CA GLY D 249 14.40 6.05 62.40
C GLY D 249 13.61 6.34 63.68
N ILE D 250 12.38 5.81 63.75
CA ILE D 250 11.47 5.99 64.88
C ILE D 250 11.67 4.85 65.91
N GLU D 251 11.75 5.19 67.19
CA GLU D 251 11.96 4.23 68.28
CA GLU D 251 11.95 4.17 68.23
C GLU D 251 10.60 3.71 68.78
N ILE D 252 10.34 2.42 68.63
CA ILE D 252 9.09 1.84 69.12
C ILE D 252 9.28 1.22 70.50
N MET D 253 8.56 1.66 71.51
CA MET D 253 8.60 1.03 72.83
C MET D 253 7.36 0.23 73.15
N THR D 254 7.33 -1.04 72.76
CA THR D 254 6.21 -1.90 73.11
C THR D 254 6.32 -2.39 74.58
N ASN D 255 5.21 -2.79 75.19
CA ASN D 255 5.18 -3.24 76.59
C ASN D 255 5.62 -2.18 77.60
N GLU D 256 5.33 -0.90 77.31
CA GLU D 256 5.64 0.20 78.21
C GLU D 256 4.47 1.14 78.27
N ASN D 257 4.25 1.71 79.45
CA ASN D 257 3.17 2.64 79.67
C ASN D 257 3.63 3.69 80.65
N PRO D 258 3.39 4.97 80.35
CA PRO D 258 3.78 5.95 81.38
C PRO D 258 2.98 5.85 82.70
N ALA D 259 3.71 6.05 83.79
CA ALA D 259 3.21 6.01 85.15
C ALA D 259 3.24 7.41 85.75
N LYS D 260 4.02 8.30 85.14
CA LYS D 260 4.07 9.70 85.53
C LYS D 260 5.10 10.54 84.77
N VAL D 261 4.90 11.86 84.81
CA VAL D 261 5.75 12.80 84.09
C VAL D 261 6.08 13.90 85.07
N SER D 262 7.35 14.30 85.15
CA SER D 262 7.69 15.52 85.89
C SER D 262 8.33 16.57 84.96
N LEU D 263 8.29 17.84 85.35
CA LEU D 263 8.94 18.89 84.56
C LEU D 263 10.42 19.08 84.95
N ASN D 264 11.33 18.99 83.99
CA ASN D 264 12.73 19.26 84.24
C ASN D 264 13.00 20.74 84.42
N THR D 265 14.13 21.07 85.03
CA THR D 265 14.57 22.46 85.17
C THR D 265 14.48 23.24 83.86
N ASP D 266 14.91 22.63 82.76
CA ASP D 266 14.97 23.40 81.53
C ASP D 266 13.67 23.37 80.75
N GLY D 267 12.57 22.89 81.36
CA GLY D 267 11.24 22.89 80.70
C GLY D 267 10.86 21.62 79.94
N SER D 268 11.83 20.76 79.68
CA SER D 268 11.54 19.46 79.08
C SER D 268 10.82 18.56 80.08
N LYS D 269 10.52 17.31 79.66
CA LYS D 269 9.61 16.43 80.37
C LYS D 269 10.34 15.17 80.74
N HIS D 270 10.14 14.69 81.97
CA HIS D 270 10.87 13.49 82.39
C HIS D 270 9.83 12.42 82.74
N VAL D 271 9.80 11.39 81.90
CA VAL D 271 8.74 10.42 81.92
C VAL D 271 9.25 9.17 82.55
N THR D 272 8.48 8.69 83.52
CA THR D 272 8.77 7.42 84.18
C THR D 272 7.69 6.37 83.84
N PHE D 273 8.09 5.27 83.21
CA PHE D 273 7.13 4.23 82.88
C PHE D 273 6.84 3.33 84.07
N GLU D 274 5.73 2.60 84.01
CA GLU D 274 5.40 1.52 84.97
C GLU D 274 6.54 0.51 85.24
N SER D 275 7.36 0.24 84.21
CA SER D 275 8.55 -0.64 84.29
C SER D 275 9.79 -0.07 85.05
N GLY D 276 9.79 1.20 85.42
CA GLY D 276 10.98 1.78 86.09
C GLY D 276 11.83 2.59 85.15
N LYS D 277 11.74 2.27 83.86
CA LYS D 277 12.42 2.98 82.75
C LYS D 277 12.03 4.47 82.66
N THR D 278 12.94 5.29 82.15
CA THR D 278 12.73 6.73 82.00
C THR D 278 13.07 7.23 80.57
N LEU D 279 12.60 8.43 80.25
CA LEU D 279 12.79 9.06 78.95
C LEU D 279 12.50 10.54 79.06
N ASP D 280 13.43 11.34 78.57
CA ASP D 280 13.28 12.76 78.56
C ASP D 280 12.95 13.20 77.15
N VAL D 281 11.93 14.06 77.05
CA VAL D 281 11.38 14.50 75.76
C VAL D 281 10.96 15.96 75.88
N ASP D 282 10.91 16.66 74.74
CA ASP D 282 10.36 18.04 74.74
C ASP D 282 8.82 18.02 74.75
N VAL D 283 8.25 17.01 74.09
CA VAL D 283 6.79 16.86 74.02
C VAL D 283 6.29 15.43 74.38
N VAL D 284 5.28 15.38 75.25
CA VAL D 284 4.59 14.13 75.48
C VAL D 284 3.20 14.26 74.90
N MET D 285 2.97 13.70 73.71
CA MET D 285 1.61 13.68 73.11
C MET D 285 0.82 12.43 73.49
N MET D 286 -0.21 12.56 74.33
CA MET D 286 -1.06 11.42 74.70
C MET D 286 -2.05 11.10 73.62
N ALA D 287 -1.97 9.90 73.07
CA ALA D 287 -2.90 9.50 72.07
C ALA D 287 -3.31 8.07 72.34
N ILE D 288 -3.79 7.82 73.54
CA ILE D 288 -4.15 6.46 73.91
C ILE D 288 -5.61 6.17 73.63
N GLY D 289 -6.37 7.15 73.18
CA GLY D 289 -7.76 6.90 72.90
C GLY D 289 -8.62 8.13 72.82
N ARG D 290 -9.83 7.93 72.35
CA ARG D 290 -10.81 8.99 72.34
C ARG D 290 -12.07 8.48 73.06
N ILE D 291 -12.62 9.34 73.92
CA ILE D 291 -13.86 9.07 74.65
C ILE D 291 -15.00 9.99 74.21
N PRO D 292 -16.23 9.44 74.14
CA PRO D 292 -17.43 10.17 73.74
C PRO D 292 -17.51 11.40 74.57
N ARG D 293 -17.73 12.54 73.92
CA ARG D 293 -17.82 13.81 74.59
C ARG D 293 -19.27 14.02 75.14
N THR D 294 -19.54 13.50 76.34
CA THR D 294 -20.90 13.54 76.89
C THR D 294 -21.02 14.45 78.10
N ASN D 295 -19.89 14.83 78.70
CA ASN D 295 -19.91 15.45 80.02
C ASN D 295 -20.65 16.77 80.10
N ASP D 296 -20.65 17.56 79.02
CA ASP D 296 -21.21 18.92 78.99
C ASP D 296 -22.67 18.96 78.53
N LEU D 297 -23.19 17.84 78.02
CA LEU D 297 -24.54 17.81 77.53
C LEU D 297 -25.66 17.85 78.59
N GLN D 298 -25.33 17.63 79.87
CA GLN D 298 -26.32 17.55 80.99
C GLN D 298 -27.40 16.47 80.77
N LEU D 299 -27.00 15.31 80.28
CA LEU D 299 -27.95 14.27 79.93
C LEU D 299 -28.92 13.79 81.05
N GLY D 300 -28.46 13.90 82.30
CA GLY D 300 -29.27 13.60 83.46
C GLY D 300 -30.58 14.39 83.50
N ASN D 301 -30.57 15.63 83.01
CA ASN D 301 -31.79 16.40 82.92
C ASN D 301 -32.92 15.64 82.19
N VAL D 302 -32.56 14.70 81.31
CA VAL D 302 -33.63 14.04 80.56
C VAL D 302 -33.56 12.51 80.58
N GLY D 303 -32.55 11.96 81.22
CA GLY D 303 -32.45 10.54 81.42
C GLY D 303 -31.92 9.75 80.23
N VAL D 304 -31.16 10.41 79.35
CA VAL D 304 -30.51 9.70 78.22
C VAL D 304 -29.46 8.74 78.78
N LYS D 305 -29.60 7.47 78.44
CA LYS D 305 -28.77 6.43 78.97
C LYS D 305 -27.49 6.24 78.21
N LEU D 306 -26.44 6.00 78.98
CA LEU D 306 -25.11 5.70 78.46
C LEU D 306 -24.84 4.19 78.44
N THR D 307 -23.85 3.77 77.64
CA THR D 307 -23.28 2.42 77.73
C THR D 307 -22.24 2.39 78.86
N PRO D 308 -21.77 1.17 79.20
CA PRO D 308 -20.85 1.04 80.34
C PRO D 308 -19.53 1.82 80.07
N LYS D 309 -19.10 1.78 78.81
CA LYS D 309 -17.93 2.52 78.30
C LYS D 309 -18.08 4.03 78.26
N GLY D 310 -19.33 4.52 78.29
CA GLY D 310 -19.60 5.97 78.34
C GLY D 310 -20.23 6.60 77.10
N GLY D 311 -20.45 5.84 76.03
CA GLY D 311 -21.09 6.38 74.83
C GLY D 311 -22.58 6.52 75.03
N VAL D 312 -23.24 7.38 74.25
CA VAL D 312 -24.69 7.37 74.22
C VAL D 312 -25.21 6.10 73.52
N GLN D 313 -25.98 5.30 74.26
CA GLN D 313 -26.59 4.04 73.79
C GLN D 313 -27.65 4.41 72.78
N VAL D 314 -27.66 3.67 71.67
CA VAL D 314 -28.58 3.90 70.59
C VAL D 314 -28.91 2.56 69.95
N ASP D 315 -30.07 2.51 69.30
CA ASP D 315 -30.49 1.34 68.54
C ASP D 315 -29.88 1.46 67.13
N GLU D 316 -30.22 0.53 66.24
CA GLU D 316 -29.60 0.50 64.86
C GLU D 316 -29.94 1.74 64.05
N PHE D 317 -30.97 2.44 64.48
CA PHE D 317 -31.41 3.67 63.82
C PHE D 317 -30.95 4.93 64.53
N SER D 318 -30.07 4.82 65.53
CA SER D 318 -29.47 5.97 66.21
C SER D 318 -30.39 6.67 67.23
N ARG D 319 -31.42 5.95 67.66
CA ARG D 319 -32.35 6.42 68.67
C ARG D 319 -31.89 6.11 70.10
N THR D 320 -31.99 7.11 70.99
CA THR D 320 -31.73 6.95 72.42
C THR D 320 -32.98 6.40 73.11
N ASN D 321 -32.89 6.20 74.43
CA ASN D 321 -34.05 5.74 75.19
C ASN D 321 -35.16 6.80 75.32
N VAL D 322 -34.82 8.08 75.08
CA VAL D 322 -35.75 9.22 75.09
C VAL D 322 -36.28 9.50 73.64
N PRO D 323 -37.61 9.55 73.46
CA PRO D 323 -38.13 9.82 72.10
C PRO D 323 -37.74 11.22 71.64
N ASN D 324 -37.56 11.36 70.33
CA ASN D 324 -37.16 12.62 69.71
CA ASN D 324 -37.12 12.61 69.70
C ASN D 324 -35.71 13.06 70.06
N ILE D 325 -34.95 12.15 70.67
CA ILE D 325 -33.53 12.39 70.94
C ILE D 325 -32.72 11.29 70.28
N TYR D 326 -31.76 11.70 69.47
CA TYR D 326 -30.91 10.80 68.68
C TYR D 326 -29.44 11.12 68.88
N ALA D 327 -28.58 10.18 68.51
CA ALA D 327 -27.16 10.39 68.63
C ALA D 327 -26.45 9.63 67.54
N ILE D 328 -25.48 10.28 66.89
CA ILE D 328 -24.70 9.68 65.81
C ILE D 328 -23.22 10.10 65.94
N GLY D 329 -22.32 9.48 65.17
CA GLY D 329 -20.89 9.79 65.22
C GLY D 329 -20.17 9.26 66.48
N ASP D 330 -19.01 9.86 66.80
CA ASP D 330 -18.14 9.33 67.88
C ASP D 330 -18.81 9.23 69.26
N ILE D 331 -19.72 10.15 69.56
CA ILE D 331 -20.49 10.08 70.79
C ILE D 331 -21.14 8.69 71.01
N THR D 332 -21.46 7.94 69.97
CA THR D 332 -22.02 6.58 70.14
C THR D 332 -21.02 5.39 70.33
N ASP D 333 -19.71 5.69 70.25
CA ASP D 333 -18.63 4.71 70.46
C ASP D 333 -18.67 3.43 69.59
N ARG D 334 -19.15 3.57 68.35
CA ARG D 334 -19.03 2.54 67.33
CA ARG D 334 -19.01 2.50 67.35
C ARG D 334 -17.68 2.72 66.59
N LEU D 335 -17.74 2.92 65.27
CA LEU D 335 -16.58 3.25 64.45
C LEU D 335 -16.37 4.76 64.45
N MET D 336 -15.24 5.16 65.00
CA MET D 336 -14.90 6.56 64.98
C MET D 336 -14.22 7.03 63.67
N LEU D 337 -15.03 7.15 62.60
CA LEU D 337 -14.59 7.61 61.30
C LEU D 337 -15.55 8.65 60.77
N THR D 338 -15.02 9.65 60.06
CA THR D 338 -15.83 10.69 59.45
C THR D 338 -16.93 10.12 58.50
N PRO D 339 -16.53 9.29 57.53
CA PRO D 339 -17.67 8.96 56.64
C PRO D 339 -18.77 8.07 57.25
N VAL D 340 -18.51 7.50 58.42
CA VAL D 340 -19.55 6.76 59.16
C VAL D 340 -20.49 7.74 59.91
N ALA D 341 -19.91 8.76 60.51
CA ALA D 341 -20.73 9.83 61.07
C ALA D 341 -21.61 10.43 59.96
N ILE D 342 -21.01 10.67 58.80
CA ILE D 342 -21.71 11.30 57.70
C ILE D 342 -22.85 10.38 57.30
N ASN D 343 -22.54 9.10 57.12
CA ASN D 343 -23.53 8.10 56.72
C ASN D 343 -24.65 7.96 57.76
N GLU D 344 -24.24 7.98 59.05
CA GLU D 344 -25.20 7.94 60.17
C GLU D 344 -26.20 9.11 60.23
N GLY D 345 -25.71 10.35 60.08
CA GLY D 345 -26.54 11.52 60.00
C GLY D 345 -27.50 11.47 58.83
N ALA D 346 -27.03 11.04 57.68
CA ALA D 346 -27.92 10.96 56.51
C ALA D 346 -29.03 9.92 56.75
N ALA D 347 -28.65 8.76 57.31
CA ALA D 347 -29.58 7.66 57.57
C ALA D 347 -30.62 8.13 58.60
N LEU D 348 -30.13 8.73 59.67
CA LEU D 348 -31.03 9.23 60.67
C LEU D 348 -32.05 10.24 60.09
N VAL D 349 -31.64 11.14 59.21
CA VAL D 349 -32.56 12.17 58.68
C VAL D 349 -33.53 11.51 57.69
N ASP D 350 -33.07 10.50 56.94
CA ASP D 350 -33.98 9.75 56.04
C ASP D 350 -35.06 9.06 56.85
N THR D 351 -34.67 8.54 58.01
CA THR D 351 -35.58 7.80 58.88
C THR D 351 -36.62 8.72 59.55
N VAL D 352 -36.13 9.76 60.21
CA VAL D 352 -36.98 10.65 60.97
C VAL D 352 -37.75 11.61 60.08
N PHE D 353 -37.09 12.23 59.08
CA PHE D 353 -37.71 13.25 58.21
C PHE D 353 -38.01 12.85 56.77
N GLY D 354 -37.41 11.75 56.30
CA GLY D 354 -37.66 11.28 54.95
C GLY D 354 -38.62 10.12 54.99
N ASN D 355 -38.72 9.39 53.90
CA ASN D 355 -39.73 8.37 53.81
C ASN D 355 -39.06 7.11 53.34
N LYS D 356 -37.80 7.00 53.81
CA LYS D 356 -36.83 5.97 53.47
C LYS D 356 -36.11 5.48 54.77
N PRO D 357 -36.84 4.82 55.72
CA PRO D 357 -36.11 4.30 56.89
C PRO D 357 -34.83 3.57 56.44
N ARG D 358 -33.71 3.80 57.12
CA ARG D 358 -32.43 3.24 56.68
C ARG D 358 -31.53 3.15 57.90
N LYS D 359 -30.73 2.10 57.95
CA LYS D 359 -29.78 2.02 59.02
C LYS D 359 -28.36 1.88 58.46
N THR D 360 -27.40 2.58 59.10
CA THR D 360 -26.02 2.51 58.66
C THR D 360 -25.43 1.11 58.84
N ASP D 361 -24.74 0.60 57.82
CA ASP D 361 -24.01 -0.68 57.93
C ASP D 361 -22.60 -0.45 58.47
N HIS D 362 -22.31 -0.97 59.66
CA HIS D 362 -21.02 -0.76 60.30
C HIS D 362 -19.99 -1.87 60.03
N THR D 363 -20.34 -2.85 59.20
CA THR D 363 -19.42 -3.91 58.81
C THR D 363 -18.86 -3.63 57.42
N ARG D 364 -17.70 -4.22 57.11
CA ARG D 364 -17.12 -4.08 55.79
C ARG D 364 -16.79 -2.59 55.47
N VAL D 365 -16.54 -1.75 56.49
CA VAL D 365 -16.21 -0.34 56.22
C VAL D 365 -14.70 -0.18 55.89
N ALA D 366 -14.40 0.44 54.75
CA ALA D 366 -12.99 0.69 54.41
C ALA D 366 -12.40 1.85 55.21
N SER D 367 -11.12 1.74 55.55
CA SER D 367 -10.44 2.84 56.22
C SER D 367 -8.96 2.75 55.96
N ALA D 368 -8.22 3.80 56.37
CA ALA D 368 -6.75 3.91 56.16
C ALA D 368 -5.98 4.31 57.41
N VAL D 369 -4.67 4.11 57.37
CA VAL D 369 -3.79 4.75 58.29
C VAL D 369 -2.71 5.41 57.45
N PHE D 370 -2.56 6.73 57.59
CA PHE D 370 -1.58 7.48 56.82
C PHE D 370 -0.22 7.48 57.52
N SER D 371 0.26 6.29 57.81
CA SER D 371 1.62 6.09 58.19
C SER D 371 2.39 6.22 56.87
N ILE D 372 3.72 6.21 56.99
CA ILE D 372 4.60 6.26 55.84
C ILE D 372 5.38 4.92 55.83
N PRO D 373 5.03 4.00 54.89
CA PRO D 373 3.88 3.92 53.94
C PRO D 373 2.52 3.62 54.62
N PRO D 374 1.41 3.88 53.90
CA PRO D 374 0.09 3.85 54.53
C PRO D 374 -0.51 2.46 54.52
N ILE D 375 -1.60 2.26 55.28
CA ILE D 375 -2.37 1.00 55.30
C ILE D 375 -3.70 1.35 54.72
N GLY D 376 -4.26 0.44 53.92
CA GLY D 376 -5.65 0.52 53.47
C GLY D 376 -6.31 -0.81 53.80
N THR D 377 -7.53 -0.79 54.32
CA THR D 377 -8.18 -2.03 54.80
C THR D 377 -9.71 -1.98 54.75
N CYS D 378 -10.30 -3.17 54.56
CA CYS D 378 -11.75 -3.34 54.53
C CYS D 378 -12.10 -4.77 54.98
N GLY D 379 -12.91 -4.84 56.05
CA GLY D 379 -13.41 -6.10 56.54
C GLY D 379 -12.61 -6.77 57.64
N LEU D 380 -12.88 -8.07 57.74
CA LEU D 380 -12.46 -8.94 58.86
C LEU D 380 -10.99 -9.30 58.76
N ILE D 381 -10.29 -9.24 59.88
CA ILE D 381 -8.98 -9.81 59.99
C ILE D 381 -9.09 -11.34 60.25
N GLU D 382 -8.02 -12.06 59.90
CA GLU D 382 -8.06 -13.52 59.80
C GLU D 382 -8.40 -14.17 61.14
N GLU D 383 -7.82 -13.67 62.23
CA GLU D 383 -8.15 -14.22 63.55
C GLU D 383 -9.61 -13.94 63.96
N VAL D 384 -10.18 -12.82 63.56
CA VAL D 384 -11.65 -12.67 63.72
C VAL D 384 -12.42 -13.65 62.81
N ALA D 385 -12.07 -13.73 61.55
CA ALA D 385 -12.78 -14.63 60.64
C ALA D 385 -12.74 -16.10 61.06
N ALA D 386 -11.57 -16.58 61.48
CA ALA D 386 -11.41 -17.96 61.94
C ALA D 386 -12.42 -18.31 63.04
N LYS D 387 -12.70 -17.37 63.93
CA LYS D 387 -13.69 -17.60 64.98
C LYS D 387 -15.15 -17.61 64.53
N GLU D 388 -15.43 -17.28 63.27
CA GLU D 388 -16.82 -17.19 62.83
C GLU D 388 -17.10 -18.03 61.61
N PHE D 389 -16.09 -18.71 61.10
CA PHE D 389 -16.23 -19.59 59.93
C PHE D 389 -15.41 -20.82 60.15
N GLU D 390 -15.94 -21.93 59.70
CA GLU D 390 -15.27 -23.20 59.86
C GLU D 390 -13.91 -23.25 59.11
N LYS D 391 -13.89 -22.69 57.90
CA LYS D 391 -12.79 -22.81 56.95
C LYS D 391 -12.56 -21.42 56.37
N VAL D 392 -11.47 -20.80 56.78
CA VAL D 392 -11.03 -19.52 56.26
C VAL D 392 -9.81 -19.74 55.35
N ALA D 393 -9.73 -19.08 54.20
CA ALA D 393 -8.46 -19.07 53.45
C ALA D 393 -7.73 -17.70 53.51
N VAL D 394 -6.40 -17.74 53.61
CA VAL D 394 -5.57 -16.52 53.47
C VAL D 394 -4.66 -16.52 52.20
N TYR D 395 -4.87 -15.53 51.32
CA TYR D 395 -3.96 -15.29 50.21
C TYR D 395 -3.06 -14.06 50.54
N MET D 396 -1.76 -14.22 50.35
CA MET D 396 -0.80 -13.23 50.74
C MET D 396 0.26 -13.04 49.66
N SER D 397 0.54 -11.79 49.30
CA SER D 397 1.67 -11.44 48.47
C SER D 397 2.44 -10.36 49.19
N SER D 398 3.76 -10.41 49.12
CA SER D 398 4.56 -9.49 49.88
C SER D 398 5.97 -9.49 49.33
N PHE D 399 6.49 -8.31 48.99
CA PHE D 399 7.71 -8.16 48.19
C PHE D 399 8.03 -6.65 48.21
N THR D 400 9.31 -6.28 48.21
CA THR D 400 9.65 -4.89 48.00
C THR D 400 9.46 -4.57 46.51
N PRO D 401 8.58 -3.59 46.14
CA PRO D 401 8.46 -3.25 44.71
C PRO D 401 9.77 -2.83 44.07
N LEU D 402 9.78 -2.82 42.74
CA LEU D 402 10.97 -2.54 41.99
C LEU D 402 11.40 -1.08 42.11
N MET D 403 10.46 -0.15 41.95
CA MET D 403 10.77 1.28 42.16
C MET D 403 11.55 1.49 43.44
N HIS D 404 11.21 0.77 44.50
CA HIS D 404 11.92 0.91 45.77
C HIS D 404 13.20 0.09 45.85
N ASN D 405 13.49 -0.77 44.88
CA ASN D 405 14.88 -1.26 44.81
C ASN D 405 15.84 -0.14 44.30
N ILE D 406 15.50 0.47 43.15
CA ILE D 406 16.15 1.69 42.66
C ILE D 406 16.16 2.93 43.59
N SER D 407 15.05 3.21 44.27
CA SER D 407 14.98 4.35 45.20
C SER D 407 15.89 4.21 46.45
N GLY D 408 16.22 3.00 46.84
CA GLY D 408 17.02 2.80 48.02
C GLY D 408 16.19 2.53 49.26
N SER D 409 14.91 2.79 49.20
CA SER D 409 14.03 2.48 50.33
C SER D 409 13.63 0.99 50.31
N LYS D 410 14.63 0.10 50.44
CA LYS D 410 14.42 -1.37 50.29
C LYS D 410 13.55 -1.98 51.39
N TYR D 411 13.49 -1.32 52.54
CA TYR D 411 12.65 -1.79 53.65
C TYR D 411 11.15 -1.66 53.33
N LYS D 412 10.80 -1.03 52.21
CA LYS D 412 9.41 -0.75 51.92
C LYS D 412 8.71 -1.96 51.29
N LYS D 413 8.30 -2.90 52.10
CA LYS D 413 7.60 -4.07 51.62
C LYS D 413 6.15 -3.71 51.44
N PHE D 414 5.66 -4.06 50.26
CA PHE D 414 4.27 -4.00 49.98
C PHE D 414 3.64 -5.32 50.45
N VAL D 415 2.53 -5.24 51.18
CA VAL D 415 1.82 -6.43 51.63
C VAL D 415 0.39 -6.38 51.13
N ALA D 416 -0.06 -7.44 50.44
CA ALA D 416 -1.48 -7.61 50.08
C ALA D 416 -2.09 -8.92 50.63
N LYS D 417 -3.24 -8.82 51.32
CA LYS D 417 -3.87 -10.01 51.87
C LYS D 417 -5.36 -10.03 51.67
N ILE D 418 -5.85 -11.18 51.21
CA ILE D 418 -7.25 -11.40 51.01
C ILE D 418 -7.61 -12.56 51.92
N VAL D 419 -8.67 -12.38 52.71
CA VAL D 419 -9.12 -13.35 53.68
C VAL D 419 -10.46 -13.86 53.23
N THR D 420 -10.58 -15.18 53.02
CA THR D 420 -11.83 -15.72 52.47
C THR D 420 -12.61 -16.64 53.39
N ASN D 421 -13.90 -16.74 53.10
CA ASN D 421 -14.65 -17.89 53.56
C ASN D 421 -14.44 -18.98 52.52
N HIS D 422 -13.61 -19.96 52.90
CA HIS D 422 -13.20 -20.98 51.97
C HIS D 422 -14.32 -21.94 51.52
N SER D 423 -15.41 -22.02 52.27
CA SER D 423 -16.53 -22.85 51.82
C SER D 423 -17.21 -22.30 50.56
N ASP D 424 -17.24 -20.98 50.36
CA ASP D 424 -17.84 -20.45 49.12
C ASP D 424 -17.00 -19.43 48.33
N GLY D 425 -15.84 -19.06 48.90
CA GLY D 425 -14.95 -18.12 48.23
C GLY D 425 -15.22 -16.65 48.52
N THR D 426 -16.27 -16.37 49.27
CA THR D 426 -16.56 -15.01 49.69
C THR D 426 -15.39 -14.35 50.40
N VAL D 427 -15.07 -13.14 49.96
CA VAL D 427 -14.01 -12.36 50.53
C VAL D 427 -14.58 -11.68 51.75
N LEU D 428 -13.86 -11.79 52.85
CA LEU D 428 -14.29 -11.32 54.14
C LEU D 428 -13.51 -10.08 54.53
N GLY D 429 -12.27 -10.02 54.04
CA GLY D 429 -11.34 -8.91 54.36
C GLY D 429 -10.20 -8.75 53.38
N VAL D 430 -9.78 -7.49 53.19
CA VAL D 430 -8.62 -7.16 52.35
C VAL D 430 -7.72 -6.19 53.11
N HIS D 431 -6.40 -6.46 53.11
CA HIS D 431 -5.50 -5.77 53.98
C HIS D 431 -4.28 -5.44 53.15
N LEU D 432 -3.94 -4.14 53.11
CA LEU D 432 -2.84 -3.59 52.28
C LEU D 432 -1.89 -2.64 53.03
N LEU D 433 -0.60 -2.69 52.67
CA LEU D 433 0.37 -1.73 53.17
C LEU D 433 1.37 -1.44 52.05
N GLY D 434 1.56 -0.16 51.76
CA GLY D 434 2.51 0.26 50.73
C GLY D 434 1.90 1.50 50.10
N ASP D 435 2.70 2.19 49.31
CA ASP D 435 2.27 3.44 48.65
C ASP D 435 0.94 3.25 47.90
N GLY D 436 0.04 4.21 48.06
CA GLY D 436 -1.29 4.14 47.44
C GLY D 436 -2.31 3.17 48.03
N ALA D 437 -1.97 2.50 49.13
CA ALA D 437 -2.91 1.55 49.77
C ALA D 437 -4.33 2.11 50.03
N PRO D 438 -4.45 3.34 50.54
CA PRO D 438 -5.76 3.99 50.84
C PRO D 438 -6.63 4.25 49.61
N GLU D 439 -5.98 4.52 48.47
CA GLU D 439 -6.66 4.73 47.18
C GLU D 439 -7.08 3.39 46.57
N ILE D 440 -6.23 2.39 46.66
CA ILE D 440 -6.53 1.06 46.15
C ILE D 440 -7.76 0.51 46.87
N ILE D 441 -7.82 0.72 48.19
CA ILE D 441 -8.83 0.04 49.00
C ILE D 441 -10.29 0.49 48.76
N GLN D 442 -10.49 1.72 48.29
CA GLN D 442 -11.86 2.26 48.12
C GLN D 442 -12.76 1.36 47.30
N ALA D 443 -12.38 1.03 46.07
CA ALA D 443 -13.25 0.16 45.24
C ALA D 443 -13.32 -1.29 45.76
N VAL D 444 -12.39 -1.66 46.64
CA VAL D 444 -12.48 -2.97 47.33
C VAL D 444 -13.71 -2.96 48.27
N GLY D 445 -14.03 -1.78 48.82
CA GLY D 445 -15.21 -1.63 49.67
C GLY D 445 -16.44 -1.95 48.87
N VAL D 446 -16.48 -1.48 47.63
CA VAL D 446 -17.64 -1.70 46.76
C VAL D 446 -17.72 -3.20 46.45
N CYS D 447 -16.56 -3.80 46.26
CA CYS D 447 -16.42 -5.25 46.01
C CYS D 447 -17.08 -6.10 47.10
N LEU D 448 -16.75 -5.82 48.37
CA LEU D 448 -17.26 -6.59 49.48
C LEU D 448 -18.77 -6.41 49.65
N ARG D 449 -19.30 -5.23 49.30
CA ARG D 449 -20.73 -5.03 49.36
C ARG D 449 -21.41 -5.73 48.19
N LEU D 450 -20.61 -6.20 47.24
CA LEU D 450 -21.17 -6.97 46.17
C LEU D 450 -20.96 -8.47 46.36
N ASN D 451 -20.50 -8.85 47.56
CA ASN D 451 -20.18 -10.20 47.94
C ASN D 451 -19.23 -10.86 46.96
N ALA D 452 -18.20 -10.10 46.59
CA ALA D 452 -17.18 -10.63 45.70
C ALA D 452 -16.52 -11.88 46.30
N LYS D 453 -16.24 -12.82 45.41
CA LYS D 453 -15.53 -14.05 45.76
C LYS D 453 -14.06 -13.93 45.30
N ILE D 454 -13.15 -14.73 45.87
CA ILE D 454 -11.76 -14.63 45.43
C ILE D 454 -11.67 -14.78 43.90
N SER D 455 -12.56 -15.58 43.32
CA SER D 455 -12.49 -15.85 41.89
C SER D 455 -12.89 -14.64 41.06
N ASP D 456 -13.63 -13.72 41.65
CA ASP D 456 -13.89 -12.46 40.97
C ASP D 456 -12.63 -11.60 40.91
N PHE D 457 -11.86 -11.58 42.00
CA PHE D 457 -10.63 -10.83 42.01
C PHE D 457 -9.65 -11.37 40.98
N TYR D 458 -9.44 -12.70 41.01
CA TYR D 458 -8.43 -13.34 40.18
CA TYR D 458 -8.42 -13.28 40.15
C TYR D 458 -8.83 -13.38 38.68
N ASN D 459 -10.15 -13.50 38.44
CA ASN D 459 -10.68 -13.45 37.07
C ASN D 459 -10.56 -12.06 36.41
N THR D 460 -10.42 -11.01 37.23
CA THR D 460 -10.28 -9.68 36.66
C THR D 460 -8.85 -9.55 36.12
N ILE D 461 -8.72 -8.89 34.96
CA ILE D 461 -7.40 -8.71 34.37
C ILE D 461 -6.68 -7.56 35.05
N GLY D 462 -5.41 -7.74 35.37
CA GLY D 462 -4.66 -6.71 36.10
C GLY D 462 -4.31 -5.48 35.26
N VAL D 463 -4.17 -4.34 35.93
CA VAL D 463 -3.55 -3.13 35.37
C VAL D 463 -2.05 -3.19 35.71
N HIS D 464 -1.21 -3.09 34.68
CA HIS D 464 0.22 -3.33 34.83
C HIS D 464 0.99 -2.12 34.34
N PRO D 465 1.96 -1.65 35.12
CA PRO D 465 2.39 -2.17 36.43
C PRO D 465 1.81 -1.38 37.56
N THR D 466 1.07 -2.01 38.45
CA THR D 466 0.60 -1.36 39.64
C THR D 466 0.94 -2.21 40.87
N SER D 467 0.81 -1.64 42.06
CA SER D 467 0.70 -2.48 43.23
C SER D 467 -0.65 -3.22 43.25
N ALA D 468 -1.73 -2.53 42.84
CA ALA D 468 -3.05 -3.09 43.05
C ALA D 468 -3.25 -4.40 42.31
N GLU D 469 -2.53 -4.60 41.21
CA GLU D 469 -2.74 -5.84 40.42
C GLU D 469 -2.36 -7.11 41.18
N GLU D 470 -1.63 -6.99 42.28
CA GLU D 470 -1.41 -8.12 43.14
C GLU D 470 -2.76 -8.75 43.62
N LEU D 471 -3.79 -7.93 43.92
CA LEU D 471 -5.09 -8.45 44.36
C LEU D 471 -5.75 -9.31 43.29
N CYS D 472 -5.24 -9.28 42.06
CA CYS D 472 -5.86 -9.98 40.93
C CYS D 472 -4.95 -11.06 40.32
N SER D 473 -3.85 -11.40 41.02
CA SER D 473 -2.92 -12.47 40.62
C SER D 473 -2.86 -13.64 41.62
N MET D 474 -3.71 -13.62 42.64
CA MET D 474 -3.67 -14.60 43.71
C MET D 474 -4.80 -15.59 43.55
N ARG D 475 -4.37 -16.86 43.50
CA ARG D 475 -5.19 -18.00 43.09
C ARG D 475 -5.14 -19.11 44.18
N THR D 476 -3.96 -19.29 44.78
CA THR D 476 -3.72 -20.36 45.73
C THR D 476 -3.57 -19.82 47.14
N PRO D 477 -4.37 -20.32 48.08
CA PRO D 477 -4.14 -19.85 49.45
C PRO D 477 -2.72 -20.06 49.91
N SER D 478 -2.19 -19.11 50.69
CA SER D 478 -0.92 -19.31 51.41
C SER D 478 -1.14 -20.23 52.60
N TYR D 479 -2.36 -20.25 53.15
CA TYR D 479 -2.70 -21.05 54.35
C TYR D 479 -4.14 -20.86 54.78
N TYR D 480 -4.59 -21.67 55.74
CA TYR D 480 -5.98 -21.77 56.15
C TYR D 480 -6.12 -21.76 57.67
N TYR D 481 -7.35 -21.56 58.13
CA TYR D 481 -7.75 -21.85 59.50
C TYR D 481 -8.89 -22.86 59.38
N VAL D 482 -8.75 -24.03 60.02
CA VAL D 482 -9.84 -25.04 60.07
C VAL D 482 -10.29 -25.19 61.52
N LYS D 483 -11.60 -25.09 61.73
CA LYS D 483 -12.15 -24.82 63.05
C LYS D 483 -11.10 -24.25 64.00
N GLY D 484 -10.73 -23.00 63.74
CA GLY D 484 -9.87 -22.23 64.59
C GLY D 484 -8.35 -22.35 64.45
N GLU D 485 -7.83 -23.33 63.71
CA GLU D 485 -6.36 -23.47 63.73
C GLU D 485 -5.67 -23.38 62.39
N LYS D 486 -4.47 -22.82 62.40
CA LYS D 486 -3.73 -22.54 61.19
C LYS D 486 -3.05 -23.80 60.58
N MET D 487 -2.98 -23.88 59.24
CA MET D 487 -2.21 -24.92 58.51
C MET D 487 -2.18 -24.62 56.99
N GLU D 488 -1.40 -25.39 56.21
CA GLU D 488 -1.67 -25.51 54.75
C GLU D 488 -2.21 -26.91 54.28
N LYS D 489 -3.51 -27.16 54.54
CA LYS D 489 -4.19 -28.45 54.28
C LYS D 489 -5.65 -28.36 53.80
#